data_2O3W
# 
_entry.id   2O3W 
# 
_audit_conform.dict_name       mmcif_pdbx.dic 
_audit_conform.dict_version    5.377 
_audit_conform.dict_location   http://mmcif.pdb.org/dictionaries/ascii/mmcif_pdbx.dic 
# 
loop_
_database_2.database_id 
_database_2.database_code 
_database_2.pdbx_database_accession 
_database_2.pdbx_DOI 
PDB   2O3W         pdb_00002o3w 10.2210/pdb2o3w/pdb 
NDB   DR0038       ?            ?                   
RCSB  RCSB040654   ?            ?                   
WWPDB D_1000040654 ?            ?                   
# 
loop_
_pdbx_database_related.db_name 
_pdbx_database_related.db_id 
_pdbx_database_related.details 
_pdbx_database_related.content_type 
PDB 2G5K 'Homo sapiens cytoplasmic A site complexed with apramycin (Cyto/Apramycin)'                                           
unspecified 
PDB 2FQN 'Homo sapiens cytoplasmic A site without any aminoglycosides (Cyto-Free)'                                             
unspecified 
PDB 2O3V 'Crystal Structure of the Homo sapiens Cytoplasmic Ribosomal Decoding Site complexed with paromamine derivative NB33' 
unspecified 
PDB 2O3X 'Crystal Structure of the Prokaryotic Ribosomal Decoding Site Complexed with Paromamine Derivative NB30'              
unspecified 
PDB 2O3Y 'Crystal Structure of the Homo sapiens Cytoplasmic Ribosomal Decoding Site in Presence of Paromamine Derivative NB30' 
unspecified 
# 
_pdbx_database_status.entry_id                        2O3W 
_pdbx_database_status.deposit_site                    RCSB 
_pdbx_database_status.process_site                    RCSB 
_pdbx_database_status.recvd_initial_deposition_date   2006-12-02 
_pdbx_database_status.status_code                     REL 
_pdbx_database_status.status_code_sf                  REL 
_pdbx_database_status.status_code_mr                  ? 
_pdbx_database_status.SG_entry                        ? 
_pdbx_database_status.pdb_format_compatible           Y 
_pdbx_database_status.status_code_cs                  ? 
_pdbx_database_status.status_code_nmr_data            ? 
_pdbx_database_status.methods_development_category    ? 
# 
loop_
_audit_author.name 
_audit_author.pdbx_ordinal 
'Kondo, J.'           1 
'Hainrichson, M.'     2 
'Nudelman, I.'        3 
'Shallom-Shezifi, D.' 4 
'Baasov, T.'          5 
'Westhof, E.'         6 
# 
_citation.id                        primary 
_citation.title                     
'Differential Selectivity of Natural and Synthetic Aminoglycosides towards the Eukaryotic and Prokaryotic Decoding A Sites.' 
_citation.journal_abbrev            Chembiochem 
_citation.journal_volume            8 
_citation.page_first                1700 
_citation.page_last                 1709 
_citation.year                      2007 
_citation.journal_id_ASTM           ? 
_citation.country                   GE 
_citation.journal_id_ISSN           1439-4227 
_citation.journal_id_CSD            ? 
_citation.book_publisher            ? 
_citation.pdbx_database_id_PubMed   17705310 
_citation.pdbx_database_id_DOI      10.1002/cbic.200700271 
# 
loop_
_citation_author.citation_id 
_citation_author.name 
_citation_author.ordinal 
_citation_author.identifier_ORCID 
primary 'Kondo, J.'           1 ? 
primary 'Hainrichson, M.'     2 ? 
primary 'Nudelman, I.'        3 ? 
primary 'Shallom-Shezifi, D.' 4 ? 
primary 'Barbieri, C.M.'      5 ? 
primary 'Pilch, D.S.'         6 ? 
primary 'Westhof, E.'         7 ? 
primary 'Baasov, T.'          8 ? 
# 
_cell.length_a           47.537 
_cell.length_b           50.310 
_cell.length_c           57.397 
_cell.angle_alpha        90.000 
_cell.angle_beta         90.000 
_cell.angle_gamma        90.000 
_cell.entry_id           2O3W 
_cell.pdbx_unique_axis   ? 
_cell.Z_PDB              8 
_cell.length_a_esd       ? 
_cell.length_b_esd       ? 
_cell.length_c_esd       ? 
_cell.angle_alpha_esd    ? 
_cell.angle_beta_esd     ? 
_cell.angle_gamma_esd    ? 
# 
_symmetry.space_group_name_H-M             'P 21 21 2' 
_symmetry.entry_id                         2O3W 
_symmetry.Int_Tables_number                18 
_symmetry.pdbx_full_space_group_name_H-M   ? 
_symmetry.cell_setting                     ? 
_symmetry.space_group_name_Hall            ? 
# 
loop_
_entity.id 
_entity.type 
_entity.src_method 
_entity.pdbx_description 
_entity.formula_weight 
_entity.pdbx_number_of_molecules 
_entity.pdbx_ec 
_entity.pdbx_mutation 
_entity.pdbx_fragment 
_entity.details 
1 polymer     syn 
;RNA (5'-R(*UP*UP*GP*CP*GP*UP*CP*GP*CP*UP*CP*CP*GP*GP*AP*AP*AP*AP*GP*UP*CP*GP*C)-3')
;
7355.409 2  ? ? ? ? 
2 non-polymer syn PAROMOMYCIN                                                                           615.628  1  ? ? ? ? 
3 water       nat water                                                                                 18.015   32 ? ? ? ? 
# 
_entity_poly.entity_id                      1 
_entity_poly.type                           polyribonucleotide 
_entity_poly.nstd_linkage                   no 
_entity_poly.nstd_monomer                   no 
_entity_poly.pdbx_seq_one_letter_code       UUGCGUCGCUCCGGAAAAGUCGC 
_entity_poly.pdbx_seq_one_letter_code_can   UUGCGUCGCUCCGGAAAAGUCGC 
_entity_poly.pdbx_strand_id                 A,B 
_entity_poly.pdbx_target_identifier         ? 
# 
loop_
_entity_poly_seq.entity_id 
_entity_poly_seq.num 
_entity_poly_seq.mon_id 
_entity_poly_seq.hetero 
1 1  U n 
1 2  U n 
1 3  G n 
1 4  C n 
1 5  G n 
1 6  U n 
1 7  C n 
1 8  G n 
1 9  C n 
1 10 U n 
1 11 C n 
1 12 C n 
1 13 G n 
1 14 G n 
1 15 A n 
1 16 A n 
1 17 A n 
1 18 A n 
1 19 G n 
1 20 U n 
1 21 C n 
1 22 G n 
1 23 C n 
# 
_pdbx_entity_src_syn.entity_id              1 
_pdbx_entity_src_syn.pdbx_src_id            1 
_pdbx_entity_src_syn.pdbx_alt_source_flag   sample 
_pdbx_entity_src_syn.pdbx_beg_seq_num       ? 
_pdbx_entity_src_syn.pdbx_end_seq_num       ? 
_pdbx_entity_src_syn.organism_scientific    ? 
_pdbx_entity_src_syn.organism_common_name   ? 
_pdbx_entity_src_syn.ncbi_taxonomy_id       ? 
_pdbx_entity_src_syn.details                'Chemically synthesized' 
# 
_struct_ref.id                         1 
_struct_ref.db_code                    2O3W 
_struct_ref.db_name                    PDB 
_struct_ref.entity_id                  1 
_struct_ref.pdbx_db_accession          2O3W 
_struct_ref.pdbx_align_begin           1 
_struct_ref.pdbx_seq_one_letter_code   UUGCGUCGCUCCGGAAAAGUCGC 
_struct_ref.pdbx_db_isoform            ? 
# 
loop_
_struct_ref_seq.align_id 
_struct_ref_seq.ref_id 
_struct_ref_seq.pdbx_PDB_id_code 
_struct_ref_seq.pdbx_strand_id 
_struct_ref_seq.seq_align_beg 
_struct_ref_seq.pdbx_seq_align_beg_ins_code 
_struct_ref_seq.seq_align_end 
_struct_ref_seq.pdbx_seq_align_end_ins_code 
_struct_ref_seq.pdbx_db_accession 
_struct_ref_seq.db_align_beg 
_struct_ref_seq.pdbx_db_align_beg_ins_code 
_struct_ref_seq.db_align_end 
_struct_ref_seq.pdbx_db_align_end_ins_code 
_struct_ref_seq.pdbx_auth_seq_align_beg 
_struct_ref_seq.pdbx_auth_seq_align_end 
1 1 2O3W A 1 ? 23 ? 2O3W 1  ? 23 ? 1  23 
2 1 2O3W B 1 ? 23 ? 2O3W 24 ? 46 ? 24 46 
# 
loop_
_chem_comp.id 
_chem_comp.type 
_chem_comp.mon_nstd_flag 
_chem_comp.name 
_chem_comp.pdbx_synonyms 
_chem_comp.formula 
_chem_comp.formula_weight 
A   'RNA linking' y "ADENOSINE-5'-MONOPHOSPHATE" ?                                                                             
'C10 H14 N5 O7 P' 347.221 
C   'RNA linking' y "CYTIDINE-5'-MONOPHOSPHATE"  ?                                                                             
'C9 H14 N3 O8 P'  323.197 
G   'RNA linking' y "GUANOSINE-5'-MONOPHOSPHATE" ?                                                                             
'C10 H14 N5 O8 P' 363.221 
HOH non-polymer   . WATER                        ?                                                                             
'H2 O'            18.015  
PAR non-polymer   . PAROMOMYCIN                  'PAROMOMYCIN I; AMMINOSIDIN; CATENULIN; CRESTOMYCIN; MONOMYCIN A; NEOMYCIN E' 
'C23 H45 N5 O14'  615.628 
U   'RNA linking' y "URIDINE-5'-MONOPHOSPHATE"   ?                                                                             
'C9 H13 N2 O9 P'  324.181 
# 
_exptl.crystals_number   1 
_exptl.entry_id          2O3W 
_exptl.method            'X-RAY DIFFRACTION' 
# 
_exptl_crystal.id                    1 
_exptl_crystal.density_Matthews      2.33 
_exptl_crystal.density_meas          ? 
_exptl_crystal.density_percent_sol   47.27 
_exptl_crystal.description           ? 
_exptl_crystal.F_000                 ? 
_exptl_crystal.preparation           ? 
# 
_exptl_crystal_grow.crystal_id      1 
_exptl_crystal_grow.method          'VAPOR DIFFUSION, HANGING DROP' 
_exptl_crystal_grow.pH              6.5 
_exptl_crystal_grow.temp            300 
_exptl_crystal_grow.temp_details    ? 
_exptl_crystal_grow.pdbx_details    
;Sodium Cacodylate, Potassium chloride, 2-methyl-2,4-pentanediol, hexammine cobalt chloride, spermine tetrahydrochloride, pH 6.5, VAPOR DIFFUSION, HANGING DROP, temperature 300K
;
_exptl_crystal_grow.pdbx_pH_range   . 
# 
loop_
_exptl_crystal_grow_comp.crystal_id 
_exptl_crystal_grow_comp.id 
_exptl_crystal_grow_comp.sol_id 
_exptl_crystal_grow_comp.name 
_exptl_crystal_grow_comp.conc 
_exptl_crystal_grow_comp.volume 
_exptl_crystal_grow_comp.details 
1 1 1 'Sodium Cacodylate'           ? ? ? 
1 2 1 'Potassium chloride'          ? ? ? 
1 3 1 2-methyl-2,4-pentanediol      ? ? ? 
1 4 1 'hexammine cobalt chloride'   ? ? ? 
1 5 1 'spermine tetrahydrochloride' ? ? ? 
1 6 2 'Potassium chloride'          ? ? ? 
1 7 2 2-methyl-2,4-pentanediol      ? ? ? 
1 8 2 'hexammine cobalt chloride'   ? ? ? 
1 9 2 'spermine tetrahydrochloride' ? ? ? 
# 
_diffrn.id                     1 
_diffrn.ambient_temp           100 
_diffrn.ambient_temp_details   ? 
_diffrn.crystal_id             1 
# 
_diffrn_detector.diffrn_id              1 
_diffrn_detector.detector               CCD 
_diffrn_detector.type                   'ADSC QUANTUM 315' 
_diffrn_detector.pdbx_collection_date   2005-11-28 
_diffrn_detector.details                ? 
# 
_diffrn_radiation.diffrn_id                        1 
_diffrn_radiation.wavelength_id                    1 
_diffrn_radiation.pdbx_diffrn_protocol             'SINGLE WAVELENGTH' 
_diffrn_radiation.monochromator                    'Si(111)' 
_diffrn_radiation.pdbx_monochromatic_or_laue_m_l   M 
_diffrn_radiation.pdbx_scattering_type             x-ray 
# 
_diffrn_radiation_wavelength.id           1 
_diffrn_radiation_wavelength.wavelength   0.9000 
_diffrn_radiation_wavelength.wt           1.0 
# 
_diffrn_source.diffrn_id                   1 
_diffrn_source.source                      SYNCHROTRON 
_diffrn_source.type                        'ESRF BEAMLINE ID29' 
_diffrn_source.pdbx_wavelength             ? 
_diffrn_source.pdbx_wavelength_list        0.9000 
_diffrn_source.pdbx_synchrotron_site       ESRF 
_diffrn_source.pdbx_synchrotron_beamline   ID29 
# 
_reflns.entry_id                     2O3W 
_reflns.d_resolution_high            2.800 
_reflns.d_resolution_low             57.397 
_reflns.number_obs                   3672 
_reflns.pdbx_Rmerge_I_obs            0.085 
_reflns.pdbx_netI_over_sigmaI        5.000 
_reflns.pdbx_Rsym_value              0.085 
_reflns.pdbx_redundancy              6.200 
_reflns.percent_possible_obs         99.800 
_reflns.observed_criterion_sigma_F   ? 
_reflns.observed_criterion_sigma_I   ? 
_reflns.number_all                   ? 
_reflns.B_iso_Wilson_estimate        ? 
_reflns.R_free_details               ? 
_reflns.pdbx_chi_squared             ? 
_reflns.pdbx_scaling_rejects         ? 
_reflns.pdbx_diffrn_id               1 
_reflns.pdbx_ordinal                 1 
# 
loop_
_reflns_shell.d_res_high 
_reflns_shell.d_res_low 
_reflns_shell.number_measured_obs 
_reflns_shell.number_measured_all 
_reflns_shell.number_unique_obs 
_reflns_shell.Rmerge_I_obs 
_reflns_shell.meanI_over_sigI_obs 
_reflns_shell.pdbx_Rsym_value 
_reflns_shell.pdbx_chi_squared 
_reflns_shell.pdbx_redundancy 
_reflns_shell.percent_possible_obs 
_reflns_shell.number_unique_all 
_reflns_shell.percent_possible_all 
_reflns_shell.pdbx_diffrn_id 
_reflns_shell.pdbx_ordinal 
2.80 2.95  ? 3428 ? 0.414 1.6  0.414 ? 6.70 ? 515 100.00 ? 1  
2.95 3.13  ? 3229 ? 0.177 2.1  0.177 ? 6.50 ? 496 100.00 ? 2  
3.13 3.35  ? 3034 ? 0.12  3.4  0.12  ? 6.50 ? 469 100.00 ? 3  
3.35 3.61  ? 2813 ? 0.108 3.5  0.108 ? 6.50 ? 435 100.00 ? 4  
3.61 3.96  ? 2566 ? 0.097 4.0  0.097 ? 6.40 ? 404 100.00 ? 5  
3.96 4.43  ? 2256 ? 0.09  6.5  0.09  ? 6.10 ? 368 100.00 ? 6  
4.43 5.11  ? 1973 ? 0.078 7.7  0.078 ? 5.90 ? 333 100.00 ? 7  
5.11 6.26  ? 1605 ? 0.065 8.9  0.065 ? 5.50 ? 290 100.00 ? 8  
6.26 8.85  ? 1315 ? 0.048 11.0 0.048 ? 5.80 ? 228 100.00 ? 9  
8.85 57.40 ? 611  ? 0.06  8.4  0.06  ? 4.60 ? 134 92.10  ? 10 
# 
_refine.entry_id                                 2O3W 
_refine.ls_d_res_high                            2.800 
_refine.ls_d_res_low                             57.35 
_refine.pdbx_ls_sigma_F                          3 
_refine.ls_percent_reflns_obs                    94.800 
_refine.ls_number_reflns_obs                     3480 
_refine.ls_R_factor_R_work                       0.251 
_refine.ls_R_factor_R_free                       0.273 
_refine.ls_percent_reflns_R_free                 9.500 
_refine.ls_number_reflns_R_free                  350 
_refine.B_iso_mean                               72.414 
_refine.solvent_model_param_bsol                 125.091 
_refine.aniso_B[1][1]                            4.326 
_refine.aniso_B[2][2]                            -29.838 
_refine.aniso_B[3][3]                            25.512 
_refine.aniso_B[1][2]                            0.000 
_refine.aniso_B[1][3]                            0.000 
_refine.aniso_B[2][3]                            0.000 
_refine.overall_FOM_work_R_set                   0.725 
_refine.pdbx_ls_sigma_I                          ? 
_refine.ls_number_reflns_all                     ? 
_refine.ls_R_factor_all                          ? 
_refine.ls_R_factor_obs                          ? 
_refine.ls_redundancy_reflns_obs                 ? 
_refine.pdbx_data_cutoff_high_absF               ? 
_refine.pdbx_data_cutoff_low_absF                ? 
_refine.ls_number_parameters                     ? 
_refine.ls_number_restraints                     ? 
_refine.ls_R_factor_R_free_error                 ? 
_refine.ls_R_factor_R_free_error_details         ? 
_refine.pdbx_method_to_determine_struct          'MOLECULAR REPLACEMENT' 
_refine.pdbx_starting_model                      2FQN 
_refine.pdbx_ls_cross_valid_method               ? 
_refine.pdbx_R_Free_selection_details            ? 
_refine.pdbx_stereochem_target_val_spec_case     ? 
_refine.pdbx_stereochemistry_target_values       
;G. Parkinson, J. Vojtechovsky, L. Clowney, A.T. Brunger, H.M. Berman, New Parameters for the Refinement of Nucleic Acid Containing Structures, Acta Cryst. D, 52, 57-64 (1996).
;
_refine.solvent_model_details                    ? 
_refine.solvent_model_param_ksol                 ? 
_refine.occupancy_max                            ? 
_refine.occupancy_min                            ? 
_refine.pdbx_isotropic_thermal_model             ? 
_refine.details                                  ? 
_refine.correlation_coeff_Fo_to_Fc               ? 
_refine.correlation_coeff_Fo_to_Fc_free          ? 
_refine.pdbx_solvent_vdw_probe_radii             ? 
_refine.pdbx_solvent_ion_probe_radii             ? 
_refine.pdbx_solvent_shrinkage_radii             ? 
_refine.overall_SU_R_Cruickshank_DPI             ? 
_refine.overall_SU_R_free                        ? 
_refine.overall_SU_ML                            ? 
_refine.overall_SU_B                             ? 
_refine.pdbx_overall_ESU_R_Free                  ? 
_refine.pdbx_data_cutoff_high_rms_absF           ? 
_refine.pdbx_overall_ESU_R                       ? 
_refine.ls_wR_factor_R_free                      ? 
_refine.ls_wR_factor_R_work                      ? 
_refine.overall_FOM_free_R_set                   ? 
_refine.pdbx_refine_id                           'X-RAY DIFFRACTION' 
_refine.pdbx_diffrn_id                           1 
_refine.pdbx_TLS_residual_ADP_flag               ? 
_refine.pdbx_overall_phase_error                 ? 
_refine.pdbx_overall_SU_R_free_Cruickshank_DPI   ? 
_refine.pdbx_overall_SU_R_Blow_DPI               ? 
_refine.pdbx_overall_SU_R_free_Blow_DPI          ? 
# 
_refine_hist.pdbx_refine_id                   'X-RAY DIFFRACTION' 
_refine_hist.cycle_id                         LAST 
_refine_hist.pdbx_number_atoms_protein        0 
_refine_hist.pdbx_number_atoms_nucleic_acid   918 
_refine_hist.pdbx_number_atoms_ligand         42 
_refine_hist.number_atoms_solvent             32 
_refine_hist.number_atoms_total               992 
_refine_hist.d_res_high                       2.800 
_refine_hist.d_res_low                        57.35 
# 
loop_
_refine_ls_restr.type 
_refine_ls_restr.number 
_refine_ls_restr.dev_ideal 
_refine_ls_restr.dev_ideal_target 
_refine_ls_restr.weight 
_refine_ls_restr.pdbx_refine_id 
_refine_ls_restr.pdbx_restraint_function 
c_bond_d     ? 0.006 1.500 ? 'X-RAY DIFFRACTION' ? 
c_angle_deg  ? 0.990 2.000 ? 'X-RAY DIFFRACTION' ? 
c_scangle_it ? 3.113 2.500 ? 'X-RAY DIFFRACTION' ? 
# 
loop_
_refine_ls_shell.d_res_high 
_refine_ls_shell.d_res_low 
_refine_ls_shell.pdbx_total_number_of_bins_used 
_refine_ls_shell.percent_reflns_obs 
_refine_ls_shell.number_reflns_R_work 
_refine_ls_shell.R_factor_all 
_refine_ls_shell.R_factor_R_work 
_refine_ls_shell.R_factor_R_free 
_refine_ls_shell.percent_reflns_R_free 
_refine_ls_shell.number_reflns_R_free 
_refine_ls_shell.R_factor_R_free_error 
_refine_ls_shell.number_reflns_all 
_refine_ls_shell.number_reflns_obs 
_refine_ls_shell.redundancy_reflns_obs 
_refine_ls_shell.pdbx_refine_id 
2.800 2.920  8 . 343 . 0.521 0.592 . 43 . . 386 . 'X-RAY DIFFRACTION' 
2.920 3.070  8 . 367 . 0.316 0.348 . 37 . . 404 . 'X-RAY DIFFRACTION' 
3.070 3.260  8 . 373 . 0.132 0.207 . 32 . . 405 . 'X-RAY DIFFRACTION' 
3.260 3.500  8 . 371 . 0.264 0.323 . 48 . . 419 . 'X-RAY DIFFRACTION' 
3.500 3.840  8 . 390 . 0.261 0.403 . 43 . . 433 . 'X-RAY DIFFRACTION' 
3.840 4.350  8 . 387 . 0.235 0.342 . 45 . . 432 . 'X-RAY DIFFRACTION' 
4.350 5.340  8 . 399 . 0.303 0.258 . 48 . . 447 . 'X-RAY DIFFRACTION' 
5.340 10.000 8 . 436 . 0.387 0.433 . 39 . . 475 . 'X-RAY DIFFRACTION' 
# 
loop_
_pdbx_xplor_file.serial_no 
_pdbx_xplor_file.param_file 
_pdbx_xplor_file.topol_file 
_pdbx_xplor_file.pdbx_refine_id 
1 CNS_TOPPAR:dna-rna_rep.param CNS_TOPPAR:dna-rna.top 'X-RAY DIFFRACTION' 
2 par_xplor.param              par_xplor.top          'X-RAY DIFFRACTION' 
3 CNS_TOPPAR:water_rep.param   CNS_TOPPAR:water.top   'X-RAY DIFFRACTION' 
# 
_struct.entry_id                  2O3W 
_struct.title                     
'Crystal Structure of the Homo sapiens Cytoplasmic Ribosomal Decoding Site in presence of paromomycin' 
_struct.pdbx_model_details        ? 
_struct.pdbx_CASP_flag            ? 
_struct.pdbx_model_type_details   ? 
# 
_struct_keywords.entry_id        2O3W 
_struct_keywords.pdbx_keywords   RNA 
_struct_keywords.text            
;aminoglycoside, antibiotics, ribosome, decoding site, Homo sapiens, Eukaryote, cytoplasmic, Translation inhibition, Stop codon readthrough, unspecific binding, RNA
;
# 
loop_
_struct_asym.id 
_struct_asym.pdbx_blank_PDB_chainid_flag 
_struct_asym.pdbx_modified 
_struct_asym.entity_id 
_struct_asym.details 
A N N 1 ? 
B N N 1 ? 
C N N 2 ? 
D N N 3 ? 
E N N 3 ? 
# 
_struct_biol.id        1 
_struct_biol.details   ? 
# 
loop_
_struct_conn.id 
_struct_conn.conn_type_id 
_struct_conn.pdbx_leaving_atom_flag 
_struct_conn.pdbx_PDB_id 
_struct_conn.ptnr1_label_asym_id 
_struct_conn.ptnr1_label_comp_id 
_struct_conn.ptnr1_label_seq_id 
_struct_conn.ptnr1_label_atom_id 
_struct_conn.pdbx_ptnr1_label_alt_id 
_struct_conn.pdbx_ptnr1_PDB_ins_code 
_struct_conn.pdbx_ptnr1_standard_comp_id 
_struct_conn.ptnr1_symmetry 
_struct_conn.ptnr2_label_asym_id 
_struct_conn.ptnr2_label_comp_id 
_struct_conn.ptnr2_label_seq_id 
_struct_conn.ptnr2_label_atom_id 
_struct_conn.pdbx_ptnr2_label_alt_id 
_struct_conn.pdbx_ptnr2_PDB_ins_code 
_struct_conn.ptnr1_auth_asym_id 
_struct_conn.ptnr1_auth_comp_id 
_struct_conn.ptnr1_auth_seq_id 
_struct_conn.ptnr2_auth_asym_id 
_struct_conn.ptnr2_auth_comp_id 
_struct_conn.ptnr2_auth_seq_id 
_struct_conn.ptnr2_symmetry 
_struct_conn.pdbx_ptnr3_label_atom_id 
_struct_conn.pdbx_ptnr3_label_seq_id 
_struct_conn.pdbx_ptnr3_label_comp_id 
_struct_conn.pdbx_ptnr3_label_asym_id 
_struct_conn.pdbx_ptnr3_label_alt_id 
_struct_conn.pdbx_ptnr3_PDB_ins_code 
_struct_conn.details 
_struct_conn.pdbx_dist_value 
_struct_conn.pdbx_value_order 
_struct_conn.pdbx_role 
hydrog1  hydrog ? ? A G 3  N1 ? ? ? 1_555 B C 23 N3 ? ? A G 3  B C 46 1_555 ? ? ? ? ? ? WATSON-CRICK  ? ? ? 
hydrog2  hydrog ? ? A G 3  N2 ? ? ? 1_555 B C 23 O2 ? ? A G 3  B C 46 1_555 ? ? ? ? ? ? WATSON-CRICK  ? ? ? 
hydrog3  hydrog ? ? A G 3  O6 ? ? ? 1_555 B C 23 N4 ? ? A G 3  B C 46 1_555 ? ? ? ? ? ? WATSON-CRICK  ? ? ? 
hydrog4  hydrog ? ? A C 4  N3 ? ? ? 1_555 B G 22 N1 ? ? A C 4  B G 45 1_555 ? ? ? ? ? ? WATSON-CRICK  ? ? ? 
hydrog5  hydrog ? ? A C 4  N4 ? ? ? 1_555 B G 22 O6 ? ? A C 4  B G 45 1_555 ? ? ? ? ? ? WATSON-CRICK  ? ? ? 
hydrog6  hydrog ? ? A C 4  O2 ? ? ? 1_555 B G 22 N2 ? ? A C 4  B G 45 1_555 ? ? ? ? ? ? WATSON-CRICK  ? ? ? 
hydrog7  hydrog ? ? A G 5  N1 ? ? ? 1_555 B C 21 N3 ? ? A G 5  B C 44 1_555 ? ? ? ? ? ? WATSON-CRICK  ? ? ? 
hydrog8  hydrog ? ? A G 5  N2 ? ? ? 1_555 B C 21 O2 ? ? A G 5  B C 44 1_555 ? ? ? ? ? ? WATSON-CRICK  ? ? ? 
hydrog9  hydrog ? ? A G 5  O6 ? ? ? 1_555 B C 21 N4 ? ? A G 5  B C 44 1_555 ? ? ? ? ? ? WATSON-CRICK  ? ? ? 
hydrog10 hydrog ? ? A U 6  N3 ? ? ? 1_555 B U 20 O4 ? ? A U 6  B U 43 1_555 ? ? ? ? ? ? TYPE_16_PAIR  ? ? ? 
hydrog11 hydrog ? ? A U 6  O2 ? ? ? 1_555 B U 20 N3 ? ? A U 6  B U 43 1_555 ? ? ? ? ? ? TYPE_16_PAIR  ? ? ? 
hydrog12 hydrog ? ? A C 7  N3 ? ? ? 1_555 B G 19 N1 ? ? A C 7  B G 42 1_555 ? ? ? ? ? ? WATSON-CRICK  ? ? ? 
hydrog13 hydrog ? ? A C 7  N4 ? ? ? 1_555 B G 19 O6 ? ? A C 7  B G 42 1_555 ? ? ? ? ? ? WATSON-CRICK  ? ? ? 
hydrog14 hydrog ? ? A C 7  O2 ? ? ? 1_555 B G 19 N2 ? ? A C 7  B G 42 1_555 ? ? ? ? ? ? WATSON-CRICK  ? ? ? 
hydrog15 hydrog ? ? A C 9  N4 ? ? ? 1_555 B A 16 N1 ? ? A C 9  B A 39 1_555 ? ? ? ? ? ? 'C-A MISPAIR' ? ? ? 
hydrog16 hydrog ? ? A U 10 N3 ? ? ? 1_555 B A 15 N1 ? ? A U 10 B A 38 1_555 ? ? ? ? ? ? WATSON-CRICK  ? ? ? 
hydrog17 hydrog ? ? A U 10 O4 ? ? ? 1_555 B A 15 N6 ? ? A U 10 B A 38 1_555 ? ? ? ? ? ? WATSON-CRICK  ? ? ? 
hydrog18 hydrog ? ? A C 11 N3 ? ? ? 1_555 B G 14 N1 ? ? A C 11 B G 37 1_555 ? ? ? ? ? ? WATSON-CRICK  ? ? ? 
hydrog19 hydrog ? ? A C 11 N4 ? ? ? 1_555 B G 14 O6 ? ? A C 11 B G 37 1_555 ? ? ? ? ? ? WATSON-CRICK  ? ? ? 
hydrog20 hydrog ? ? A C 11 O2 ? ? ? 1_555 B G 14 N2 ? ? A C 11 B G 37 1_555 ? ? ? ? ? ? WATSON-CRICK  ? ? ? 
hydrog21 hydrog ? ? A C 12 N3 ? ? ? 1_555 B G 13 N1 ? ? A C 12 B G 36 1_555 ? ? ? ? ? ? WATSON-CRICK  ? ? ? 
hydrog22 hydrog ? ? A C 12 N4 ? ? ? 1_555 B G 13 O6 ? ? A C 12 B G 36 1_555 ? ? ? ? ? ? WATSON-CRICK  ? ? ? 
hydrog23 hydrog ? ? A C 12 O2 ? ? ? 1_555 B G 13 N2 ? ? A C 12 B G 36 1_555 ? ? ? ? ? ? WATSON-CRICK  ? ? ? 
hydrog24 hydrog ? ? A G 13 N1 ? ? ? 1_555 B C 12 N3 ? ? A G 13 B C 35 1_555 ? ? ? ? ? ? WATSON-CRICK  ? ? ? 
hydrog25 hydrog ? ? A G 13 N2 ? ? ? 1_555 B C 12 O2 ? ? A G 13 B C 35 1_555 ? ? ? ? ? ? WATSON-CRICK  ? ? ? 
hydrog26 hydrog ? ? A G 13 O6 ? ? ? 1_555 B C 12 N4 ? ? A G 13 B C 35 1_555 ? ? ? ? ? ? WATSON-CRICK  ? ? ? 
hydrog27 hydrog ? ? A G 14 N1 ? ? ? 1_555 B C 11 N3 ? ? A G 14 B C 34 1_555 ? ? ? ? ? ? WATSON-CRICK  ? ? ? 
hydrog28 hydrog ? ? A G 14 N2 ? ? ? 1_555 B C 11 O2 ? ? A G 14 B C 34 1_555 ? ? ? ? ? ? WATSON-CRICK  ? ? ? 
hydrog29 hydrog ? ? A G 14 O6 ? ? ? 1_555 B C 11 N4 ? ? A G 14 B C 34 1_555 ? ? ? ? ? ? WATSON-CRICK  ? ? ? 
hydrog30 hydrog ? ? A A 15 N1 ? ? ? 1_555 B U 10 N3 ? ? A A 15 B U 33 1_555 ? ? ? ? ? ? WATSON-CRICK  ? ? ? 
hydrog31 hydrog ? ? A A 15 N6 ? ? ? 1_555 B U 10 O4 ? ? A A 15 B U 33 1_555 ? ? ? ? ? ? WATSON-CRICK  ? ? ? 
hydrog32 hydrog ? ? A A 17 N3 ? ? ? 1_555 B C 9  N4 ? ? A A 17 B C 32 1_555 ? ? ? ? ? ? 'A-C MISPAIR' ? ? ? 
hydrog33 hydrog ? ? A A 18 N7 ? ? ? 1_555 B G 8  N2 ? ? A A 18 B G 31 1_555 ? ? ? ? ? ? 'A-G MISPAIR' ? ? ? 
hydrog34 hydrog ? ? A G 19 N1 ? ? ? 1_555 B C 7  N3 ? ? A G 19 B C 30 1_555 ? ? ? ? ? ? WATSON-CRICK  ? ? ? 
hydrog35 hydrog ? ? A G 19 N2 ? ? ? 1_555 B C 7  O2 ? ? A G 19 B C 30 1_555 ? ? ? ? ? ? WATSON-CRICK  ? ? ? 
hydrog36 hydrog ? ? A G 19 O6 ? ? ? 1_555 B C 7  N4 ? ? A G 19 B C 30 1_555 ? ? ? ? ? ? WATSON-CRICK  ? ? ? 
hydrog37 hydrog ? ? A U 20 N3 ? ? ? 1_555 B U 6  O2 ? ? A U 20 B U 29 1_555 ? ? ? ? ? ? TYPE_16_PAIR  ? ? ? 
hydrog38 hydrog ? ? A U 20 O4 ? ? ? 1_555 B U 6  N3 ? ? A U 20 B U 29 1_555 ? ? ? ? ? ? TYPE_16_PAIR  ? ? ? 
hydrog39 hydrog ? ? A C 21 N3 ? ? ? 1_555 B G 5  N1 ? ? A C 21 B G 28 1_555 ? ? ? ? ? ? WATSON-CRICK  ? ? ? 
hydrog40 hydrog ? ? A C 21 N4 ? ? ? 1_555 B G 5  O6 ? ? A C 21 B G 28 1_555 ? ? ? ? ? ? WATSON-CRICK  ? ? ? 
hydrog41 hydrog ? ? A C 21 O2 ? ? ? 1_555 B G 5  N2 ? ? A C 21 B G 28 1_555 ? ? ? ? ? ? WATSON-CRICK  ? ? ? 
hydrog42 hydrog ? ? A G 22 N1 ? ? ? 1_555 B C 4  N3 ? ? A G 22 B C 27 1_555 ? ? ? ? ? ? WATSON-CRICK  ? ? ? 
hydrog43 hydrog ? ? A G 22 N2 ? ? ? 1_555 B C 4  O2 ? ? A G 22 B C 27 1_555 ? ? ? ? ? ? WATSON-CRICK  ? ? ? 
hydrog44 hydrog ? ? A G 22 O6 ? ? ? 1_555 B C 4  N4 ? ? A G 22 B C 27 1_555 ? ? ? ? ? ? WATSON-CRICK  ? ? ? 
hydrog45 hydrog ? ? A C 23 N3 ? ? ? 1_555 B G 3  N1 ? ? A C 23 B G 26 1_555 ? ? ? ? ? ? WATSON-CRICK  ? ? ? 
hydrog46 hydrog ? ? A C 23 N4 ? ? ? 1_555 B G 3  O6 ? ? A C 23 B G 26 1_555 ? ? ? ? ? ? WATSON-CRICK  ? ? ? 
hydrog47 hydrog ? ? A C 23 O2 ? ? ? 1_555 B G 3  N2 ? ? A C 23 B G 26 1_555 ? ? ? ? ? ? WATSON-CRICK  ? ? ? 
# 
_struct_conn_type.id          hydrog 
_struct_conn_type.criteria    ? 
_struct_conn_type.reference   ? 
# 
loop_
_struct_site.id 
_struct_site.pdbx_evidence_code 
_struct_site.pdbx_auth_asym_id 
_struct_site.pdbx_auth_comp_id 
_struct_site.pdbx_auth_seq_id 
_struct_site.pdbx_auth_ins_code 
_struct_site.pdbx_num_residues 
_struct_site.details 
AC1 Software B PAR 101 ? 8 'BINDING SITE FOR RESIDUE PAR B 101' 
1   ?        ? ?   ?   ? ? ?                                    
# 
loop_
_struct_site_gen.id 
_struct_site_gen.site_id 
_struct_site_gen.pdbx_num_res 
_struct_site_gen.label_comp_id 
_struct_site_gen.label_asym_id 
_struct_site_gen.label_seq_id 
_struct_site_gen.pdbx_auth_ins_code 
_struct_site_gen.auth_comp_id 
_struct_site_gen.auth_asym_id 
_struct_site_gen.auth_seq_id 
_struct_site_gen.label_atom_id 
_struct_site_gen.label_alt_id 
_struct_site_gen.symmetry 
_struct_site_gen.details 
1 AC1 8 G A 8  ? G A 8  . ? 1_555 ? 
2 AC1 8 C A 9  ? C A 9  . ? 1_555 ? 
3 AC1 8 U B 10 ? U B 33 . ? 1_555 ? 
4 AC1 8 C B 11 ? C B 34 . ? 1_555 ? 
5 AC1 8 G B 13 ? G B 36 . ? 1_555 ? 
6 AC1 8 G B 14 ? G B 37 . ? 1_555 ? 
7 AC1 8 A B 15 ? A B 38 . ? 1_555 ? 
8 AC1 8 A B 16 ? A B 39 . ? 3_545 ? 
# 
_atom_sites.entry_id                    2O3W 
_atom_sites.fract_transf_matrix[1][1]   -0.01005880 
_atom_sites.fract_transf_matrix[1][2]   -0.00973211 
_atom_sites.fract_transf_matrix[1][3]   -0.01570414 
_atom_sites.fract_transf_matrix[2][1]   -0.01703473 
_atom_sites.fract_transf_matrix[2][2]   0.00858049 
_atom_sites.fract_transf_matrix[2][3]   0.00559360 
_atom_sites.fract_transf_matrix[3][1]   0.00334647 
_atom_sites.fract_transf_matrix[3][2]   0.01349149 
_atom_sites.fract_transf_matrix[3][3]   -0.01050437 
_atom_sites.fract_transf_vector[1]      0.180987 
_atom_sites.fract_transf_vector[2]      0.167359 
_atom_sites.fract_transf_vector[3]      0.109418 
# 
loop_
_atom_type.symbol 
C 
N 
O 
P 
# 
loop_
_atom_site.group_PDB 
_atom_site.id 
_atom_site.type_symbol 
_atom_site.label_atom_id 
_atom_site.label_alt_id 
_atom_site.label_comp_id 
_atom_site.label_asym_id 
_atom_site.label_entity_id 
_atom_site.label_seq_id 
_atom_site.pdbx_PDB_ins_code 
_atom_site.Cartn_x 
_atom_site.Cartn_y 
_atom_site.Cartn_z 
_atom_site.occupancy 
_atom_site.B_iso_or_equiv 
_atom_site.pdbx_formal_charge 
_atom_site.auth_seq_id 
_atom_site.auth_comp_id 
_atom_site.auth_asym_id 
_atom_site.auth_atom_id 
_atom_site.pdbx_PDB_model_num 
ATOM   1   P P     . U   A 1 2  ? -16.931 -12.910 19.353  1.00 115.89 ? 2   U   A P     1 
ATOM   2   O OP1   . U   A 1 2  ? -17.490 -14.157 18.691  1.00 116.21 ? 2   U   A OP1   1 
ATOM   3   O OP2   . U   A 1 2  ? -17.337 -12.815 20.818  1.00 115.75 ? 2   U   A OP2   1 
ATOM   4   O "O5'" . U   A 1 2  ? -15.304 -13.077 19.326  1.00 114.29 ? 2   U   A "O5'" 1 
ATOM   5   C "C5'" . U   A 1 2  ? -14.567 -13.004 18.084  1.00 111.09 ? 2   U   A "C5'" 1 
ATOM   6   C "C4'" . U   A 1 2  ? -13.831 -14.301 17.830  1.00 109.32 ? 2   U   A "C4'" 1 
ATOM   7   O "O4'" . U   A 1 2  ? -14.706 -15.401 18.146  1.00 108.92 ? 2   U   A "O4'" 1 
ATOM   8   C "C3'" . U   A 1 2  ? -13.407 -14.549 16.387  1.00 108.22 ? 2   U   A "C3'" 1 
ATOM   9   O "O3'" . U   A 1 2  ? -12.059 -14.156 16.157  1.00 107.62 ? 2   U   A "O3'" 1 
ATOM   10  C "C2'" . U   A 1 2  ? -13.375 -16.074 16.277  1.00 108.74 ? 2   U   A "C2'" 1 
ATOM   11  O "O2'" . U   A 1 2  ? -12.083 -16.605 16.485  1.00 110.18 ? 2   U   A "O2'" 1 
ATOM   12  C "C1'" . U   A 1 2  ? -14.289 -16.528 17.416  1.00 108.61 ? 2   U   A "C1'" 1 
ATOM   13  N N1    . U   A 1 2  ? -15.446 -17.360 17.059  1.00 107.76 ? 2   U   A N1    1 
ATOM   14  C C2    . U   A 1 2  ? -15.184 -18.554 16.420  1.00 107.52 ? 2   U   A C2    1 
ATOM   15  O O2    . U   A 1 2  ? -14.063 -18.891 16.085  1.00 108.24 ? 2   U   A O2    1 
ATOM   16  N N3    . U   A 1 2  ? -16.281 -19.337 16.185  1.00 107.06 ? 2   U   A N3    1 
ATOM   17  C C4    . U   A 1 2  ? -17.588 -19.051 16.505  1.00 106.88 ? 2   U   A C4    1 
ATOM   18  O O4    . U   A 1 2  ? -18.454 -19.899 16.293  1.00 107.66 ? 2   U   A O4    1 
ATOM   19  C C5    . U   A 1 2  ? -17.786 -17.777 17.128  1.00 106.85 ? 2   U   A C5    1 
ATOM   20  C C6    . U   A 1 2  ? -16.733 -16.992 17.374  1.00 106.95 ? 2   U   A C6    1 
ATOM   21  P P     . G   A 1 3  ? -11.612 -12.622 16.319  1.00 109.19 ? 3   G   A P     1 
ATOM   22  O OP1   . G   A 1 3  ? -12.825 -11.757 16.316  1.00 109.77 ? 3   G   A OP1   1 
ATOM   23  O OP2   . G   A 1 3  ? -10.534 -12.377 15.328  1.00 108.62 ? 3   G   A OP2   1 
ATOM   24  O "O5'" . G   A 1 3  ? -10.969 -12.568 17.779  1.00 107.03 ? 3   G   A "O5'" 1 
ATOM   25  C "C5'" . G   A 1 3  ? -10.728 -13.765 18.508  1.00 103.28 ? 3   G   A "C5'" 1 
ATOM   26  C "C4'" . G   A 1 3  ? -9.482  -13.630 19.345  1.00 101.00 ? 3   G   A "C4'" 1 
ATOM   27  O "O4'" . G   A 1 3  ? -9.203  -14.926 19.944  1.00 99.46  ? 3   G   A "O4'" 1 
ATOM   28  C "C3'" . G   A 1 3  ? -8.228  -13.264 18.560  1.00 99.83  ? 3   G   A "C3'" 1 
ATOM   29  O "O3'" . G   A 1 3  ? -8.055  -11.843 18.522  1.00 99.74  ? 3   G   A "O3'" 1 
ATOM   30  C "C2'" . G   A 1 3  ? -7.137  -13.968 19.355  1.00 99.08  ? 3   G   A "C2'" 1 
ATOM   31  O "O2'" . G   A 1 3  ? -6.781  -13.259 20.526  1.00 96.96  ? 3   G   A "O2'" 1 
ATOM   32  C "C1'" . G   A 1 3  ? -7.847  -15.271 19.731  1.00 98.67  ? 3   G   A "C1'" 1 
ATOM   33  N N9    . G   A 1 3  ? -7.824  -16.281 18.678  1.00 97.85  ? 3   G   A N9    1 
ATOM   34  C C8    . G   A 1 3  ? -8.889  -16.670 17.897  1.00 97.61  ? 3   G   A C8    1 
ATOM   35  N N7    . G   A 1 3  ? -8.583  -17.595 17.029  1.00 97.11  ? 3   G   A N7    1 
ATOM   36  C C5    . G   A 1 3  ? -7.230  -17.836 17.246  1.00 96.73  ? 3   G   A C5    1 
ATOM   37  C C6    . G   A 1 3  ? -6.343  -18.742 16.601  1.00 95.79  ? 3   G   A C6    1 
ATOM   38  O O6    . G   A 1 3  ? -6.581  -19.529 15.680  1.00 94.56  ? 3   G   A O6    1 
ATOM   39  N N1    . G   A 1 3  ? -5.061  -18.668 17.137  1.00 95.72  ? 3   G   A N1    1 
ATOM   40  C C2    . G   A 1 3  ? -4.680  -17.828 18.161  1.00 97.20  ? 3   G   A C2    1 
ATOM   41  N N2    . G   A 1 3  ? -3.396  -17.898 18.542  1.00 96.47  ? 3   G   A N2    1 
ATOM   42  N N3    . G   A 1 3  ? -5.498  -16.978 18.767  1.00 97.43  ? 3   G   A N3    1 
ATOM   43  C C4    . G   A 1 3  ? -6.750  -17.035 18.262  1.00 96.99  ? 3   G   A C4    1 
ATOM   44  P P     . C   A 1 4  ? -7.057  -11.174 17.443  1.00 99.32  ? 4   C   A P     1 
ATOM   45  O OP1   . C   A 1 4  ? -6.960  -9.726  17.771  1.00 99.17  ? 4   C   A OP1   1 
ATOM   46  O OP2   . C   A 1 4  ? -7.455  -11.586 16.071  1.00 97.92  ? 4   C   A OP2   1 
ATOM   47  O "O5'" . C   A 1 4  ? -5.646  -11.837 17.772  1.00 98.48  ? 4   C   A "O5'" 1 
ATOM   48  C "C5'" . C   A 1 4  ? -4.944  -11.523 18.973  1.00 96.17  ? 4   C   A "C5'" 1 
ATOM   49  C "C4'" . C   A 1 4  ? -3.584  -12.172 18.956  1.00 95.13  ? 4   C   A "C4'" 1 
ATOM   50  O "O4'" . C   A 1 4  ? -3.749  -13.614 18.965  1.00 93.32  ? 4   C   A "O4'" 1 
ATOM   51  C "C3'" . C   A 1 4  ? -2.786  -11.907 17.691  1.00 95.34  ? 4   C   A "C3'" 1 
ATOM   52  O "O3'" . C   A 1 4  ? -2.070  -10.687 17.748  1.00 96.61  ? 4   C   A "O3'" 1 
ATOM   53  C "C2'" . C   A 1 4  ? -1.850  -13.100 17.631  1.00 93.80  ? 4   C   A "C2'" 1 
ATOM   54  O "O2'" . C   A 1 4  ? -0.720  -12.951 18.459  1.00 93.36  ? 4   C   A "O2'" 1 
ATOM   55  C "C1'" . C   A 1 4  ? -2.766  -14.214 18.135  1.00 92.87  ? 4   C   A "C1'" 1 
ATOM   56  N N1    . C   A 1 4  ? -3.448  -14.886 17.022  1.00 92.05  ? 4   C   A N1    1 
ATOM   57  C C2    . C   A 1 4  ? -2.762  -15.868 16.320  1.00 91.13  ? 4   C   A C2    1 
ATOM   58  O O2    . C   A 1 4  ? -1.607  -16.132 16.654  1.00 91.63  ? 4   C   A O2    1 
ATOM   59  N N3    . C   A 1 4  ? -3.371  -16.503 15.297  1.00 90.78  ? 4   C   A N3    1 
ATOM   60  C C4    . C   A 1 4  ? -4.621  -16.186 14.967  1.00 90.73  ? 4   C   A C4    1 
ATOM   61  N N4    . C   A 1 4  ? -5.185  -16.849 13.952  1.00 90.42  ? 4   C   A N4    1 
ATOM   62  C C5    . C   A 1 4  ? -5.350  -15.179 15.663  1.00 91.35  ? 4   C   A C5    1 
ATOM   63  C C6    . C   A 1 4  ? -4.729  -14.559 16.676  1.00 91.70  ? 4   C   A C6    1 
ATOM   64  P P     . G   A 1 5  ? -1.711  -9.929  16.381  1.00 98.31  ? 5   G   A P     1 
ATOM   65  O OP1   . G   A 1 5  ? -1.207  -8.575  16.726  1.00 98.52  ? 5   G   A OP1   1 
ATOM   66  O OP2   . G   A 1 5  ? -2.890  -10.068 15.481  1.00 99.03  ? 5   G   A OP2   1 
ATOM   67  O "O5'" . G   A 1 5  ? -0.504  -10.780 15.780  1.00 98.02  ? 5   G   A "O5'" 1 
ATOM   68  C "C5'" . G   A 1 5  ? 0.679   -10.994 16.542  1.00 97.33  ? 5   G   A "C5'" 1 
ATOM   69  C "C4'" . G   A 1 5  ? 1.497   -12.110 15.941  1.00 96.28  ? 5   G   A "C4'" 1 
ATOM   70  O "O4'" . G   A 1 5  ? 0.711   -13.331 15.914  1.00 95.95  ? 5   G   A "O4'" 1 
ATOM   71  C "C3'" . G   A 1 5  ? 1.902   -11.924 14.492  1.00 95.71  ? 5   G   A "C3'" 1 
ATOM   72  O "O3'" . G   A 1 5  ? 3.047   -11.097 14.376  1.00 93.73  ? 5   G   A "O3'" 1 
ATOM   73  C "C2'" . G   A 1 5  ? 2.199   -13.353 14.059  1.00 95.94  ? 5   G   A "C2'" 1 
ATOM   74  O "O2'" . G   A 1 5  ? 3.469   -13.813 14.476  1.00 96.61  ? 5   G   A "O2'" 1 
ATOM   75  C "C1'" . G   A 1 5  ? 1.110   -14.122 14.805  1.00 95.19  ? 5   G   A "C1'" 1 
ATOM   76  N N9    . G   A 1 5  ? -0.053  -14.380 13.962  1.00 94.23  ? 5   G   A N9    1 
ATOM   77  C C8    . G   A 1 5  ? -1.311  -13.834 14.060  1.00 94.54  ? 5   G   A C8    1 
ATOM   78  N N7    . G   A 1 5  ? -2.139  -14.295 13.157  1.00 94.17  ? 5   G   A N7    1 
ATOM   79  C C5    . G   A 1 5  ? -1.377  -15.193 12.420  1.00 92.51  ? 5   G   A C5    1 
ATOM   80  C C6    . G   A 1 5  ? -1.725  -16.005 11.312  1.00 91.42  ? 5   G   A C6    1 
ATOM   81  O O6    . G   A 1 5  ? -2.816  -16.109 10.742  1.00 91.68  ? 5   G   A O6    1 
ATOM   82  N N1    . G   A 1 5  ? -0.640  -16.752 10.871  1.00 90.74  ? 5   G   A N1    1 
ATOM   83  C C2    . G   A 1 5  ? 0.615   -16.723 11.421  1.00 91.09  ? 5   G   A C2    1 
ATOM   84  N N2    . G   A 1 5  ? 1.538   -17.502 10.849  1.00 92.22  ? 5   G   A N2    1 
ATOM   85  N N3    . G   A 1 5  ? 0.948   -15.981 12.455  1.00 91.27  ? 5   G   A N3    1 
ATOM   86  C C4    . G   A 1 5  ? -0.087  -15.247 12.900  1.00 92.79  ? 5   G   A C4    1 
ATOM   87  P P     . U   A 1 6  ? 3.329   -10.328 12.995  1.00 93.15  ? 6   U   A P     1 
ATOM   88  O OP1   . U   A 1 6  ? 4.622   -9.612  13.126  1.00 94.49  ? 6   U   A OP1   1 
ATOM   89  O OP2   . U   A 1 6  ? 2.101   -9.562  12.657  1.00 93.72  ? 6   U   A OP2   1 
ATOM   90  O "O5'" . U   A 1 6  ? 3.518   -11.498 11.929  1.00 90.32  ? 6   U   A "O5'" 1 
ATOM   91  C "C5'" . U   A 1 6  ? 4.748   -12.200 11.842  1.00 88.91  ? 6   U   A "C5'" 1 
ATOM   92  C "C4'" . U   A 1 6  ? 4.780   -13.050 10.599  1.00 87.56  ? 6   U   A "C4'" 1 
ATOM   93  O "O4'" . U   A 1 6  ? 3.753   -14.070 10.685  1.00 87.26  ? 6   U   A "O4'" 1 
ATOM   94  C "C3'" . U   A 1 6  ? 4.476   -12.329 9.299   1.00 87.72  ? 6   U   A "C3'" 1 
ATOM   95  O "O3'" . U   A 1 6  ? 5.629   -11.675 8.793   1.00 88.30  ? 6   U   A "O3'" 1 
ATOM   96  C "C2'" . U   A 1 6  ? 4.029   -13.480 8.410   1.00 87.15  ? 6   U   A "C2'" 1 
ATOM   97  O "O2'" . U   A 1 6  ? 5.125   -14.237 7.935   1.00 85.93  ? 6   U   A "O2'" 1 
ATOM   98  C "C1'" . U   A 1 6  ? 3.200   -14.310 9.396   1.00 86.60  ? 6   U   A "C1'" 1 
ATOM   99  N N1    . U   A 1 6  ? 1.774   -13.940 9.443   1.00 85.09  ? 6   U   A N1    1 
ATOM   100 C C2    . U   A 1 6  ? 0.898   -14.519 8.533   1.00 83.78  ? 6   U   A C2    1 
ATOM   101 O O2    . U   A 1 6  ? 1.243   -15.317 7.676   1.00 83.39  ? 6   U   A O2    1 
ATOM   102 N N3    . U   A 1 6  ? -0.407  -14.120 8.663   1.00 83.62  ? 6   U   A N3    1 
ATOM   103 C C4    . U   A 1 6  ? -0.922  -13.221 9.567   1.00 83.69  ? 6   U   A C4    1 
ATOM   104 O O4    . U   A 1 6  ? -2.122  -12.940 9.525   1.00 85.08  ? 6   U   A O4    1 
ATOM   105 C C5    . U   A 1 6  ? 0.038   -12.666 10.465  1.00 83.88  ? 6   U   A C5    1 
ATOM   106 C C6    . U   A 1 6  ? 1.319   -13.035 10.376  1.00 84.81  ? 6   U   A C6    1 
ATOM   107 P P     . C   A 1 7  ? 5.464   -10.318 7.944   1.00 89.39  ? 7   C   A P     1 
ATOM   108 O OP1   . C   A 1 7  ? 6.788   -9.646  7.912   1.00 89.73  ? 7   C   A OP1   1 
ATOM   109 O OP2   . C   A 1 7  ? 4.281   -9.579  8.466   1.00 89.60  ? 7   C   A OP2   1 
ATOM   110 O "O5'" . C   A 1 7  ? 5.181   -10.841 6.468   1.00 87.94  ? 7   C   A "O5'" 1 
ATOM   111 C "C5'" . C   A 1 7  ? 6.217   -11.496 5.744   1.00 87.13  ? 7   C   A "C5'" 1 
ATOM   112 C "C4'" . C   A 1 7  ? 5.640   -12.366 4.660   1.00 84.62  ? 7   C   A "C4'" 1 
ATOM   113 O "O4'" . C   A 1 7  ? 4.696   -13.284 5.260   1.00 82.43  ? 7   C   A "O4'" 1 
ATOM   114 C "C3'" . C   A 1 7  ? 4.827   -11.653 3.595   1.00 84.79  ? 7   C   A "C3'" 1 
ATOM   115 O "O3'" . C   A 1 7  ? 5.659   -11.085 2.592   1.00 88.16  ? 7   C   A "O3'" 1 
ATOM   116 C "C2'" . C   A 1 7  ? 3.957   -12.784 3.065   1.00 82.22  ? 7   C   A "C2'" 1 
ATOM   117 O "O2'" . C   A 1 7  ? 4.638   -13.666 2.197   1.00 81.39  ? 7   C   A "O2'" 1 
ATOM   118 C "C1'" . C   A 1 7  ? 3.626   -13.518 4.362   1.00 80.06  ? 7   C   A "C1'" 1 
ATOM   119 N N1    . C   A 1 7  ? 2.388   -13.020 4.974   1.00 75.91  ? 7   C   A N1    1 
ATOM   120 C C2    . C   A 1 7  ? 1.184   -13.557 4.544   1.00 73.66  ? 7   C   A C2    1 
ATOM   121 O O2    . C   A 1 7  ? 1.208   -14.439 3.672   1.00 72.35  ? 7   C   A O2    1 
ATOM   122 N N3    . C   A 1 7  ? 0.026   -13.105 5.086   1.00 71.25  ? 7   C   A N3    1 
ATOM   123 C C4    . C   A 1 7  ? 0.054   -12.150 6.020   1.00 69.91  ? 7   C   A C4    1 
ATOM   124 N N4    . C   A 1 7  ? -1.107  -11.731 6.524   1.00 66.85  ? 7   C   A N4    1 
ATOM   125 C C5    . C   A 1 7  ? 1.276   -11.585 6.478   1.00 71.14  ? 7   C   A C5    1 
ATOM   126 C C6    . C   A 1 7  ? 2.412   -12.046 5.935   1.00 73.63  ? 7   C   A C6    1 
ATOM   127 P P     . G   A 1 8  ? 5.246   -9.682  1.925   1.00 91.18  ? 8   G   A P     1 
ATOM   128 O OP1   . G   A 1 8  ? 6.363   -9.267  1.037   1.00 92.95  ? 8   G   A OP1   1 
ATOM   129 O OP2   . G   A 1 8  ? 4.794   -8.764  3.008   1.00 92.09  ? 8   G   A OP2   1 
ATOM   130 O "O5'" . G   A 1 8  ? 3.991   -10.053 1.010   1.00 87.71  ? 8   G   A "O5'" 1 
ATOM   131 C "C5'" . G   A 1 8  ? 4.132   -10.969 -0.074  1.00 83.20  ? 8   G   A "C5'" 1 
ATOM   132 C "C4'" . G   A 1 8  ? 2.773   -11.410 -0.590  1.00 80.54  ? 8   G   A "C4'" 1 
ATOM   133 O "O4'" . G   A 1 8  ? 2.061   -12.172 0.424   1.00 79.35  ? 8   G   A "O4'" 1 
ATOM   134 C "C3'" . G   A 1 8  ? 1.781   -10.319 -0.952  1.00 78.34  ? 8   G   A "C3'" 1 
ATOM   135 O "O3'" . G   A 1 8  ? 2.067   -9.738  -2.216  1.00 77.46  ? 8   G   A "O3'" 1 
ATOM   136 C "C2'" . G   A 1 8  ? 0.464   -11.084 -0.955  1.00 76.00  ? 8   G   A "C2'" 1 
ATOM   137 O "O2'" . G   A 1 8  ? 0.248   -11.845 -2.125  1.00 74.70  ? 8   G   A "O2'" 1 
ATOM   138 C "C1'" . G   A 1 8  ? 0.659   -12.007 0.249   1.00 75.46  ? 8   G   A "C1'" 1 
ATOM   139 N N9    . G   A 1 8  ? 0.114   -11.376 1.446   1.00 71.85  ? 8   G   A N9    1 
ATOM   140 C C8    . G   A 1 8  ? 0.805   -10.718 2.436   1.00 69.50  ? 8   G   A C8    1 
ATOM   141 N N7    . G   A 1 8  ? 0.022   -10.186 3.335   1.00 68.71  ? 8   G   A N7    1 
ATOM   142 C C5    . G   A 1 8  ? -1.261  -10.531 2.923   1.00 67.92  ? 8   G   A C5    1 
ATOM   143 C C6    . G   A 1 8  ? -2.527  -10.222 3.486   1.00 65.85  ? 8   G   A C6    1 
ATOM   144 O O6    . G   A 1 8  ? -2.778  -9.567  4.498   1.00 64.93  ? 8   G   A O6    1 
ATOM   145 N N1    . G   A 1 8  ? -3.568  -10.757 2.736   1.00 64.74  ? 8   G   A N1    1 
ATOM   146 C C2    . G   A 1 8  ? -3.417  -11.496 1.594   1.00 65.42  ? 8   G   A C2    1 
ATOM   147 N N2    . G   A 1 8  ? -4.544  -11.900 0.997   1.00 64.12  ? 8   G   A N2    1 
ATOM   148 N N3    . G   A 1 8  ? -2.245  -11.807 1.067   1.00 67.04  ? 8   G   A N3    1 
ATOM   149 C C4    . G   A 1 8  ? -1.218  -11.286 1.773   1.00 68.89  ? 8   G   A C4    1 
ATOM   150 P P     . C   A 1 9  ? 1.655   -8.216  -2.486  1.00 73.73  ? 9   C   A P     1 
ATOM   151 O OP1   . C   A 1 9  ? 2.445   -7.726  -3.641  1.00 73.61  ? 9   C   A OP1   1 
ATOM   152 O OP2   . C   A 1 9  ? 1.728   -7.505  -1.186  1.00 74.03  ? 9   C   A OP2   1 
ATOM   153 O "O5'" . C   A 1 9  ? 0.128   -8.338  -2.911  1.00 72.67  ? 9   C   A "O5'" 1 
ATOM   154 C "C5'" . C   A 1 9  ? -0.265  -9.257  -3.916  1.00 69.38  ? 9   C   A "C5'" 1 
ATOM   155 C "C4'" . C   A 1 9  ? -1.762  -9.378  -3.951  1.00 68.32  ? 9   C   A "C4'" 1 
ATOM   156 O "O4'" . C   A 1 9  ? -2.228  -10.073 -2.767  1.00 68.39  ? 9   C   A "O4'" 1 
ATOM   157 C "C3'" . C   A 1 9  ? -2.539  -8.074  -3.924  1.00 68.39  ? 9   C   A "C3'" 1 
ATOM   158 O "O3'" . C   A 1 9  ? -2.586  -7.483  -5.212  1.00 68.71  ? 9   C   A "O3'" 1 
ATOM   159 C "C2'" . C   A 1 9  ? -3.910  -8.564  -3.489  1.00 69.39  ? 9   C   A "C2'" 1 
ATOM   160 O "O2'" . C   A 1 9  ? -4.615  -9.205  -4.537  1.00 70.13  ? 9   C   A "O2'" 1 
ATOM   161 C "C1'" . C   A 1 9  ? -3.523  -9.601  -2.431  1.00 67.86  ? 9   C   A "C1'" 1 
ATOM   162 N N1    . C   A 1 9  ? -3.466  -8.990  -1.102  1.00 65.21  ? 9   C   A N1    1 
ATOM   163 C C2    . C   A 1 9  ? -4.664  -8.728  -0.446  1.00 66.01  ? 9   C   A C2    1 
ATOM   164 O O2    . C   A 1 9  ? -5.733  -9.040  -1.005  1.00 65.73  ? 9   C   A O2    1 
ATOM   165 N N3    . C   A 1 9  ? -4.637  -8.140  0.775   1.00 64.80  ? 9   C   A N3    1 
ATOM   166 C C4    . C   A 1 9  ? -3.470  -7.824  1.335   1.00 61.86  ? 9   C   A C4    1 
ATOM   167 N N4    . C   A 1 9  ? -3.493  -7.239  2.529   1.00 60.55  ? 9   C   A N4    1 
ATOM   168 C C5    . C   A 1 9  ? -2.233  -8.092  0.692   1.00 62.00  ? 9   C   A C5    1 
ATOM   169 C C6    . C   A 1 9  ? -2.276  -8.672  -0.517  1.00 63.98  ? 9   C   A C6    1 
ATOM   170 P P     . U   A 1 10 ? -2.698  -5.883  -5.355  1.00 68.25  ? 10  U   A P     1 
ATOM   171 O OP1   . U   A 1 10 ? -2.729  -5.622  -6.809  1.00 69.28  ? 10  U   A OP1   1 
ATOM   172 O OP2   . U   A 1 10 ? -1.662  -5.210  -4.519  1.00 69.75  ? 10  U   A OP2   1 
ATOM   173 O "O5'" . U   A 1 10 ? -4.125  -5.537  -4.739  1.00 68.20  ? 10  U   A "O5'" 1 
ATOM   174 C "C5'" . U   A 1 10 ? -5.317  -6.007  -5.343  1.00 66.07  ? 10  U   A "C5'" 1 
ATOM   175 C "C4'" . U   A 1 10 ? -6.504  -5.614  -4.504  1.00 66.29  ? 10  U   A "C4'" 1 
ATOM   176 O "O4'" . U   A 1 10 ? -6.453  -6.320  -3.236  1.00 64.39  ? 10  U   A "O4'" 1 
ATOM   177 C "C3'" . U   A 1 10 ? -6.552  -4.150  -4.094  1.00 68.49  ? 10  U   A "C3'" 1 
ATOM   178 O "O3'" . U   A 1 10 ? -7.100  -3.331  -5.119  1.00 72.04  ? 10  U   A "O3'" 1 
ATOM   179 C "C2'" . U   A 1 10 ? -7.454  -4.196  -2.867  1.00 65.90  ? 10  U   A "C2'" 1 
ATOM   180 O "O2'" . U   A 1 10 ? -8.818  -4.283  -3.216  1.00 68.41  ? 10  U   A "O2'" 1 
ATOM   181 C "C1'" . U   A 1 10 ? -6.996  -5.498  -2.208  1.00 62.22  ? 10  U   A "C1'" 1 
ATOM   182 N N1    . U   A 1 10 ? -5.952  -5.253  -1.205  1.00 57.64  ? 10  U   A N1    1 
ATOM   183 C C2    . U   A 1 10 ? -6.346  -4.736  0.005   1.00 57.19  ? 10  U   A C2    1 
ATOM   184 O O2    . U   A 1 10 ? -7.500  -4.506  0.270   1.00 60.03  ? 10  U   A O2    1 
ATOM   185 N N3    . U   A 1 10 ? -5.331  -4.493  0.893   1.00 54.69  ? 10  U   A N3    1 
ATOM   186 C C4    . U   A 1 10 ? -3.990  -4.716  0.685   1.00 53.43  ? 10  U   A C4    1 
ATOM   187 O O4    . U   A 1 10 ? -3.177  -4.395  1.555   1.00 53.65  ? 10  U   A O4    1 
ATOM   188 C C5    . U   A 1 10 ? -3.671  -5.271  -0.593  1.00 52.12  ? 10  U   A C5    1 
ATOM   189 C C6    . U   A 1 10 ? -4.637  -5.515  -1.468  1.00 53.90  ? 10  U   A C6    1 
ATOM   190 P P     . C   A 1 11 ? -6.581  -1.820  -5.287  1.00 73.67  ? 11  C   A P     1 
ATOM   191 O OP1   . C   A 1 11 ? -6.992  -1.342  -6.632  1.00 73.26  ? 11  C   A OP1   1 
ATOM   192 O OP2   . C   A 1 11 ? -5.146  -1.789  -4.908  1.00 75.77  ? 11  C   A OP2   1 
ATOM   193 O "O5'" . C   A 1 11 ? -7.383  -1.020  -4.171  1.00 69.91  ? 11  C   A "O5'" 1 
ATOM   194 C "C5'" . C   A 1 11 ? -8.785  -1.148  -4.053  1.00 64.75  ? 11  C   A "C5'" 1 
ATOM   195 C "C4'" . C   A 1 11 ? -9.234  -0.629  -2.712  1.00 62.05  ? 11  C   A "C4'" 1 
ATOM   196 O "O4'" . C   A 1 11 ? -8.797  -1.524  -1.658  1.00 60.67  ? 11  C   A "O4'" 1 
ATOM   197 C "C3'" . C   A 1 11 ? -8.636  0.702   -2.304  1.00 60.12  ? 11  C   A "C3'" 1 
ATOM   198 O "O3'" . C   A 1 11 ? -9.310  1.764   -2.942  1.00 63.01  ? 11  C   A "O3'" 1 
ATOM   199 C "C2'" . C   A 1 11 ? -8.852  0.689   -0.797  1.00 58.37  ? 11  C   A "C2'" 1 
ATOM   200 O "O2'" . C   A 1 11 ? -10.162 1.017   -0.382  1.00 56.06  ? 11  C   A "O2'" 1 
ATOM   201 C "C1'" . C   A 1 11 ? -8.552  -0.776  -0.477  1.00 57.86  ? 11  C   A "C1'" 1 
ATOM   202 N N1    . C   A 1 11 ? -7.148  -0.945  -0.112  1.00 54.46  ? 11  C   A N1    1 
ATOM   203 C C2    . C   A 1 11 ? -6.757  -0.623  1.180   1.00 55.26  ? 11  C   A C2    1 
ATOM   204 O O2    . C   A 1 11 ? -7.628  -0.236  1.992   1.00 57.55  ? 11  C   A O2    1 
ATOM   205 N N3    . C   A 1 11 ? -5.455  -0.744  1.521   1.00 53.14  ? 11  C   A N3    1 
ATOM   206 C C4    . C   A 1 11 ? -4.573  -1.180  0.623   1.00 50.43  ? 11  C   A C4    1 
ATOM   207 N N4    . C   A 1 11 ? -3.305  -1.295  0.998   1.00 51.70  ? 11  C   A N4    1 
ATOM   208 C C5    . C   A 1 11 ? -4.952  -1.521  -0.698  1.00 50.90  ? 11  C   A C5    1 
ATOM   209 C C6    . C   A 1 11 ? -6.236  -1.392  -1.021  1.00 52.73  ? 11  C   A C6    1 
ATOM   210 P P     . C   A 1 12 ? -8.536  3.137   -3.230  1.00 64.68  ? 12  C   A P     1 
ATOM   211 O OP1   . C   A 1 12 ? -9.493  3.990   -3.986  1.00 64.38  ? 12  C   A OP1   1 
ATOM   212 O OP2   . C   A 1 12 ? -7.208  2.824   -3.821  1.00 63.37  ? 12  C   A OP2   1 
ATOM   213 O "O5'" . C   A 1 12 ? -8.369  3.763   -1.770  1.00 62.18  ? 12  C   A "O5'" 1 
ATOM   214 C "C5'" . C   A 1 12 ? -9.519  4.156   -1.035  1.00 59.40  ? 12  C   A "C5'" 1 
ATOM   215 C "C4'" . C   A 1 12 ? -9.147  4.609   0.353   1.00 57.46  ? 12  C   A "C4'" 1 
ATOM   216 O "O4'" . C   A 1 12 ? -8.585  3.489   1.078   1.00 58.08  ? 12  C   A "O4'" 1 
ATOM   217 C "C3'" . C   A 1 12 ? -8.080  5.676   0.487   1.00 59.46  ? 12  C   A "C3'" 1 
ATOM   218 O "O3'" . C   A 1 12 ? -8.576  6.987   0.260   1.00 63.29  ? 12  C   A "O3'" 1 
ATOM   219 C "C2'" . C   A 1 12 ? -7.661  5.489   1.937   1.00 58.80  ? 12  C   A "C2'" 1 
ATOM   220 O "O2'" . C   A 1 12 ? -8.617  6.027   2.836   1.00 59.10  ? 12  C   A "O2'" 1 
ATOM   221 C "C1'" . C   A 1 12 ? -7.645  3.961   2.037   1.00 56.40  ? 12  C   A "C1'" 1 
ATOM   222 N N1    . C   A 1 12 ? -6.324  3.367   1.739   1.00 52.54  ? 12  C   A N1    1 
ATOM   223 C C2    . C   A 1 12 ? -5.348  3.358   2.739   1.00 52.04  ? 12  C   A C2    1 
ATOM   224 O O2    . C   A 1 12 ? -5.619  3.829   3.847   1.00 51.03  ? 12  C   A O2    1 
ATOM   225 N N3    . C   A 1 12 ? -4.133  2.834   2.470   1.00 51.11  ? 12  C   A N3    1 
ATOM   226 C C4    . C   A 1 12 ? -3.876  2.337   1.259   1.00 51.14  ? 12  C   A C4    1 
ATOM   227 N N4    . C   A 1 12 ? -2.656  1.850   1.034   1.00 52.77  ? 12  C   A N4    1 
ATOM   228 C C5    . C   A 1 12 ? -4.854  2.320   0.226   1.00 48.12  ? 12  C   A C5    1 
ATOM   229 C C6    . C   A 1 12 ? -6.052  2.837   0.508   1.00 50.52  ? 12  C   A C6    1 
ATOM   230 P P     . G   A 1 13 ? -7.554  8.158   -0.157  1.00 65.19  ? 13  G   A P     1 
ATOM   231 O OP1   . G   A 1 13 ? -8.342  9.392   -0.377  1.00 67.84  ? 13  G   A OP1   1 
ATOM   232 O OP2   . G   A 1 13 ? -6.660  7.654   -1.236  1.00 64.55  ? 13  G   A OP2   1 
ATOM   233 O "O5'" . G   A 1 13 ? -6.700  8.403   1.160   1.00 63.80  ? 13  G   A "O5'" 1 
ATOM   234 C "C5'" . G   A 1 13 ? -7.287  9.042   2.282   1.00 62.28  ? 13  G   A "C5'" 1 
ATOM   235 C "C4'" . G   A 1 13 ? -6.238  9.325   3.329   1.00 60.51  ? 13  G   A "C4'" 1 
ATOM   236 O "O4'" . G   A 1 13 ? -5.795  8.086   3.941   1.00 58.33  ? 13  G   A "O4'" 1 
ATOM   237 C "C3'" . G   A 1 13 ? -4.961  9.969   2.830   1.00 60.19  ? 13  G   A "C3'" 1 
ATOM   238 O "O3'" . G   A 1 13 ? -5.114  11.373  2.744   1.00 63.22  ? 13  G   A "O3'" 1 
ATOM   239 C "C2'" . G   A 1 13 ? -3.994  9.612   3.944   1.00 59.48  ? 13  G   A "C2'" 1 
ATOM   240 O "O2'" . G   A 1 13 ? -4.166  10.427  5.086   1.00 61.87  ? 13  G   A "O2'" 1 
ATOM   241 C "C1'" . G   A 1 13 ? -4.417  8.177   4.253   1.00 55.79  ? 13  G   A "C1'" 1 
ATOM   242 N N9    . G   A 1 13 ? -3.693  7.241   3.405   1.00 49.48  ? 13  G   A N9    1 
ATOM   243 C C8    . G   A 1 13 ? -4.128  6.651   2.243   1.00 47.74  ? 13  G   A C8    1 
ATOM   244 N N7    . G   A 1 13 ? -3.221  5.898   1.683   1.00 47.62  ? 13  G   A N7    1 
ATOM   245 C C5    . G   A 1 13 ? -2.130  5.988   2.535   1.00 45.91  ? 13  G   A C5    1 
ATOM   246 C C6    . G   A 1 13 ? -0.850  5.385   2.458   1.00 44.57  ? 13  G   A C6    1 
ATOM   247 O O6    . G   A 1 13 ? -0.415  4.611   1.602   1.00 46.11  ? 13  G   A O6    1 
ATOM   248 N N1    . G   A 1 13 ? -0.043  5.761   3.520   1.00 42.74  ? 13  G   A N1    1 
ATOM   249 C C2    . G   A 1 13 ? -0.420  6.598   4.532   1.00 45.80  ? 13  G   A C2    1 
ATOM   250 N N2    . G   A 1 13 ? 0.519   6.875   5.451   1.00 46.64  ? 13  G   A N2    1 
ATOM   251 N N3    . G   A 1 13 ? -1.622  7.141   4.634   1.00 44.57  ? 13  G   A N3    1 
ATOM   252 C C4    . G   A 1 13 ? -2.413  6.803   3.606   1.00 46.17  ? 13  G   A C4    1 
ATOM   253 P P     . G   A 1 14 ? -4.257  12.205  1.671   1.00 67.48  ? 14  G   A P     1 
ATOM   254 O OP1   . G   A 1 14 ? -4.645  13.623  1.887   1.00 68.16  ? 14  G   A OP1   1 
ATOM   255 O OP2   . G   A 1 14 ? -4.426  11.593  0.328   1.00 67.56  ? 14  G   A OP2   1 
ATOM   256 O "O5'" . G   A 1 14 ? -2.739  12.008  2.137   1.00 67.48  ? 14  G   A "O5'" 1 
ATOM   257 C "C5'" . G   A 1 14 ? -2.320  12.449  3.427   1.00 65.45  ? 14  G   A "C5'" 1 
ATOM   258 C "C4'" . G   A 1 14 ? -0.919  11.971  3.745   1.00 62.63  ? 14  G   A "C4'" 1 
ATOM   259 O "O4'" . G   A 1 14 ? -0.863  10.522  3.761   1.00 58.45  ? 14  G   A "O4'" 1 
ATOM   260 C "C3'" . G   A 1 14 ? 0.210   12.319  2.791   1.00 63.65  ? 14  G   A "C3'" 1 
ATOM   261 O "O3'" . G   A 1 14 ? 0.627   13.672  2.938   1.00 68.81  ? 14  G   A "O3'" 1 
ATOM   262 C "C2'" . G   A 1 14 ? 1.297   11.372  3.290   1.00 60.03  ? 14  G   A "C2'" 1 
ATOM   263 O "O2'" . G   A 1 14 ? 1.868   11.816  4.504   1.00 57.10  ? 14  G   A "O2'" 1 
ATOM   264 C "C1'" . G   A 1 14 ? 0.483   10.108  3.563   1.00 56.28  ? 14  G   A "C1'" 1 
ATOM   265 N N9    . G   A 1 14 ? 0.543   9.167   2.450   1.00 51.16  ? 14  G   A N9    1 
ATOM   266 C C8    . G   A 1 14 ? -0.437  8.896   1.530   1.00 50.87  ? 14  G   A C8    1 
ATOM   267 N N7    . G   A 1 14 ? -0.085  7.990   0.658   1.00 47.42  ? 14  G   A N7    1 
ATOM   268 C C5    . G   A 1 14 ? 1.204   7.642   1.028   1.00 46.96  ? 14  G   A C5    1 
ATOM   269 C C6    . G   A 1 14 ? 2.095   6.677   0.478   1.00 46.21  ? 14  G   A C6    1 
ATOM   270 O O6    . G   A 1 14 ? 1.903   5.900   -0.474  1.00 45.11  ? 14  G   A O6    1 
ATOM   271 N N1    . G   A 1 14 ? 3.307   6.657   1.162   1.00 43.93  ? 14  G   A N1    1 
ATOM   272 C C2    . G   A 1 14 ? 3.610   7.446   2.241   1.00 44.88  ? 14  G   A C2    1 
ATOM   273 N N2    . G   A 1 14 ? 4.821   7.284   2.763   1.00 44.39  ? 14  G   A N2    1 
ATOM   274 N N3    . G   A 1 14 ? 2.784   8.329   2.770   1.00 45.91  ? 14  G   A N3    1 
ATOM   275 C C4    . G   A 1 14 ? 1.609   8.372   2.123   1.00 47.73  ? 14  G   A C4    1 
ATOM   276 P P     . A   A 1 15 ? 1.478   14.380  1.768   1.00 70.56  ? 15  A   A P     1 
ATOM   277 O OP1   . A   A 1 15 ? 1.475   15.807  2.181   1.00 71.62  ? 15  A   A OP1   1 
ATOM   278 O OP2   . A   A 1 15 ? 0.934   13.996  0.435   1.00 69.03  ? 15  A   A OP2   1 
ATOM   279 O "O5'" . A   A 1 15 ? 2.963   13.802  1.912   1.00 65.33  ? 15  A   A "O5'" 1 
ATOM   280 C "C5'" . A   A 1 15 ? 3.809   14.253  2.963   1.00 60.99  ? 15  A   A "C5'" 1 
ATOM   281 C "C4'" . A   A 1 15 ? 5.136   13.536  2.929   1.00 58.56  ? 15  A   A "C4'" 1 
ATOM   282 O "O4'" . A   A 1 15 ? 4.893   12.110  2.938   1.00 56.50  ? 15  A   A "O4'" 1 
ATOM   283 C "C3'" . A   A 1 15 ? 6.025   13.777  1.717   1.00 57.76  ? 15  A   A "C3'" 1 
ATOM   284 O "O3'" . A   A 1 15 ? 6.897   14.884  1.936   1.00 57.94  ? 15  A   A "O3'" 1 
ATOM   285 C "C2'" . A   A 1 15 ? 6.873   12.517  1.682   1.00 57.38  ? 15  A   A "C2'" 1 
ATOM   286 O "O2'" . A   A 1 15 ? 7.953   12.636  2.577   1.00 58.82  ? 15  A   A "O2'" 1 
ATOM   287 C "C1'" . A   A 1 15 ? 5.885   11.455  2.170   1.00 55.43  ? 15  A   A "C1'" 1 
ATOM   288 N N9    . A   A 1 15 ? 5.214   10.738  1.087   1.00 51.85  ? 15  A   A N9    1 
ATOM   289 C C8    . A   A 1 15 ? 3.968   10.989  0.550   1.00 52.79  ? 15  A   A C8    1 
ATOM   290 N N7    . A   A 1 15 ? 3.627   10.157  -0.408  1.00 50.17  ? 15  A   A N7    1 
ATOM   291 C C5    . A   A 1 15 ? 4.723   9.309   -0.510  1.00 48.86  ? 15  A   A C5    1 
ATOM   292 C C6    . A   A 1 15 ? 4.984   8.208   -1.336  1.00 47.91  ? 15  A   A C6    1 
ATOM   293 N N6    . A   A 1 15 ? 4.119   7.765   -2.248  1.00 48.10  ? 15  A   A N6    1 
ATOM   294 N N1    . A   A 1 15 ? 6.167   7.572   -1.190  1.00 44.82  ? 15  A   A N1    1 
ATOM   295 C C2    . A   A 1 15 ? 7.020   8.026   -0.267  1.00 44.10  ? 15  A   A C2    1 
ATOM   296 N N3    . A   A 1 15 ? 6.887   9.054   0.577   1.00 45.48  ? 15  A   A N3    1 
ATOM   297 C C4    . A   A 1 15 ? 5.705   9.658   0.402   1.00 48.20  ? 15  A   A C4    1 
ATOM   298 P P     . A   A 1 16 ? 7.444   15.741  0.681   1.00 57.93  ? 16  A   A P     1 
ATOM   299 O OP1   . A   A 1 16 ? 8.263   16.879  1.155   1.00 56.37  ? 16  A   A OP1   1 
ATOM   300 O OP2   . A   A 1 16 ? 6.256   15.992  -0.183  1.00 56.72  ? 16  A   A OP2   1 
ATOM   301 O "O5'" . A   A 1 16 ? 8.462   14.768  -0.059  1.00 57.69  ? 16  A   A "O5'" 1 
ATOM   302 C "C5'" . A   A 1 16 ? 9.564   15.293  -0.796  1.00 56.84  ? 16  A   A "C5'" 1 
ATOM   303 C "C4'" . A   A 1 16 ? 10.812  14.509  -0.483  1.00 56.71  ? 16  A   A "C4'" 1 
ATOM   304 O "O4'" . A   A 1 16 ? 11.285  14.863  0.831   1.00 54.75  ? 16  A   A "O4'" 1 
ATOM   305 C "C3'" . A   A 1 16 ? 10.586  13.004  -0.423  1.00 57.91  ? 16  A   A "C3'" 1 
ATOM   306 O "O3'" . A   A 1 16 ? 10.802  12.365  -1.678  1.00 58.93  ? 16  A   A "O3'" 1 
ATOM   307 C "C2'" . A   A 1 16 ? 11.667  12.503  0.539   1.00 57.67  ? 16  A   A "C2'" 1 
ATOM   308 O "O2'" . A   A 1 16 ? 12.856  12.022  -0.085  1.00 55.34  ? 16  A   A "O2'" 1 
ATOM   309 C "C1'" . A   A 1 16 ? 11.961  13.751  1.376   1.00 56.27  ? 16  A   A "C1'" 1 
ATOM   310 N N9    . A   A 1 16 ? 11.626  13.627  2.785   1.00 52.96  ? 16  A   A N9    1 
ATOM   311 C C8    . A   A 1 16 ? 10.580  14.141  3.502   1.00 51.91  ? 16  A   A C8    1 
ATOM   312 N N7    . A   A 1 16 ? 10.667  13.910  4.787   1.00 52.26  ? 16  A   A N7    1 
ATOM   313 C C5    . A   A 1 16 ? 11.840  13.174  4.914   1.00 51.40  ? 16  A   A C5    1 
ATOM   314 C C6    . A   A 1 16 ? 12.518  12.664  6.022   1.00 51.42  ? 16  A   A C6    1 
ATOM   315 N N6    . A   A 1 16 ? 12.106  12.840  7.275   1.00 53.26  ? 16  A   A N6    1 
ATOM   316 N N1    . A   A 1 16 ? 13.660  11.975  5.802   1.00 49.74  ? 16  A   A N1    1 
ATOM   317 C C2    . A   A 1 16 ? 14.091  11.842  4.550   1.00 48.75  ? 16  A   A C2    1 
ATOM   318 N N3    . A   A 1 16 ? 13.553  12.296  3.427   1.00 47.78  ? 16  A   A N3    1 
ATOM   319 C C4    . A   A 1 16 ? 12.417  12.963  3.685   1.00 51.19  ? 16  A   A C4    1 
ATOM   320 P P     . A   A 1 17 ? 11.593  13.118  -2.865  1.00 54.33  ? 17  A   A P     1 
ATOM   321 O OP1   . A   A 1 17 ? 12.976  13.393  -2.431  1.00 52.82  ? 17  A   A OP1   1 
ATOM   322 O OP2   . A   A 1 17 ? 10.752  14.217  -3.395  1.00 54.68  ? 17  A   A OP2   1 
ATOM   323 O "O5'" . A   A 1 17 ? 11.676  11.975  -3.968  1.00 56.91  ? 17  A   A "O5'" 1 
ATOM   324 C "C5'" . A   A 1 17 ? 12.133  10.657  -3.632  1.00 52.77  ? 17  A   A "C5'" 1 
ATOM   325 C "C4'" . A   A 1 17 ? 11.016  9.646   -3.816  1.00 50.37  ? 17  A   A "C4'" 1 
ATOM   326 O "O4'" . A   A 1 17 ? 10.073  9.674   -2.699  1.00 46.42  ? 17  A   A "O4'" 1 
ATOM   327 C "C3'" . A   A 1 17 ? 10.134  9.861   -5.034  1.00 49.53  ? 17  A   A "C3'" 1 
ATOM   328 O "O3'" . A   A 1 17 ? 10.764  9.420   -6.235  1.00 51.46  ? 17  A   A "O3'" 1 
ATOM   329 C "C2'" . A   A 1 17 ? 8.907   9.026   -4.671  1.00 47.99  ? 17  A   A "C2'" 1 
ATOM   330 O "O2'" . A   A 1 17 ? 9.136   7.640   -4.895  1.00 46.00  ? 17  A   A "O2'" 1 
ATOM   331 C "C1'" . A   A 1 17 ? 8.779   9.310   -3.167  1.00 45.03  ? 17  A   A "C1'" 1 
ATOM   332 N N9    . A   A 1 17 ? 7.826   10.369  -2.808  1.00 40.57  ? 17  A   A N9    1 
ATOM   333 C C8    . A   A 1 17 ? 8.017   11.414  -1.939  1.00 40.72  ? 17  A   A C8    1 
ATOM   334 N N7    . A   A 1 17 ? 6.968   12.191  -1.802  1.00 38.43  ? 17  A   A N7    1 
ATOM   335 C C5    . A   A 1 17 ? 6.023   11.624  -2.640  1.00 37.02  ? 17  A   A C5    1 
ATOM   336 C C6    . A   A 1 17 ? 4.676   11.962  -2.928  1.00 38.28  ? 17  A   A C6    1 
ATOM   337 N N6    . A   A 1 17 ? 4.021   12.990  -2.376  1.00 37.02  ? 17  A   A N6    1 
ATOM   338 N N1    . A   A 1 17 ? 4.008   11.182  -3.802  1.00 37.94  ? 17  A   A N1    1 
ATOM   339 C C2    . A   A 1 17 ? 4.647   10.123  -4.332  1.00 42.55  ? 17  A   A C2    1 
ATOM   340 N N3    . A   A 1 17 ? 5.902   9.698   -4.129  1.00 41.37  ? 17  A   A N3    1 
ATOM   341 C C4    . A   A 1 17 ? 6.539   10.503  -3.267  1.00 37.84  ? 17  A   A C4    1 
ATOM   342 P P     . A   A 1 18 ? 10.388  10.129  -7.636  1.00 54.60  ? 18  A   A P     1 
ATOM   343 O OP1   . A   A 1 18 ? 10.787  11.553  -7.513  1.00 55.18  ? 18  A   A OP1   1 
ATOM   344 O OP2   . A   A 1 18 ? 8.984   9.795   -7.991  1.00 54.46  ? 18  A   A OP2   1 
ATOM   345 O "O5'" . A   A 1 18 ? 11.385  9.466   -8.684  1.00 51.25  ? 18  A   A "O5'" 1 
ATOM   346 C "C5'" . A   A 1 18 ? 12.770  9.750   -8.601  1.00 53.15  ? 18  A   A "C5'" 1 
ATOM   347 C "C4'" . A   A 1 18 ? 13.553  8.809   -9.467  1.00 55.21  ? 18  A   A "C4'" 1 
ATOM   348 O "O4'" . A   A 1 18 ? 13.150  7.448   -9.169  1.00 58.33  ? 18  A   A "O4'" 1 
ATOM   349 C "C3'" . A   A 1 18 ? 13.335  8.933   -10.962 1.00 56.11  ? 18  A   A "C3'" 1 
ATOM   350 O "O3'" . A   A 1 18 ? 14.161  9.981   -11.473 1.00 55.71  ? 18  A   A "O3'" 1 
ATOM   351 C "C2'" . A   A 1 18 ? 13.793  7.557   -11.447 1.00 56.82  ? 18  A   A "C2'" 1 
ATOM   352 O "O2'" . A   A 1 18 ? 15.198  7.412   -11.502 1.00 59.30  ? 18  A   A "O2'" 1 
ATOM   353 C "C1'" . A   A 1 18 ? 13.276  6.650   -10.333 1.00 57.18  ? 18  A   A "C1'" 1 
ATOM   354 N N9    . A   A 1 18 ? 11.971  6.073   -10.626 1.00 56.40  ? 18  A   A N9    1 
ATOM   355 C C8    . A   A 1 18 ? 10.759  6.708   -10.593 1.00 57.98  ? 18  A   A C8    1 
ATOM   356 N N7    . A   A 1 18 ? 9.750   5.940   -10.920 1.00 57.97  ? 18  A   A N7    1 
ATOM   357 C C5    . A   A 1 18 ? 10.340  4.713   -11.180 1.00 56.27  ? 18  A   A C5    1 
ATOM   358 C C6    . A   A 1 18 ? 9.803   3.486   -11.567 1.00 56.10  ? 18  A   A C6    1 
ATOM   359 N N6    . A   A 1 18 ? 8.494   3.290   -11.771 1.00 55.38  ? 18  A   A N6    1 
ATOM   360 N N1    . A   A 1 18 ? 10.661  2.453   -11.738 1.00 55.29  ? 18  A   A N1    1 
ATOM   361 C C2    . A   A 1 18 ? 11.966  2.663   -11.525 1.00 53.66  ? 18  A   A C2    1 
ATOM   362 N N3    . A   A 1 18 ? 12.589  3.776   -11.155 1.00 54.04  ? 18  A   A N3    1 
ATOM   363 C C4    . A   A 1 18 ? 11.707  4.778   -10.998 1.00 55.71  ? 18  A   A C4    1 
ATOM   364 P P     . G   A 1 19 ? 13.494  11.244  -12.217 1.00 52.43  ? 19  G   A P     1 
ATOM   365 O OP1   . G   A 1 19 ? 14.569  11.931  -12.966 1.00 55.49  ? 19  G   A OP1   1 
ATOM   366 O OP2   . G   A 1 19 ? 12.698  12.021  -11.247 1.00 56.84  ? 19  G   A OP2   1 
ATOM   367 O "O5'" . G   A 1 19 ? 12.492  10.584  -13.259 1.00 52.83  ? 19  G   A "O5'" 1 
ATOM   368 C "C5'" . G   A 1 19 ? 12.960  9.690   -14.254 1.00 56.45  ? 19  G   A "C5'" 1 
ATOM   369 C "C4'" . G   A 1 19 ? 11.872  8.713   -14.604 1.00 59.81  ? 19  G   A "C4'" 1 
ATOM   370 O "O4'" . G   A 1 19 ? 11.271  8.309   -13.344 1.00 61.72  ? 19  G   A "O4'" 1 
ATOM   371 C "C3'" . G   A 1 19 ? 10.688  9.260   -15.387 1.00 63.10  ? 19  G   A "C3'" 1 
ATOM   372 O "O3'" . G   A 1 19 ? 10.901  9.207   -16.789 1.00 69.70  ? 19  G   A "O3'" 1 
ATOM   373 C "C2'" . G   A 1 19 ? 9.594   8.285   -15.001 1.00 61.79  ? 19  G   A "C2'" 1 
ATOM   374 O "O2'" . G   A 1 19 ? 9.768   7.036   -15.637 1.00 64.75  ? 19  G   A "O2'" 1 
ATOM   375 C "C1'" . G   A 1 19 ? 9.872   8.139   -13.510 1.00 59.80  ? 19  G   A "C1'" 1 
ATOM   376 N N9    . G   A 1 19 ? 9.178   9.172   -12.750 1.00 55.24  ? 19  G   A N9    1 
ATOM   377 C C8    . G   A 1 19 ? 9.699   10.278  -12.111 1.00 54.72  ? 19  G   A C8    1 
ATOM   378 N N7    . G   A 1 19 ? 8.785   11.012  -11.535 1.00 53.62  ? 19  G   A N7    1 
ATOM   379 C C5    . G   A 1 19 ? 7.596   10.341  -11.810 1.00 54.40  ? 19  G   A C5    1 
ATOM   380 C C6    . G   A 1 19 ? 6.251   10.640  -11.448 1.00 54.42  ? 19  G   A C6    1 
ATOM   381 O O6    . G   A 1 19 ? 5.819   11.604  -10.796 1.00 55.87  ? 19  G   A O6    1 
ATOM   382 N N1    . G   A 1 19 ? 5.370   9.680   -11.936 1.00 52.68  ? 19  G   A N1    1 
ATOM   383 C C2    . G   A 1 19 ? 5.731   8.589   -12.686 1.00 53.23  ? 19  G   A C2    1 
ATOM   384 N N2    . G   A 1 19 ? 4.744   7.776   -13.090 1.00 54.17  ? 19  G   A N2    1 
ATOM   385 N N3    . G   A 1 19 ? 6.969   8.307   -13.024 1.00 53.24  ? 19  G   A N3    1 
ATOM   386 C C4    . G   A 1 19 ? 7.837   9.211   -12.557 1.00 52.71  ? 19  G   A C4    1 
ATOM   387 P P     . U   A 1 20 ? 10.099  10.215  -17.750 1.00 71.24  ? 20  U   A P     1 
ATOM   388 O OP1   . U   A 1 20 ? 10.556  9.920   -19.130 1.00 71.12  ? 20  U   A OP1   1 
ATOM   389 O OP2   . U   A 1 20 ? 10.234  11.591  -17.200 1.00 70.16  ? 20  U   A OP2   1 
ATOM   390 O "O5'" . U   A 1 20 ? 8.580   9.761   -17.609 1.00 73.38  ? 20  U   A "O5'" 1 
ATOM   391 C "C5'" . U   A 1 20 ? 8.149   8.508   -18.113 1.00 77.82  ? 20  U   A "C5'" 1 
ATOM   392 C "C4'" . U   A 1 20 ? 6.642   8.435   -18.112 1.00 81.26  ? 20  U   A "C4'" 1 
ATOM   393 O "O4'" . U   A 1 20 ? 6.148   8.545   -16.751 1.00 81.15  ? 20  U   A "O4'" 1 
ATOM   394 C "C3'" . U   A 1 20 ? 5.900   9.548   -18.832 1.00 84.02  ? 20  U   A "C3'" 1 
ATOM   395 O "O3'" . U   A 1 20 ? 5.919   9.334   -20.248 1.00 89.45  ? 20  U   A "O3'" 1 
ATOM   396 C "C2'" . U   A 1 20 ? 4.502   9.405   -18.227 1.00 82.34  ? 20  U   A "C2'" 1 
ATOM   397 O "O2'" . U   A 1 20 ? 3.764   8.323   -18.759 1.00 82.16  ? 20  U   A "O2'" 1 
ATOM   398 C "C1'" . U   A 1 20 ? 4.829   9.056   -16.774 1.00 80.12  ? 20  U   A "C1'" 1 
ATOM   399 N N1    . U   A 1 20 ? 4.731   10.192  -15.847 1.00 78.19  ? 20  U   A N1    1 
ATOM   400 C C2    . U   A 1 20 ? 3.459   10.654  -15.560 1.00 79.14  ? 20  U   A C2    1 
ATOM   401 O O2    . U   A 1 20 ? 2.457   10.156  -16.047 1.00 84.60  ? 20  U   A O2    1 
ATOM   402 N N3    . U   A 1 20 ? 3.396   11.714  -14.691 1.00 76.07  ? 20  U   A N3    1 
ATOM   403 C C4    . U   A 1 20 ? 4.457   12.339  -14.087 1.00 76.78  ? 20  U   A C4    1 
ATOM   404 O O4    . U   A 1 20 ? 4.246   13.262  -13.300 1.00 76.20  ? 20  U   A O4    1 
ATOM   405 C C5    . U   A 1 20 ? 5.747   11.804  -14.436 1.00 76.47  ? 20  U   A C5    1 
ATOM   406 C C6    . U   A 1 20 ? 5.835   10.774  -15.285 1.00 76.37  ? 20  U   A C6    1 
ATOM   407 P P     . C   A 1 21 ? 6.110   10.582  -21.262 1.00 92.82  ? 21  C   A P     1 
ATOM   408 O OP1   . C   A 1 21 ? 6.317   9.995   -22.610 1.00 94.21  ? 21  C   A OP1   1 
ATOM   409 O OP2   . C   A 1 21 ? 7.101   11.561  -20.730 1.00 92.24  ? 21  C   A OP2   1 
ATOM   410 O "O5'" . C   A 1 21 ? 4.697   11.310  -21.264 1.00 92.74  ? 21  C   A "O5'" 1 
ATOM   411 C "C5'" . C   A 1 21 ? 3.541   10.650  -21.759 1.00 93.41  ? 21  C   A "C5'" 1 
ATOM   412 C "C4'" . C   A 1 21 ? 2.305   11.357  -21.274 1.00 93.67  ? 21  C   A "C4'" 1 
ATOM   413 O "O4'" . C   A 1 21 ? 2.227   11.234  -19.828 1.00 93.33  ? 21  C   A "O4'" 1 
ATOM   414 C "C3'" . C   A 1 21 ? 2.300   12.860  -21.498 1.00 94.08  ? 21  C   A "C3'" 1 
ATOM   415 O "O3'" . C   A 1 21 ? 1.917   13.208  -22.819 1.00 96.43  ? 21  C   A "O3'" 1 
ATOM   416 C "C2'" . C   A 1 21 ? 1.295   13.327  -20.457 1.00 93.16  ? 21  C   A "C2'" 1 
ATOM   417 O "O2'" . C   A 1 21 ? -0.051  13.125  -20.843 1.00 92.50  ? 21  C   A "O2'" 1 
ATOM   418 C "C1'" . C   A 1 21 ? 1.652   12.413  -19.283 1.00 92.77  ? 21  C   A "C1'" 1 
ATOM   419 N N1    . C   A 1 21 ? 2.631   13.050  -18.389 1.00 90.41  ? 21  C   A N1    1 
ATOM   420 C C2    . C   A 1 21 ? 2.156   13.858  -17.359 1.00 89.39  ? 21  C   A C2    1 
ATOM   421 O O2    . C   A 1 21 ? 0.930   13.988  -17.223 1.00 90.02  ? 21  C   A O2    1 
ATOM   422 N N3    . C   A 1 21 ? 3.034   14.477  -16.544 1.00 87.71  ? 21  C   A N3    1 
ATOM   423 C C4    . C   A 1 21 ? 4.342   14.316  -16.731 1.00 87.22  ? 21  C   A C4    1 
ATOM   424 N N4    . C   A 1 21 ? 5.165   14.962  -15.917 1.00 87.14  ? 21  C   A N4    1 
ATOM   425 C C5    . C   A 1 21 ? 4.860   13.486  -17.766 1.00 87.88  ? 21  C   A C5    1 
ATOM   426 C C6    . C   A 1 21 ? 3.976   12.873  -18.565 1.00 89.20  ? 21  C   A C6    1 
ATOM   427 P P     . G   A 1 22 ? 2.519   14.542  -23.493 1.00 98.59  ? 22  G   A P     1 
ATOM   428 O OP1   . G   A 1 22 ? 2.166   14.486  -24.934 1.00 98.71  ? 22  G   A OP1   1 
ATOM   429 O OP2   . G   A 1 22 ? 3.947   14.674  -23.093 1.00 98.07  ? 22  G   A OP2   1 
ATOM   430 O "O5'" . G   A 1 22 ? 1.693   15.727  -22.818 1.00 97.00  ? 22  G   A "O5'" 1 
ATOM   431 C "C5'" . G   A 1 22 ? 0.277   15.762  -22.922 1.00 97.42  ? 22  G   A "C5'" 1 
ATOM   432 C "C4'" . G   A 1 22 ? -0.308  16.681  -21.878 1.00 97.80  ? 22  G   A "C4'" 1 
ATOM   433 O "O4'" . G   A 1 22 ? 0.016   16.196  -20.549 1.00 99.30  ? 22  G   A "O4'" 1 
ATOM   434 C "C3'" . G   A 1 22 ? 0.228   18.098  -21.859 1.00 97.89  ? 22  G   A "C3'" 1 
ATOM   435 O "O3'" . G   A 1 22 ? -0.366  18.899  -22.867 1.00 98.46  ? 22  G   A "O3'" 1 
ATOM   436 C "C2'" . G   A 1 22 ? -0.173  18.565  -20.466 1.00 97.77  ? 22  G   A "C2'" 1 
ATOM   437 O "O2'" . G   A 1 22 ? -1.527  18.957  -20.381 1.00 96.50  ? 22  G   A "O2'" 1 
ATOM   438 C "C1'" . G   A 1 22 ? 0.057   17.295  -19.648 1.00 98.90  ? 22  G   A "C1'" 1 
ATOM   439 N N9    . G   A 1 22 ? 1.345   17.311  -18.957 1.00 98.97  ? 22  G   A N9    1 
ATOM   440 C C8    . G   A 1 22 ? 2.472   16.574  -19.232 1.00 98.19  ? 22  G   A C8    1 
ATOM   441 N N7    . G   A 1 22 ? 3.464   16.837  -18.424 1.00 97.16  ? 22  G   A N7    1 
ATOM   442 C C5    . G   A 1 22 ? 2.958   17.803  -17.564 1.00 97.97  ? 22  G   A C5    1 
ATOM   443 C C6    . G   A 1 22 ? 3.565   18.482  -16.474 1.00 98.41  ? 22  G   A C6    1 
ATOM   444 O O6    . G   A 1 22 ? 4.712   18.360  -16.031 1.00 99.08  ? 22  G   A O6    1 
ATOM   445 N N1    . G   A 1 22 ? 2.689   19.388  -15.884 1.00 98.65  ? 22  G   A N1    1 
ATOM   446 C C2    . G   A 1 22 ? 1.398   19.615  -16.287 1.00 98.96  ? 22  G   A C2    1 
ATOM   447 N N2    . G   A 1 22 ? 0.709   20.541  -15.601 1.00 99.03  ? 22  G   A N2    1 
ATOM   448 N N3    . G   A 1 22 ? 0.821   18.986  -17.292 1.00 99.29  ? 22  G   A N3    1 
ATOM   449 C C4    . G   A 1 22 ? 1.653   18.103  -17.881 1.00 98.60  ? 22  G   A C4    1 
ATOM   450 P P     . C   A 1 23 ? 0.396   20.218  -23.378 1.00 97.83  ? 23  C   A P     1 
ATOM   451 O OP1   . C   A 1 23 ? -0.420  20.796  -24.472 1.00 99.63  ? 23  C   A OP1   1 
ATOM   452 O OP2   . C   A 1 23 ? 1.818   19.866  -23.638 1.00 98.02  ? 23  C   A OP2   1 
ATOM   453 O "O5'" . C   A 1 23 ? 0.321   21.203  -22.125 1.00 97.12  ? 23  C   A "O5'" 1 
ATOM   454 C "C5'" . C   A 1 23 ? -0.936  21.669  -21.644 1.00 96.68  ? 23  C   A "C5'" 1 
ATOM   455 C "C4'" . C   A 1 23 ? -0.732  22.636  -20.508 1.00 97.10  ? 23  C   A "C4'" 1 
ATOM   456 O "O4'" . C   A 1 23 ? -0.111  21.943  -19.397 1.00 97.61  ? 23  C   A "O4'" 1 
ATOM   457 C "C3'" . C   A 1 23 ? 0.221   23.782  -20.794 1.00 97.99  ? 23  C   A "C3'" 1 
ATOM   458 O "O3'" . C   A 1 23 ? -0.392  24.820  -21.567 1.00 99.11  ? 23  C   A "O3'" 1 
ATOM   459 C "C2'" . C   A 1 23 ? 0.657   24.204  -19.395 1.00 97.93  ? 23  C   A "C2'" 1 
ATOM   460 O "O2'" . C   A 1 23 ? -0.267  25.080  -18.776 1.00 99.07  ? 23  C   A "O2'" 1 
ATOM   461 C "C1'" . C   A 1 23 ? 0.687   22.857  -18.659 1.00 96.71  ? 23  C   A "C1'" 1 
ATOM   462 N N1    . C   A 1 23 ? 2.039   22.286  -18.499 1.00 93.66  ? 23  C   A N1    1 
ATOM   463 C C2    . C   A 1 23 ? 2.832   22.728  -17.434 1.00 91.86  ? 23  C   A C2    1 
ATOM   464 O O2    . C   A 1 23 ? 2.365   23.568  -16.648 1.00 91.77  ? 23  C   A O2    1 
ATOM   465 N N3    . C   A 1 23 ? 4.080   22.227  -17.288 1.00 90.15  ? 23  C   A N3    1 
ATOM   466 C C4    . C   A 1 23 ? 4.536   21.312  -18.149 1.00 88.86  ? 23  C   A C4    1 
ATOM   467 N N4    . C   A 1 23 ? 5.772   20.844  -17.970 1.00 87.08  ? 23  C   A N4    1 
ATOM   468 C C5    . C   A 1 23 ? 3.743   20.835  -19.233 1.00 89.21  ? 23  C   A C5    1 
ATOM   469 C C6    . C   A 1 23 ? 2.514   21.346  -19.371 1.00 91.32  ? 23  C   A C6    1 
ATOM   470 P P     . G   B 1 3  ? 12.355  25.010  -9.065  1.00 110.04 ? 26  G   B P     1 
ATOM   471 O OP1   . G   B 1 3  ? 12.212  25.646  -7.687  1.00 109.41 ? 26  G   B OP1   1 
ATOM   472 O OP2   . G   B 1 3  ? 13.547  24.066  -9.160  1.00 109.44 ? 26  G   B OP2   1 
ATOM   473 O "O5'" . G   B 1 3  ? 11.035  24.073  -9.294  1.00 108.85 ? 26  G   B "O5'" 1 
ATOM   474 C "C5'" . G   B 1 3  ? 9.973   24.012  -8.316  1.00 106.86 ? 26  G   B "C5'" 1 
ATOM   475 C "C4'" . G   B 1 3  ? 8.789   24.843  -8.766  1.00 105.10 ? 26  G   B "C4'" 1 
ATOM   476 O "O4'" . G   B 1 3  ? 9.013   25.320  -10.122 1.00 104.75 ? 26  G   B "O4'" 1 
ATOM   477 C "C3'" . G   B 1 3  ? 7.468   24.095  -8.847  1.00 103.77 ? 26  G   B "C3'" 1 
ATOM   478 O "O3'" . G   B 1 3  ? 6.812   24.079  -7.593  1.00 102.78 ? 26  G   B "O3'" 1 
ATOM   479 C "C2'" . G   B 1 3  ? 6.685   24.913  -9.861  1.00 103.38 ? 26  G   B "C2'" 1 
ATOM   480 O "O2'" . G   B 1 3  ? 6.095   26.060  -9.281  1.00 102.48 ? 26  G   B "O2'" 1 
ATOM   481 C "C1'" . G   B 1 3  ? 7.789   25.311  -10.844 1.00 103.32 ? 26  G   B "C1'" 1 
ATOM   482 N N9    . G   B 1 3  ? 7.944   24.396  -11.976 1.00 100.82 ? 26  G   B N9    1 
ATOM   483 C C8    . G   B 1 3  ? 9.059   23.652  -12.269 1.00 99.48  ? 26  G   B C8    1 
ATOM   484 N N7    . G   B 1 3  ? 8.924   22.928  -13.345 1.00 99.21  ? 26  G   B N7    1 
ATOM   485 C C5    . G   B 1 3  ? 7.641   23.209  -13.794 1.00 98.57  ? 26  G   B C5    1 
ATOM   486 C C6    . G   B 1 3  ? 6.942   22.721  -14.924 1.00 97.72  ? 26  G   B C6    1 
ATOM   487 O O6    . G   B 1 3  ? 7.334   21.924  -15.784 1.00 97.45  ? 26  G   B O6    1 
ATOM   488 N N1    . G   B 1 3  ? 5.662   23.257  -15.005 1.00 97.12  ? 26  G   B N1    1 
ATOM   489 C C2    . G   B 1 3  ? 5.124   24.150  -14.114 1.00 97.10  ? 26  G   B C2    1 
ATOM   490 N N2    . G   B 1 3  ? 3.867   24.538  -14.361 1.00 96.99  ? 26  G   B N2    1 
ATOM   491 N N3    . G   B 1 3  ? 5.769   24.623  -13.058 1.00 97.64  ? 26  G   B N3    1 
ATOM   492 C C4    . G   B 1 3  ? 7.016   24.111  -12.960 1.00 99.10  ? 26  G   B C4    1 
ATOM   493 P P     . C   B 1 4  ? 5.736   22.934  -7.282  1.00 102.55 ? 27  C   B P     1 
ATOM   494 O OP1   . C   B 1 4  ? 5.254   23.147  -5.900  1.00 103.83 ? 27  C   B OP1   1 
ATOM   495 O OP2   . C   B 1 4  ? 6.331   21.631  -7.665  1.00 102.50 ? 27  C   B OP2   1 
ATOM   496 O "O5'" . C   B 1 4  ? 4.536   23.237  -8.282  1.00 103.11 ? 27  C   B "O5'" 1 
ATOM   497 C "C5'" . C   B 1 4  ? 3.715   24.392  -8.130  1.00 102.69 ? 27  C   B "C5'" 1 
ATOM   498 C "C4'" . C   B 1 4  ? 2.516   24.287  -9.041  1.00 102.80 ? 27  C   B "C4'" 1 
ATOM   499 O "O4'" . C   B 1 4  ? 2.942   24.400  -10.427 1.00 102.04 ? 27  C   B "O4'" 1 
ATOM   500 C "C3'" . C   B 1 4  ? 1.812   22.942  -8.978  1.00 103.12 ? 27  C   B "C3'" 1 
ATOM   501 O "O3'" . C   B 1 4  ? 0.879   22.889  -7.910  1.00 103.21 ? 27  C   B "O3'" 1 
ATOM   502 C "C2'" . C   B 1 4  ? 1.120   22.874  -10.331 1.00 102.67 ? 27  C   B "C2'" 1 
ATOM   503 O "O2'" . C   B 1 4  ? -0.086  23.616  -10.351 1.00 102.26 ? 27  C   B "O2'" 1 
ATOM   504 C "C1'" . C   B 1 4  ? 2.174   23.518  -11.235 1.00 101.83 ? 27  C   B "C1'" 1 
ATOM   505 N N1    . C   B 1 4  ? 3.086   22.532  -11.835 1.00 100.60 ? 27  C   B N1    1 
ATOM   506 C C2    . C   B 1 4  ? 2.639   21.764  -12.909 1.00 100.83 ? 27  C   B C2    1 
ATOM   507 O O2    . C   B 1 4  ? 1.483   21.918  -13.317 1.00 101.01 ? 27  C   B O2    1 
ATOM   508 N N3    . C   B 1 4  ? 3.477   20.869  -13.475 1.00 100.73 ? 27  C   B N3    1 
ATOM   509 C C4    . C   B 1 4  ? 4.711   20.718  -13.000 1.00 100.55 ? 27  C   B C4    1 
ATOM   510 N N4    . C   B 1 4  ? 5.502   19.827  -13.598 1.00 101.14 ? 27  C   B N4    1 
ATOM   511 C C5    . C   B 1 4  ? 5.188   21.476  -11.896 1.00 100.20 ? 27  C   B C5    1 
ATOM   512 C C6    . C   B 1 4  ? 4.351   22.366  -11.352 1.00 100.37 ? 27  C   B C6    1 
ATOM   513 P P     . G   B 1 5  ? 0.695   21.523  -7.095  1.00 104.14 ? 28  G   B P     1 
ATOM   514 O OP1   . G   B 1 5  ? -0.172  21.833  -5.926  1.00 104.67 ? 28  G   B OP1   1 
ATOM   515 O OP2   . G   B 1 5  ? 2.057   20.962  -6.880  1.00 104.12 ? 28  G   B OP2   1 
ATOM   516 O "O5'" . G   B 1 5  ? -0.108  20.567  -8.095  1.00 102.41 ? 28  G   B "O5'" 1 
ATOM   517 C "C5'" . G   B 1 5  ? -1.468  20.845  -8.440  1.00 99.69  ? 28  G   B "C5'" 1 
ATOM   518 C "C4'" . G   B 1 5  ? -1.879  20.084  -9.688  1.00 97.93  ? 28  G   B "C4'" 1 
ATOM   519 O "O4'" . G   B 1 5  ? -0.877  20.292  -10.716 1.00 95.90  ? 28  G   B "O4'" 1 
ATOM   520 C "C3'" . G   B 1 5  ? -1.968  18.565  -9.603  1.00 98.24  ? 28  G   B "C3'" 1 
ATOM   521 O "O3'" . G   B 1 5  ? -3.218  18.129  -9.082  1.00 100.94 ? 28  G   B "O3'" 1 
ATOM   522 C "C2'" . G   B 1 5  ? -1.852  18.145  -11.066 1.00 96.31  ? 28  G   B "C2'" 1 
ATOM   523 O "O2'" . G   B 1 5  ? -3.069  18.158  -11.781 1.00 97.02  ? 28  G   B "O2'" 1 
ATOM   524 C "C1'" . G   B 1 5  ? -0.912  19.209  -11.625 1.00 94.09  ? 28  G   B "C1'" 1 
ATOM   525 N N9    . G   B 1 5  ? 0.432   18.680  -11.817 1.00 90.91  ? 28  G   B N9    1 
ATOM   526 C C8    . G   B 1 5  ? 1.548   18.869  -11.041 1.00 89.56  ? 28  G   B C8    1 
ATOM   527 N N7    . G   B 1 5  ? 2.599   18.243  -11.500 1.00 88.37  ? 28  G   B N7    1 
ATOM   528 C C5    . G   B 1 5  ? 2.142   17.606  -12.648 1.00 88.19  ? 28  G   B C5    1 
ATOM   529 C C6    . G   B 1 5  ? 2.822   16.773  -13.582 1.00 87.28  ? 28  G   B C6    1 
ATOM   530 O O6    . G   B 1 5  ? 4.011   16.421  -13.584 1.00 86.66  ? 28  G   B O6    1 
ATOM   531 N N1    . G   B 1 5  ? 1.966   16.341  -14.595 1.00 86.21  ? 28  G   B N1    1 
ATOM   532 C C2    . G   B 1 5  ? 0.635   16.666  -14.699 1.00 86.06  ? 28  G   B C2    1 
ATOM   533 N N2    . G   B 1 5  ? -0.028  16.164  -15.744 1.00 85.59  ? 28  G   B N2    1 
ATOM   534 N N3    . G   B 1 5  ? 0.000   17.435  -13.842 1.00 87.43  ? 28  G   B N3    1 
ATOM   535 C C4    . G   B 1 5  ? 0.806   17.867  -12.851 1.00 88.93  ? 28  G   B C4    1 
ATOM   536 P P     . U   B 1 6  ? -3.394  16.599  -8.602  1.00 104.20 ? 29  U   B P     1 
ATOM   537 O OP1   . U   B 1 6  ? -4.818  16.440  -8.199  1.00 103.62 ? 29  U   B OP1   1 
ATOM   538 O OP2   . U   B 1 6  ? -2.314  16.305  -7.622  1.00 103.65 ? 29  U   B OP2   1 
ATOM   539 O "O5'" . U   B 1 6  ? -3.154  15.711  -9.909  1.00 102.86 ? 29  U   B "O5'" 1 
ATOM   540 C "C5'" . U   B 1 6  ? -4.245  15.356  -10.755 1.00 102.29 ? 29  U   B "C5'" 1 
ATOM   541 C "C4'" . U   B 1 6  ? -3.810  14.370  -11.818 1.00 102.13 ? 29  U   B "C4'" 1 
ATOM   542 O "O4'" . U   B 1 6  ? -2.734  14.955  -12.605 1.00 102.99 ? 29  U   B "O4'" 1 
ATOM   543 C "C3'" . U   B 1 6  ? -3.258  13.024  -11.359 1.00 101.40 ? 29  U   B "C3'" 1 
ATOM   544 O "O3'" . U   B 1 6  ? -4.304  12.083  -11.089 1.00 100.09 ? 29  U   B "O3'" 1 
ATOM   545 C "C2'" . U   B 1 6  ? -2.449  12.601  -12.581 1.00 102.03 ? 29  U   B "C2'" 1 
ATOM   546 O "O2'" . U   B 1 6  ? -3.267  12.083  -13.608 1.00 100.41 ? 29  U   B "O2'" 1 
ATOM   547 C "C1'" . U   B 1 6  ? -1.839  13.935  -13.024 1.00 103.19 ? 29  U   B "C1'" 1 
ATOM   548 N N1    . U   B 1 6  ? -0.530  14.192  -12.400 1.00 104.46 ? 29  U   B N1    1 
ATOM   549 C C2    . U   B 1 6  ? 0.600   13.599  -12.956 1.00 104.76 ? 29  U   B C2    1 
ATOM   550 O O2    . U   B 1 6  ? 0.577   12.913  -13.967 1.00 105.10 ? 29  U   B O2    1 
ATOM   551 N N3    . U   B 1 6  ? 1.769   13.847  -12.281 1.00 104.66 ? 29  U   B N3    1 
ATOM   552 C C4    . U   B 1 6  ? 1.936   14.613  -11.149 1.00 104.83 ? 29  U   B C4    1 
ATOM   553 O O4    . U   B 1 6  ? 3.059   14.709  -10.644 1.00 104.45 ? 29  U   B O4    1 
ATOM   554 C C5    . U   B 1 6  ? 0.733   15.212  -10.651 1.00 105.00 ? 29  U   B C5    1 
ATOM   555 C C6    . U   B 1 6  ? -0.430  14.987  -11.278 1.00 104.54 ? 29  U   B C6    1 
ATOM   556 P P     . C   B 1 7  ? -4.065  10.879  -10.030 1.00 98.68  ? 30  C   B P     1 
ATOM   557 O OP1   . C   B 1 7  ? -5.360  10.196  -9.802  1.00 99.52  ? 30  C   B OP1   1 
ATOM   558 O OP2   . C   B 1 7  ? -3.316  11.416  -8.868  1.00 100.32 ? 30  C   B OP2   1 
ATOM   559 O "O5'" . C   B 1 7  ? -3.155  9.815   -10.793 1.00 97.15  ? 30  C   B "O5'" 1 
ATOM   560 C "C5'" . C   B 1 7  ? -3.749  8.819   -11.617 1.00 95.53  ? 30  C   B "C5'" 1 
ATOM   561 C "C4'" . C   B 1 7  ? -2.711  8.192   -12.513 1.00 95.43  ? 30  C   B "C4'" 1 
ATOM   562 O "O4'" . C   B 1 7  ? -1.877  9.252   -13.057 1.00 95.97  ? 30  C   B "O4'" 1 
ATOM   563 C "C3'" . C   B 1 7  ? -1.714  7.255   -11.847 1.00 95.39  ? 30  C   B "C3'" 1 
ATOM   564 O "O3'" . C   B 1 7  ? -2.214  5.925   -11.785 1.00 93.54  ? 30  C   B "O3'" 1 
ATOM   565 C "C2'" . C   B 1 7  ? -0.538  7.304   -12.810 1.00 95.87  ? 30  C   B "C2'" 1 
ATOM   566 O "O2'" . C   B 1 7  ? -0.724  6.462   -13.932 1.00 96.19  ? 30  C   B "O2'" 1 
ATOM   567 C "C1'" . C   B 1 7  ? -0.552  8.775   -13.232 1.00 95.94  ? 30  C   B "C1'" 1 
ATOM   568 N N1    . C   B 1 7  ? 0.351   9.583   -12.400 1.00 95.19  ? 30  C   B N1    1 
ATOM   569 C C2    . C   B 1 7  ? 1.724   9.334   -12.472 1.00 94.03  ? 30  C   B C2    1 
ATOM   570 O O2    . C   B 1 7  ? 2.131   8.472   -13.260 1.00 93.22  ? 30  C   B O2    1 
ATOM   571 N N3    . C   B 1 7  ? 2.567   10.038  -11.687 1.00 93.08  ? 30  C   B N3    1 
ATOM   572 C C4    . C   B 1 7  ? 2.090   10.967  -10.861 1.00 94.37  ? 30  C   B C4    1 
ATOM   573 N N4    . C   B 1 7  ? 2.965   11.627  -10.099 1.00 93.38  ? 30  C   B N4    1 
ATOM   574 C C5    . C   B 1 7  ? 0.696   11.257  -10.778 1.00 95.11  ? 30  C   B C5    1 
ATOM   575 C C6    . C   B 1 7  ? -0.131  10.547  -11.560 1.00 94.94  ? 30  C   B C6    1 
ATOM   576 P P     . G   B 1 8  ? -1.658  4.916   -10.663 1.00 91.50  ? 31  G   B P     1 
ATOM   577 O OP1   . G   B 1 8  ? -2.245  3.578   -10.951 1.00 90.08  ? 31  G   B OP1   1 
ATOM   578 O OP2   . G   B 1 8  ? -1.894  5.558   -9.338  1.00 90.90  ? 31  G   B OP2   1 
ATOM   579 O "O5'" . G   B 1 8  ? -0.083  4.833   -10.930 1.00 86.96  ? 31  G   B "O5'" 1 
ATOM   580 C "C5'" . G   B 1 8  ? 0.440   3.937   -11.911 1.00 80.85  ? 31  G   B "C5'" 1 
ATOM   581 C "C4'" . G   B 1 8  ? 1.957   3.884   -11.859 1.00 76.80  ? 31  G   B "C4'" 1 
ATOM   582 O "O4'" . G   B 1 8  ? 2.506   5.215   -12.040 1.00 73.59  ? 31  G   B "O4'" 1 
ATOM   583 C "C3'" . G   B 1 8  ? 2.604   3.431   -10.563 1.00 76.19  ? 31  G   B "C3'" 1 
ATOM   584 O "O3'" . G   B 1 8  ? 2.641   2.024   -10.418 1.00 76.79  ? 31  G   B "O3'" 1 
ATOM   585 C "C2'" . G   B 1 8  ? 4.021   3.962   -10.708 1.00 74.33  ? 31  G   B "C2'" 1 
ATOM   586 O "O2'" . G   B 1 8  ? 4.827   3.142   -11.533 1.00 74.56  ? 31  G   B "O2'" 1 
ATOM   587 C "C1'" . G   B 1 8  ? 3.761   5.305   -11.383 1.00 71.66  ? 31  G   B "C1'" 1 
ATOM   588 N N9    . G   B 1 8  ? 3.697   6.405   -10.433 1.00 67.49  ? 31  G   B N9    1 
ATOM   589 C C8    . G   B 1 8  ? 2.566   7.006   -9.949  1.00 67.53  ? 31  G   B C8    1 
ATOM   590 N N7    . G   B 1 8  ? 2.820   8.015   -9.164  1.00 67.98  ? 31  G   B N7    1 
ATOM   591 C C5    . G   B 1 8  ? 4.207   8.077   -9.120  1.00 65.61  ? 31  G   B C5    1 
ATOM   592 C C6    . G   B 1 8  ? 5.072   9.000   -8.461  1.00 64.72  ? 31  G   B C6    1 
ATOM   593 O O6    . G   B 1 8  ? 4.773   9.991   -7.772  1.00 63.17  ? 31  G   B O6    1 
ATOM   594 N N1    . G   B 1 8  ? 6.409   8.689   -8.681  1.00 63.13  ? 31  G   B N1    1 
ATOM   595 C C2    . G   B 1 8  ? 6.862   7.641   -9.442  1.00 62.75  ? 31  G   B C2    1 
ATOM   596 N N2    . G   B 1 8  ? 8.194   7.504   -9.518  1.00 59.74  ? 31  G   B N2    1 
ATOM   597 N N3    . G   B 1 8  ? 6.070   6.790   -10.078 1.00 63.91  ? 31  G   B N3    1 
ATOM   598 C C4    . G   B 1 8  ? 4.763   7.070   -9.875  1.00 65.47  ? 31  G   B C4    1 
ATOM   599 P P     . C   B 1 9  ? 3.021   1.406   -8.988  1.00 76.19  ? 32  C   B P     1 
ATOM   600 O OP1   . C   B 1 9  ? 2.689   -0.046  -9.010  1.00 76.00  ? 32  C   B OP1   1 
ATOM   601 O OP2   . C   B 1 9  ? 2.372   2.299   -7.990  1.00 75.93  ? 32  C   B OP2   1 
ATOM   602 O "O5'" . C   B 1 9  ? 4.601   1.591   -8.881  1.00 73.25  ? 32  C   B "O5'" 1 
ATOM   603 C "C5'" . C   B 1 9  ? 5.486   0.830   -9.691  1.00 69.27  ? 32  C   B "C5'" 1 
ATOM   604 C "C4'" . C   B 1 9  ? 6.916   1.135   -9.323  1.00 66.45  ? 32  C   B "C4'" 1 
ATOM   605 O "O4'" . C   B 1 9  ? 7.183   2.541   -9.557  1.00 66.04  ? 32  C   B "O4'" 1 
ATOM   606 C "C3'" . C   B 1 9  ? 7.252   0.944   -7.862  1.00 66.14  ? 32  C   B "C3'" 1 
ATOM   607 O "O3'" . C   B 1 9  ? 7.565   -0.411  -7.593  1.00 66.80  ? 32  C   B "O3'" 1 
ATOM   608 C "C2'" . C   B 1 9  ? 8.459   1.856   -7.685  1.00 66.47  ? 32  C   B "C2'" 1 
ATOM   609 O "O2'" . C   B 1 9  ? 9.679   1.286   -8.124  1.00 67.03  ? 32  C   B "O2'" 1 
ATOM   610 C "C1'" . C   B 1 9  ? 8.071   3.037   -8.571  1.00 64.45  ? 32  C   B "C1'" 1 
ATOM   611 N N1    . C   B 1 9  ? 7.383   4.114   -7.843  1.00 63.16  ? 32  C   B N1    1 
ATOM   612 C C2    . C   B 1 9  ? 8.143   5.027   -7.106  1.00 63.77  ? 32  C   B C2    1 
ATOM   613 O O2    . C   B 1 9  ? 9.381   4.872   -7.042  1.00 63.60  ? 32  C   B O2    1 
ATOM   614 N N3    . C   B 1 9  ? 7.517   6.053   -6.480  1.00 63.59  ? 32  C   B N3    1 
ATOM   615 C C4    . C   B 1 9  ? 6.190   6.178   -6.565  1.00 62.34  ? 32  C   B C4    1 
ATOM   616 N N4    . C   B 1 9  ? 5.614   7.234   -5.967  1.00 59.03  ? 32  C   B N4    1 
ATOM   617 C C5    . C   B 1 9  ? 5.393   5.235   -7.277  1.00 62.09  ? 32  C   B C5    1 
ATOM   618 C C6    . C   B 1 9  ? 6.024   4.232   -7.896  1.00 62.40  ? 32  C   B C6    1 
ATOM   619 P P     . U   B 1 10 ? 7.232   -1.024  -6.152  1.00 66.04  ? 33  U   B P     1 
ATOM   620 O OP1   . U   B 1 10 ? 7.827   -2.380  -6.092  1.00 66.38  ? 33  U   B OP1   1 
ATOM   621 O OP2   . U   B 1 10 ? 5.772   -0.834  -5.891  1.00 65.23  ? 33  U   B OP2   1 
ATOM   622 O "O5'" . U   B 1 10 ? 8.076   -0.113  -5.162  1.00 64.98  ? 33  U   B "O5'" 1 
ATOM   623 C "C5'" . U   B 1 10 ? 9.492   -0.119  -5.225  1.00 63.14  ? 33  U   B "C5'" 1 
ATOM   624 C "C4'" . U   B 1 10 ? 10.051  0.947   -4.323  1.00 61.74  ? 33  U   B "C4'" 1 
ATOM   625 O "O4'" . U   B 1 10 ? 9.591   2.245   -4.781  1.00 58.77  ? 33  U   B "O4'" 1 
ATOM   626 C "C3'" . U   B 1 10 ? 9.552   0.902   -2.894  1.00 59.80  ? 33  U   B "C3'" 1 
ATOM   627 O "O3'" . U   B 1 10 ? 10.269  -0.047  -2.124  1.00 56.75  ? 33  U   B "O3'" 1 
ATOM   628 C "C2'" . U   B 1 10 ? 9.844   2.315   -2.431  1.00 59.22  ? 33  U   B "C2'" 1 
ATOM   629 O "O2'" . U   B 1 10 ? 11.224  2.459   -2.182  1.00 60.79  ? 33  U   B "O2'" 1 
ATOM   630 C "C1'" . U   B 1 10 ? 9.466   3.119   -3.677  1.00 58.07  ? 33  U   B "C1'" 1 
ATOM   631 N N1    . U   B 1 10 ? 8.099   3.662   -3.660  1.00 56.06  ? 33  U   B N1    1 
ATOM   632 C C2    . U   B 1 10 ? 7.877   4.790   -2.900  1.00 54.87  ? 33  U   B C2    1 
ATOM   633 O O2    . U   B 1 10 ? 8.748   5.315   -2.247  1.00 57.54  ? 33  U   B O2    1 
ATOM   634 N N3    . U   B 1 10 ? 6.600   5.278   -2.925  1.00 53.55  ? 33  U   B N3    1 
ATOM   635 C C4    . U   B 1 10 ? 5.533   4.757   -3.611  1.00 54.97  ? 33  U   B C4    1 
ATOM   636 O O4    . U   B 1 10 ? 4.405   5.257   -3.464  1.00 52.41  ? 33  U   B O4    1 
ATOM   637 C C5    . U   B 1 10 ? 5.844   3.583   -4.378  1.00 55.80  ? 33  U   B C5    1 
ATOM   638 C C6    . U   B 1 10 ? 7.086   3.089   -4.372  1.00 54.94  ? 33  U   B C6    1 
ATOM   639 P P     . C   B 1 11 ? 9.533   -0.764  -0.902  1.00 54.11  ? 34  C   B P     1 
ATOM   640 O OP1   . C   B 1 11 ? 10.415  -1.818  -0.335  1.00 49.10  ? 34  C   B OP1   1 
ATOM   641 O OP2   . C   B 1 11 ? 8.144   -1.096  -1.339  1.00 54.46  ? 34  C   B OP2   1 
ATOM   642 O "O5'" . C   B 1 11 ? 9.400   0.391   0.176   1.00 53.34  ? 34  C   B "O5'" 1 
ATOM   643 C "C5'" . C   B 1 11 ? 10.537  0.899   0.852   1.00 51.07  ? 34  C   B "C5'" 1 
ATOM   644 C "C4'" . C   B 1 11 ? 10.185  2.204   1.518   1.00 46.73  ? 34  C   B "C4'" 1 
ATOM   645 O "O4'" . C   B 1 11 ? 9.593   3.087   0.520   1.00 42.65  ? 34  C   B "O4'" 1 
ATOM   646 C "C3'" . C   B 1 11 ? 9.079   2.125   2.555   1.00 44.18  ? 34  C   B "C3'" 1 
ATOM   647 O "O3'" . C   B 1 11 ? 9.551   1.636   3.800   1.00 45.83  ? 34  C   B "O3'" 1 
ATOM   648 C "C2'" . C   B 1 11 ? 8.648   3.579   2.633   1.00 41.65  ? 34  C   B "C2'" 1 
ATOM   649 O "O2'" . C   B 1 11 ? 9.594   4.364   3.318   1.00 42.82  ? 34  C   B "O2'" 1 
ATOM   650 C "C1'" . C   B 1 11 ? 8.675   3.961   1.156   1.00 39.12  ? 34  C   B "C1'" 1 
ATOM   651 N N1    . C   B 1 11 ? 7.358   3.791   0.544   1.00 35.42  ? 34  C   B N1    1 
ATOM   652 C C2    . C   B 1 11 ? 6.411   4.767   0.774   1.00 34.34  ? 34  C   B C2    1 
ATOM   653 O O2    . C   B 1 11 ? 6.727   5.712   1.463   1.00 34.19  ? 34  C   B O2    1 
ATOM   654 N N3    . C   B 1 11 ? 5.180   4.645   0.241   1.00 34.42  ? 34  C   B N3    1 
ATOM   655 C C4    . C   B 1 11 ? 4.889   3.574   -0.507  1.00 32.15  ? 34  C   B C4    1 
ATOM   656 N N4    . C   B 1 11 ? 3.678   3.486   -1.026  1.00 33.75  ? 34  C   B N4    1 
ATOM   657 C C5    . C   B 1 11 ? 5.835   2.553   -0.758  1.00 29.28  ? 34  C   B C5    1 
ATOM   658 C C6    . C   B 1 11 ? 7.052   2.701   -0.222  1.00 33.73  ? 34  C   B C6    1 
ATOM   659 P P     . C   B 1 12 ? 8.534   0.876   4.787   1.00 45.84  ? 35  C   B P     1 
ATOM   660 O OP1   . C   B 1 12 ? 9.307   0.251   5.885   1.00 44.63  ? 35  C   B OP1   1 
ATOM   661 O OP2   . C   B 1 12 ? 7.612   0.051   3.971   1.00 46.12  ? 35  C   B OP2   1 
ATOM   662 O "O5'" . C   B 1 12 ? 7.720   2.061   5.454   1.00 43.93  ? 35  C   B "O5'" 1 
ATOM   663 C "C5'" . C   B 1 12 ? 8.342   2.884   6.417   1.00 41.70  ? 35  C   B "C5'" 1 
ATOM   664 C "C4'" . C   B 1 12 ? 7.352   3.866   6.964   1.00 41.68  ? 35  C   B "C4'" 1 
ATOM   665 O "O4'" . C   B 1 12 ? 6.915   4.740   5.890   1.00 41.21  ? 35  C   B "O4'" 1 
ATOM   666 C "C3'" . C   B 1 12 ? 6.049   3.272   7.460   1.00 41.85  ? 35  C   B "C3'" 1 
ATOM   667 O "O3'" . C   B 1 12 ? 6.187   2.714   8.760   1.00 44.81  ? 35  C   B "O3'" 1 
ATOM   668 C "C2'" . C   B 1 12 ? 5.178   4.510   7.454   1.00 42.88  ? 35  C   B "C2'" 1 
ATOM   669 O "O2'" . C   B 1 12 ? 5.570   5.391   8.491   1.00 43.76  ? 35  C   B "O2'" 1 
ATOM   670 C "C1'" . C   B 1 12 ? 5.564   5.111   6.101   1.00 39.55  ? 35  C   B "C1'" 1 
ATOM   671 N N1    . C   B 1 12 ? 4.743   4.581   4.994   1.00 35.52  ? 35  C   B N1    1 
ATOM   672 C C2    . C   B 1 12 ? 3.483   5.129   4.805   1.00 35.62  ? 35  C   B C2    1 
ATOM   673 O O2    . C   B 1 12 ? 3.128   6.058   5.543   1.00 40.15  ? 35  C   B O2    1 
ATOM   674 N N3    . C   B 1 12 ? 2.684   4.651   3.830   1.00 33.10  ? 35  C   B N3    1 
ATOM   675 C C4    . C   B 1 12 ? 3.109   3.667   3.048   1.00 32.89  ? 35  C   B C4    1 
ATOM   676 N N4    . C   B 1 12 ? 2.279   3.231   2.102   1.00 33.68  ? 35  C   B N4    1 
ATOM   677 C C5    . C   B 1 12 ? 4.402   3.090   3.203   1.00 31.62  ? 35  C   B C5    1 
ATOM   678 C C6    . C   B 1 12 ? 5.183   3.573   4.184   1.00 32.81  ? 35  C   B C6    1 
ATOM   679 P P     . G   B 1 13 ? 5.369   1.379   9.145   1.00 46.29  ? 36  G   B P     1 
ATOM   680 O OP1   . G   B 1 13 ? 5.927   0.925   10.426  1.00 44.59  ? 36  G   B OP1   1 
ATOM   681 O OP2   . G   B 1 13 ? 5.309   0.450   7.995   1.00 43.63  ? 36  G   B OP2   1 
ATOM   682 O "O5'" . G   B 1 13 ? 3.888   1.895   9.408   1.00 47.59  ? 36  G   B "O5'" 1 
ATOM   683 C "C5'" . G   B 1 13 ? 3.618   2.842   10.433  1.00 46.66  ? 36  G   B "C5'" 1 
ATOM   684 C "C4'" . G   B 1 13 ? 2.282   3.499   10.192  1.00 49.38  ? 36  G   B "C4'" 1 
ATOM   685 O "O4'" . G   B 1 13 ? 2.266   4.113   8.864   1.00 50.01  ? 36  G   B "O4'" 1 
ATOM   686 C "C3'" . G   B 1 13 ? 1.064   2.585   10.125  1.00 49.53  ? 36  G   B "C3'" 1 
ATOM   687 O "O3'" . G   B 1 13 ? 0.627   2.190   11.411  1.00 47.03  ? 36  G   B "O3'" 1 
ATOM   688 C "C2'" . G   B 1 13 ? 0.057   3.517   9.481   1.00 49.33  ? 36  G   B "C2'" 1 
ATOM   689 O "O2'" . G   B 1 13 ? -0.334  4.496   10.426  1.00 48.28  ? 36  G   B "O2'" 1 
ATOM   690 C "C1'" . G   B 1 13 ? 0.925   4.157   8.391   1.00 49.37  ? 36  G   B "C1'" 1 
ATOM   691 N N9    . G   B 1 13 ? 0.843   3.406   7.143   1.00 48.01  ? 36  G   B N9    1 
ATOM   692 C C8    . G   B 1 13 ? 1.792   2.592   6.583   1.00 48.46  ? 36  G   B C8    1 
ATOM   693 N N7    . G   B 1 13 ? 1.393   2.033   5.467   1.00 48.37  ? 36  G   B N7    1 
ATOM   694 C C5    . G   B 1 13 ? 0.108   2.522   5.282   1.00 48.26  ? 36  G   B C5    1 
ATOM   695 C C6    . G   B 1 13 ? -0.835  2.273   4.249   1.00 49.07  ? 36  G   B C6    1 
ATOM   696 O O6    . G   B 1 13 ? -0.713  1.542   3.239   1.00 50.13  ? 36  G   B O6    1 
ATOM   697 N N1    . G   B 1 13 ? -2.016  2.973   4.464   1.00 47.68  ? 36  G   B N1    1 
ATOM   698 C C2    . G   B 1 13 ? -2.257  3.804   5.528   1.00 50.24  ? 36  G   B C2    1 
ATOM   699 N N2    . G   B 1 13 ? -3.459  4.402   5.566   1.00 53.29  ? 36  G   B N2    1 
ATOM   700 N N3    . G   B 1 13 ? -1.390  4.040   6.489   1.00 48.72  ? 36  G   B N3    1 
ATOM   701 C C4    . G   B 1 13 ? -0.241  3.374   6.305   1.00 48.15  ? 36  G   B C4    1 
ATOM   702 P P     . G   B 1 14 ? 0.017   0.722   11.629  1.00 45.75  ? 37  G   B P     1 
ATOM   703 O OP1   . G   B 1 14 ? 0.260   0.448   13.056  1.00 45.38  ? 37  G   B OP1   1 
ATOM   704 O OP2   . G   B 1 14 ? 0.531   -0.221  10.612  1.00 48.64  ? 37  G   B OP2   1 
ATOM   705 O "O5'" . G   B 1 14 ? -1.537  0.900   11.325  1.00 48.73  ? 37  G   B "O5'" 1 
ATOM   706 C "C5'" . G   B 1 14 ? -2.235  2.067   11.739  1.00 50.62  ? 37  G   B "C5'" 1 
ATOM   707 C "C4'" . G   B 1 14 ? -3.524  2.226   10.960  1.00 52.20  ? 37  G   B "C4'" 1 
ATOM   708 O "O4'" . G   B 1 14 ? -3.271  2.666   9.598   1.00 52.62  ? 37  G   B "O4'" 1 
ATOM   709 C "C3'" . G   B 1 14 ? -4.374  0.986   10.785  1.00 53.43  ? 37  G   B "C3'" 1 
ATOM   710 O "O3'" . G   B 1 14 ? -5.137  0.731   11.956  1.00 56.72  ? 37  G   B "O3'" 1 
ATOM   711 C "C2'" . G   B 1 14 ? -5.275  1.402   9.631   1.00 53.86  ? 37  G   B "C2'" 1 
ATOM   712 O "O2'" . G   B 1 14 ? -6.318  2.260   10.053  1.00 58.31  ? 37  G   B "O2'" 1 
ATOM   713 C "C1'" . G   B 1 14 ? -4.302  2.187   8.750   1.00 50.77  ? 37  G   B "C1'" 1 
ATOM   714 N N9    . G   B 1 14 ? -3.698  1.373   7.699   1.00 46.71  ? 37  G   B N9    1 
ATOM   715 C C8    . G   B 1 14 ? -2.431  0.846   7.686   1.00 44.77  ? 37  G   B C8    1 
ATOM   716 N N7    . G   B 1 14 ? -2.166  0.172   6.604   1.00 41.12  ? 37  G   B N7    1 
ATOM   717 C C5    . G   B 1 14 ? -3.331  0.256   5.858   1.00 44.94  ? 37  G   B C5    1 
ATOM   718 C C6    . G   B 1 14 ? -3.635  -0.267  4.576   1.00 46.94  ? 37  G   B C6    1 
ATOM   719 O O6    . G   B 1 14 ? -2.907  -0.916  3.822   1.00 49.46  ? 37  G   B O6    1 
ATOM   720 N N1    . G   B 1 14 ? -4.934  0.043   4.190   1.00 47.57  ? 37  G   B N1    1 
ATOM   721 C C2    . G   B 1 14 ? -5.826  0.773   4.937   1.00 48.13  ? 37  G   B C2    1 
ATOM   722 N N2    . G   B 1 14 ? -7.048  0.938   4.388   1.00 47.73  ? 37  G   B N2    1 
ATOM   723 N N3    . G   B 1 14 ? -5.545  1.291   6.130   1.00 44.24  ? 37  G   B N3    1 
ATOM   724 C C4    . G   B 1 14 ? -4.288  0.989   6.524   1.00 44.86  ? 37  G   B C4    1 
ATOM   725 P P     . A   B 1 15 ? -5.664  -0.758  12.255  1.00 58.38  ? 38  A   B P     1 
ATOM   726 O OP1   . A   B 1 15 ? -6.350  -0.682  13.574  1.00 55.87  ? 38  A   B OP1   1 
ATOM   727 O OP2   . A   B 1 15 ? -4.526  -1.691  12.084  1.00 58.89  ? 38  A   B OP2   1 
ATOM   728 O "O5'" . A   B 1 15 ? -6.713  -1.023  11.075  1.00 56.31  ? 38  A   B "O5'" 1 
ATOM   729 C "C5'" . A   B 1 15 ? -7.865  -0.196  10.937  1.00 55.05  ? 38  A   B "C5'" 1 
ATOM   730 C "C4'" . A   B 1 15 ? -8.621  -0.532  9.674   1.00 56.57  ? 38  A   B "C4'" 1 
ATOM   731 O "O4'" . A   B 1 15 ? -7.793  -0.258  8.513   1.00 56.07  ? 38  A   B "O4'" 1 
ATOM   732 C "C3'" . A   B 1 15 ? -9.027  -1.981  9.481   1.00 58.50  ? 38  A   B "C3'" 1 
ATOM   733 O "O3'" . A   B 1 15 ? -10.202 -2.309  10.212  1.00 60.63  ? 38  A   B "O3'" 1 
ATOM   734 C "C2'" . A   B 1 15 ? -9.277  -2.041  7.977   1.00 58.72  ? 38  A   B "C2'" 1 
ATOM   735 O "O2'" . A   B 1 15 ? -10.543 -1.547  7.604   1.00 58.65  ? 38  A   B "O2'" 1 
ATOM   736 C "C1'" . A   B 1 15 ? -8.180  -1.116  7.446   1.00 57.09  ? 38  A   B "C1'" 1 
ATOM   737 N N9    . A   B 1 15 ? -7.001  -1.842  6.960   1.00 55.87  ? 38  A   B N9    1 
ATOM   738 C C8    . A   B 1 15 ? -5.828  -2.123  7.623   1.00 55.69  ? 38  A   B C8    1 
ATOM   739 N N7    . A   B 1 15 ? -4.949  -2.767  6.890   1.00 53.03  ? 38  A   B N7    1 
ATOM   740 C C5    . A   B 1 15 ? -5.588  -2.925  5.667   1.00 51.51  ? 38  A   B C5    1 
ATOM   741 C C6    . A   B 1 15 ? -5.186  -3.525  4.460   1.00 50.85  ? 38  A   B C6    1 
ATOM   742 N N6    . A   B 1 15 ? -3.985  -4.069  4.269   1.00 49.82  ? 38  A   B N6    1 
ATOM   743 N N1    . A   B 1 15 ? -6.068  -3.538  3.437   1.00 50.30  ? 38  A   B N1    1 
ATOM   744 C C2    . A   B 1 15 ? -7.260  -2.970  3.622   1.00 53.61  ? 38  A   B C2    1 
ATOM   745 N N3    . A   B 1 15 ? -7.749  -2.360  4.706   1.00 54.39  ? 38  A   B N3    1 
ATOM   746 C C4    . A   B 1 15 ? -6.854  -2.376  5.703   1.00 53.04  ? 38  A   B C4    1 
ATOM   747 P P     . A   B 1 16 ? -10.410 -3.814  10.764  1.00 63.40  ? 39  A   B P     1 
ATOM   748 O OP1   . A   B 1 16 ? -11.571 -3.758  11.691  1.00 64.76  ? 39  A   B OP1   1 
ATOM   749 O OP2   . A   B 1 16 ? -9.120  -4.360  11.264  1.00 61.99  ? 39  A   B OP2   1 
ATOM   750 O "O5'" . A   B 1 16 ? -10.820 -4.638  9.462   1.00 60.11  ? 39  A   B "O5'" 1 
ATOM   751 C "C5'" . A   B 1 16 ? -11.968 -4.288  8.715   1.00 59.95  ? 39  A   B "C5'" 1 
ATOM   752 C "C4'" . A   B 1 16 ? -11.943 -4.970  7.372   1.00 61.77  ? 39  A   B "C4'" 1 
ATOM   753 O "O4'" . A   B 1 16 ? -10.888 -4.403  6.552   1.00 61.41  ? 39  A   B "O4'" 1 
ATOM   754 C "C3'" . A   B 1 16 ? -11.659 -6.464  7.386   1.00 62.90  ? 39  A   B "C3'" 1 
ATOM   755 O "O3'" . A   B 1 16 ? -12.856 -7.204  7.599   1.00 66.25  ? 39  A   B "O3'" 1 
ATOM   756 C "C2'" . A   B 1 16 ? -11.141 -6.688  5.975   1.00 62.14  ? 39  A   B "C2'" 1 
ATOM   757 O "O2'" . A   B 1 16 ? -12.189 -6.739  5.032   1.00 62.55  ? 39  A   B "O2'" 1 
ATOM   758 C "C1'" . A   B 1 16 ? -10.309 -5.421  5.752   1.00 60.90  ? 39  A   B "C1'" 1 
ATOM   759 N N9    . A   B 1 16 ? -8.916  -5.602  6.174   1.00 58.49  ? 39  A   B N9    1 
ATOM   760 C C8    . A   B 1 16 ? -8.364  -5.357  7.408   1.00 56.30  ? 39  A   B C8    1 
ATOM   761 N N7    . A   B 1 16 ? -7.095  -5.662  7.489   1.00 54.00  ? 39  A   B N7    1 
ATOM   762 C C5    . A   B 1 16 ? -6.785  -6.132  6.222   1.00 53.30  ? 39  A   B C5    1 
ATOM   763 C C6    . A   B 1 16 ? -5.598  -6.615  5.662   1.00 51.80  ? 39  A   B C6    1 
ATOM   764 N N6    . A   B 1 16 ? -4.459  -6.718  6.333   1.00 54.14  ? 39  A   B N6    1 
ATOM   765 N N1    . A   B 1 16 ? -5.619  -6.994  4.370   1.00 51.11  ? 39  A   B N1    1 
ATOM   766 C C2    . A   B 1 16 ? -6.770  -6.892  3.694   1.00 54.99  ? 39  A   B C2    1 
ATOM   767 N N3    . A   B 1 16 ? -7.956  -6.454  4.108   1.00 54.90  ? 39  A   B N3    1 
ATOM   768 C C4    . A   B 1 16 ? -7.894  -6.088  5.399   1.00 55.40  ? 39  A   B C4    1 
ATOM   769 P P     . A   B 1 17 ? -13.054 -8.029  8.969   1.00 70.40  ? 40  A   B P     1 
ATOM   770 O OP1   . A   B 1 17 ? -14.510 -8.321  9.080   1.00 73.28  ? 40  A   B OP1   1 
ATOM   771 O OP2   . A   B 1 17 ? -12.368 -7.314  10.078  1.00 72.32  ? 40  A   B OP2   1 
ATOM   772 O "O5'" . A   B 1 17 ? -12.282 -9.397  8.732   1.00 64.33  ? 40  A   B "O5'" 1 
ATOM   773 C "C5'" . A   B 1 17 ? -12.443 -10.109 7.524   1.00 57.90  ? 40  A   B "C5'" 1 
ATOM   774 C "C4'" . A   B 1 17 ? -12.431 -11.580 7.803   1.00 55.95  ? 40  A   B "C4'" 1 
ATOM   775 O "O4'" . A   B 1 17 ? -13.594 -11.930 8.591   1.00 52.51  ? 40  A   B "O4'" 1 
ATOM   776 C "C3'" . A   B 1 17 ? -12.523 -12.456 6.571   1.00 55.84  ? 40  A   B "C3'" 1 
ATOM   777 O "O3'" . A   B 1 17 ? -11.220 -12.678 6.063   1.00 56.08  ? 40  A   B "O3'" 1 
ATOM   778 C "C2'" . A   B 1 17 ? -13.109 -13.747 7.122   1.00 54.52  ? 40  A   B "C2'" 1 
ATOM   779 O "O2'" . A   B 1 17 ? -12.116 -14.591 7.666   1.00 57.89  ? 40  A   B "O2'" 1 
ATOM   780 C "C1'" . A   B 1 17 ? -14.024 -13.226 8.234   1.00 52.98  ? 40  A   B "C1'" 1 
ATOM   781 N N9    . A   B 1 17 ? -15.442 -13.171 7.875   1.00 51.25  ? 40  A   B N9    1 
ATOM   782 C C8    . A   B 1 17 ? -16.309 -12.106 7.926   1.00 48.71  ? 40  A   B C8    1 
ATOM   783 N N7    . A   B 1 17 ? -17.536 -12.412 7.576   1.00 49.70  ? 40  A   B N7    1 
ATOM   784 C C5    . A   B 1 17 ? -17.468 -13.768 7.266   1.00 50.24  ? 40  A   B C5    1 
ATOM   785 C C6    . A   B 1 17 ? -18.435 -14.699 6.833   1.00 51.40  ? 40  A   B C6    1 
ATOM   786 N N6    . A   B 1 17 ? -19.723 -14.393 6.630   1.00 54.97  ? 40  A   B N6    1 
ATOM   787 N N1    . A   B 1 17 ? -18.032 -15.969 6.613   1.00 48.21  ? 40  A   B N1    1 
ATOM   788 C C2    . A   B 1 17 ? -16.759 -16.275 6.814   1.00 46.53  ? 40  A   B C2    1 
ATOM   789 N N3    . A   B 1 17 ? -15.763 -15.501 7.217   1.00 48.46  ? 40  A   B N3    1 
ATOM   790 C C4    . A   B 1 17 ? -16.187 -14.242 7.431   1.00 49.98  ? 40  A   B C4    1 
ATOM   791 P P     . A   B 1 18 ? -11.027 -13.121 4.536   1.00 59.25  ? 41  A   B P     1 
ATOM   792 O OP1   . A   B 1 18 ? -9.659  -13.685 4.412   1.00 60.96  ? 41  A   B OP1   1 
ATOM   793 O OP2   . A   B 1 18 ? -11.424 -11.967 3.689   1.00 57.05  ? 41  A   B OP2   1 
ATOM   794 O "O5'" . A   B 1 18 ? -12.066 -14.316 4.336   1.00 56.14  ? 41  A   B "O5'" 1 
ATOM   795 C "C5'" . A   B 1 18 ? -11.615 -15.651 4.128   1.00 55.52  ? 41  A   B "C5'" 1 
ATOM   796 C "C4'" . A   B 1 18 ? -12.714 -16.484 3.501   1.00 54.30  ? 41  A   B "C4'" 1 
ATOM   797 O "O4'" . A   B 1 18 ? -13.906 -16.317 4.294   1.00 52.37  ? 41  A   B "O4'" 1 
ATOM   798 C "C3'" . A   B 1 18 ? -13.108 -16.117 2.079   1.00 53.71  ? 41  A   B "C3'" 1 
ATOM   799 O "O3'" . A   B 1 18 ? -12.417 -16.982 1.185   1.00 55.81  ? 41  A   B "O3'" 1 
ATOM   800 C "C2'" . A   B 1 18 ? -14.585 -16.485 2.023   1.00 51.67  ? 41  A   B "C2'" 1 
ATOM   801 O "O2'" . A   B 1 18 ? -14.796 -17.850 1.729   1.00 53.43  ? 41  A   B "O2'" 1 
ATOM   802 C "C1'" . A   B 1 18 ? -15.031 -16.225 3.457   1.00 49.84  ? 41  A   B "C1'" 1 
ATOM   803 N N9    . A   B 1 18 ? -15.657 -14.929 3.684   1.00 47.31  ? 41  A   B N9    1 
ATOM   804 C C8    . A   B 1 18 ? -15.063 -13.739 4.019   1.00 45.00  ? 41  A   B C8    1 
ATOM   805 N N7    . A   B 1 18 ? -15.910 -12.753 4.172   1.00 44.04  ? 41  A   B N7    1 
ATOM   806 C C5    . A   B 1 18 ? -17.145 -13.330 3.909   1.00 43.66  ? 41  A   B C5    1 
ATOM   807 C C6    . A   B 1 18 ? -18.450 -12.809 3.889   1.00 42.78  ? 41  A   B C6    1 
ATOM   808 N N6    . A   B 1 18 ? -18.739 -11.522 4.109   1.00 43.08  ? 41  A   B N6    1 
ATOM   809 N N1    . A   B 1 18 ? -19.460 -13.663 3.615   1.00 40.82  ? 41  A   B N1    1 
ATOM   810 C C2    . A   B 1 18 ? -19.167 -14.943 3.360   1.00 39.79  ? 41  A   B C2    1 
ATOM   811 N N3    . A   B 1 18 ? -17.988 -15.545 3.329   1.00 40.05  ? 41  A   B N3    1 
ATOM   812 C C4    . A   B 1 18 ? -17.006 -14.672 3.616   1.00 44.63  ? 41  A   B C4    1 
ATOM   813 P P     . G   B 1 19 ? -11.262 -16.412 0.239   1.00 57.91  ? 42  G   B P     1 
ATOM   814 O OP1   . G   B 1 19 ? -11.672 -15.132 -0.417  1.00 58.02  ? 42  G   B OP1   1 
ATOM   815 O OP2   . G   B 1 19 ? -10.811 -17.565 -0.590  1.00 57.28  ? 42  G   B OP2   1 
ATOM   816 O "O5'" . G   B 1 19 ? -10.105 -16.026 1.250   1.00 58.96  ? 42  G   B "O5'" 1 
ATOM   817 C "C5'" . G   B 1 19 ? -9.169  -16.995 1.679   1.00 61.38  ? 42  G   B "C5'" 1 
ATOM   818 C "C4'" . G   B 1 19 ? -7.977  -17.000 0.762   1.00 62.05  ? 42  G   B "C4'" 1 
ATOM   819 O "O4'" . G   B 1 19 ? -7.483  -15.646 0.586   1.00 62.11  ? 42  G   B "O4'" 1 
ATOM   820 C "C3'" . G   B 1 19 ? -6.807  -17.776 1.320   1.00 64.29  ? 42  G   B "C3'" 1 
ATOM   821 O "O3'" . G   B 1 19 ? -6.954  -19.151 1.000   1.00 68.26  ? 42  G   B "O3'" 1 
ATOM   822 C "C2'" . G   B 1 19 ? -5.617  -17.089 0.661   1.00 62.29  ? 42  G   B "C2'" 1 
ATOM   823 O "O2'" . G   B 1 19 ? -5.443  -17.464 -0.686  1.00 64.52  ? 42  G   B "O2'" 1 
ATOM   824 C "C1'" . G   B 1 19 ? -6.073  -15.633 0.694   1.00 59.39  ? 42  G   B "C1'" 1 
ATOM   825 N N9    . G   B 1 19 ? -5.745  -14.947 1.933   1.00 55.30  ? 42  G   B N9    1 
ATOM   826 C C8    . G   B 1 19 ? -6.631  -14.399 2.824   1.00 54.19  ? 42  G   B C8    1 
ATOM   827 N N7    . G   B 1 19 ? -6.047  -13.800 3.821   1.00 53.19  ? 42  G   B N7    1 
ATOM   828 C C5    . G   B 1 19 ? -4.693  -13.975 3.578   1.00 52.92  ? 42  G   B C5    1 
ATOM   829 C C6    . G   B 1 19 ? -3.574  -13.531 4.309   1.00 54.15  ? 42  G   B C6    1 
ATOM   830 O O6    . G   B 1 19 ? -3.550  -12.868 5.368   1.00 56.29  ? 42  G   B O6    1 
ATOM   831 N N1    . G   B 1 19 ? -2.387  -13.926 3.704   1.00 53.59  ? 42  G   B N1    1 
ATOM   832 C C2    . G   B 1 19 ? -2.295  -14.662 2.555   1.00 54.40  ? 42  G   B C2    1 
ATOM   833 N N2    . G   B 1 19 ? -1.056  -14.957 2.132   1.00 55.85  ? 42  G   B N2    1 
ATOM   834 N N3    . G   B 1 19 ? -3.336  -15.083 1.869   1.00 54.62  ? 42  G   B N3    1 
ATOM   835 C C4    . G   B 1 19 ? -4.495  -14.699 2.429   1.00 53.72  ? 42  G   B C4    1 
ATOM   836 P P     . U   B 1 20 ? -6.589  -20.255 2.108   1.00 72.85  ? 43  U   B P     1 
ATOM   837 O OP1   . U   B 1 20 ? -6.808  -21.584 1.473   1.00 72.07  ? 43  U   B OP1   1 
ATOM   838 O OP2   . U   B 1 20 ? -7.277  -19.927 3.383   1.00 71.75  ? 43  U   B OP2   1 
ATOM   839 O "O5'" . U   B 1 20 ? -5.031  -20.022 2.330   1.00 70.35  ? 43  U   B "O5'" 1 
ATOM   840 C "C5'" . U   B 1 20 ? -4.153  -20.055 1.222   1.00 69.17  ? 43  U   B "C5'" 1 
ATOM   841 C "C4'" . U   B 1 20 ? -2.740  -19.840 1.668   1.00 67.62  ? 43  U   B "C4'" 1 
ATOM   842 O "O4'" . U   B 1 20 ? -2.552  -18.479 2.107   1.00 66.70  ? 43  U   B "O4'" 1 
ATOM   843 C "C3'" . U   B 1 20 ? -2.302  -20.626 2.881   1.00 69.37  ? 43  U   B "C3'" 1 
ATOM   844 O "O3'" . U   B 1 20 ? -2.055  -21.975 2.542   1.00 74.32  ? 43  U   B "O3'" 1 
ATOM   845 C "C2'" . U   B 1 20 ? -1.040  -19.879 3.289   1.00 66.97  ? 43  U   B "C2'" 1 
ATOM   846 O "O2'" . U   B 1 20 ? 0.095   -20.237 2.530   1.00 63.46  ? 43  U   B "O2'" 1 
ATOM   847 C "C1'" . U   B 1 20 ? -1.430  -18.435 2.971   1.00 64.81  ? 43  U   B "C1'" 1 
ATOM   848 N N1    . U   B 1 20 ? -1.769  -17.639 4.157   1.00 61.78  ? 43  U   B N1    1 
ATOM   849 C C2    . U   B 1 20 ? -0.715  -17.106 4.869   1.00 61.60  ? 43  U   B C2    1 
ATOM   850 O O2    . U   B 1 20 ? 0.448   -17.312 4.572   1.00 64.00  ? 43  U   B O2    1 
ATOM   851 N N3    . U   B 1 20 ? -1.067  -16.331 5.941   1.00 60.26  ? 43  U   B N3    1 
ATOM   852 C C4    . U   B 1 20 ? -2.346  -16.051 6.371   1.00 60.96  ? 43  U   B C4    1 
ATOM   853 O O4    . U   B 1 20 ? -2.501  -15.306 7.340   1.00 60.92  ? 43  U   B O4    1 
ATOM   854 C C5    . U   B 1 20 ? -3.392  -16.665 5.593   1.00 59.53  ? 43  U   B C5    1 
ATOM   855 C C6    . U   B 1 20 ? -3.069  -17.421 4.538   1.00 60.04  ? 43  U   B C6    1 
ATOM   856 P P     . C   B 1 21 ? -2.343  -23.126 3.622   1.00 77.97  ? 44  C   B P     1 
ATOM   857 O OP1   . C   B 1 21 ? -2.194  -24.398 2.867   1.00 77.00  ? 44  C   B OP1   1 
ATOM   858 O OP2   . C   B 1 21 ? -3.616  -22.841 4.340   1.00 77.75  ? 44  C   B OP2   1 
ATOM   859 O "O5'" . C   B 1 21 ? -1.142  -22.970 4.661   1.00 77.05  ? 44  C   B "O5'" 1 
ATOM   860 C "C5'" . C   B 1 21 ? 0.191   -23.245 4.263   1.00 78.32  ? 44  C   B "C5'" 1 
ATOM   861 C "C4'" . C   B 1 21 ? 1.165   -22.615 5.224   1.00 79.12  ? 44  C   B "C4'" 1 
ATOM   862 O "O4'" . C   B 1 21 ? 0.981   -21.173 5.224   1.00 78.38  ? 44  C   B "O4'" 1 
ATOM   863 C "C3'" . C   B 1 21 ? 0.976   -22.983 6.682   1.00 81.34  ? 44  C   B "C3'" 1 
ATOM   864 O "O3'" . C   B 1 21 ? 1.517   -24.260 6.989   1.00 85.84  ? 44  C   B "O3'" 1 
ATOM   865 C "C2'" . C   B 1 21 ? 1.686   -21.830 7.383   1.00 79.43  ? 44  C   B "C2'" 1 
ATOM   866 O "O2'" . C   B 1 21 ? 3.096   -21.913 7.369   1.00 80.78  ? 44  C   B "O2'" 1 
ATOM   867 C "C1'" . C   B 1 21 ? 1.240   -20.651 6.520   1.00 75.63  ? 44  C   B "C1'" 1 
ATOM   868 N N1    . C   B 1 21 ? 0.000   -20.060 7.049   1.00 71.30  ? 44  C   B N1    1 
ATOM   869 C C2    . C   B 1 21 ? 0.105   -19.131 8.075   1.00 68.23  ? 44  C   B C2    1 
ATOM   870 O O2    . C   B 1 21 ? 1.230   -18.823 8.475   1.00 67.38  ? 44  C   B O2    1 
ATOM   871 N N3    . C   B 1 21 ? -1.017  -18.598 8.608   1.00 65.63  ? 44  C   B N3    1 
ATOM   872 C C4    . C   B 1 21 ? -2.212  -18.972 8.148   1.00 65.88  ? 44  C   B C4    1 
ATOM   873 N N4    . C   B 1 21 ? -3.294  -18.445 8.723   1.00 64.25  ? 44  C   B N4    1 
ATOM   874 C C5    . C   B 1 21 ? -2.353  -19.910 7.082   1.00 66.96  ? 44  C   B C5    1 
ATOM   875 C C6    . C   B 1 21 ? -1.230  -20.423 6.564   1.00 69.28  ? 44  C   B C6    1 
ATOM   876 P P     . G   B 1 22 ? 0.851   -25.134 8.161   1.00 88.26  ? 45  G   B P     1 
ATOM   877 O OP1   . G   B 1 22 ? 1.521   -26.458 8.143   1.00 89.66  ? 45  G   B OP1   1 
ATOM   878 O OP2   . G   B 1 22 ? -0.626  -25.063 8.038   1.00 89.38  ? 45  G   B OP2   1 
ATOM   879 O "O5'" . G   B 1 22 ? 1.282   -24.351 9.476   1.00 87.05  ? 45  G   B "O5'" 1 
ATOM   880 C "C5'" . G   B 1 22 ? 2.652   -24.153 9.767   1.00 88.49  ? 45  G   B "C5'" 1 
ATOM   881 C "C4'" . G   B 1 22 ? 2.803   -23.300 10.996  1.00 90.57  ? 45  G   B "C4'" 1 
ATOM   882 O "O4'" . G   B 1 22 ? 2.349   -21.950 10.715  1.00 89.93  ? 45  G   B "O4'" 1 
ATOM   883 C "C3'" . G   B 1 22 ? 1.958   -23.697 12.195  1.00 91.71  ? 45  G   B "C3'" 1 
ATOM   884 O "O3'" . G   B 1 22 ? 2.523   -24.784 12.913  1.00 95.69  ? 45  G   B "O3'" 1 
ATOM   885 C "C2'" . G   B 1 22 ? 1.990   -22.418 13.016  1.00 90.31  ? 45  G   B "C2'" 1 
ATOM   886 O "O2'" . G   B 1 22 ? 3.199   -22.266 13.736  1.00 90.43  ? 45  G   B "O2'" 1 
ATOM   887 C "C1'" . G   B 1 22 ? 1.881   -21.357 11.917  1.00 87.46  ? 45  G   B "C1'" 1 
ATOM   888 N N9    . G   B 1 22 ? 0.496   -20.932 11.738  1.00 82.51  ? 45  G   B N9    1 
ATOM   889 C C8    . G   B 1 22 ? -0.436  -21.410 10.849  1.00 80.56  ? 45  G   B C8    1 
ATOM   890 N N7    . G   B 1 22 ? -1.606  -20.847 10.985  1.00 78.63  ? 45  G   B N7    1 
ATOM   891 C C5    . G   B 1 22 ? -1.426  -19.931 12.015  1.00 78.41  ? 45  G   B C5    1 
ATOM   892 C C6    . G   B 1 22 ? -2.337  -19.010 12.614  1.00 77.57  ? 45  G   B C6    1 
ATOM   893 O O6    . G   B 1 22 ? -3.527  -18.803 12.340  1.00 76.16  ? 45  G   B O6    1 
ATOM   894 N N1    . G   B 1 22 ? -1.730  -18.284 13.632  1.00 77.75  ? 45  G   B N1    1 
ATOM   895 C C2    . G   B 1 22 ? -0.423  -18.416 14.026  1.00 78.80  ? 45  G   B C2    1 
ATOM   896 N N2    . G   B 1 22 ? -0.024  -17.647 15.047  1.00 76.77  ? 45  G   B N2    1 
ATOM   897 N N3    . G   B 1 22 ? 0.434   -19.251 13.466  1.00 79.62  ? 45  G   B N3    1 
ATOM   898 C C4    . G   B 1 22 ? -0.131  -19.971 12.480  1.00 79.91  ? 45  G   B C4    1 
ATOM   899 P P     . C   B 1 23 ? 1.568   -25.745 13.778  1.00 97.96  ? 46  C   B P     1 
ATOM   900 O OP1   . C   B 1 23 ? 2.424   -26.873 14.218  1.00 99.67  ? 46  C   B OP1   1 
ATOM   901 O OP2   . C   B 1 23 ? 0.322   -26.022 13.012  1.00 97.76  ? 46  C   B OP2   1 
ATOM   902 O "O5'" . C   B 1 23 ? 1.218   -24.876 15.066  1.00 96.58  ? 46  C   B "O5'" 1 
ATOM   903 C "C5'" . C   B 1 23 ? 2.262   -24.393 15.898  1.00 95.73  ? 46  C   B "C5'" 1 
ATOM   904 C "C4'" . C   B 1 23 ? 1.759   -23.296 16.805  1.00 94.72  ? 46  C   B "C4'" 1 
ATOM   905 O "O4'" . C   B 1 23 ? 1.213   -22.202 16.021  1.00 94.00  ? 46  C   B "O4'" 1 
ATOM   906 C "C3'" . C   B 1 23 ? 0.611   -23.644 17.733  1.00 94.41  ? 46  C   B "C3'" 1 
ATOM   907 O "O3'" . C   B 1 23 ? 0.975   -24.538 18.788  1.00 94.00  ? 46  C   B "O3'" 1 
ATOM   908 C "C2'" . C   B 1 23 ? 0.107   -22.256 18.127  1.00 94.71  ? 46  C   B "C2'" 1 
ATOM   909 O "O2'" . C   B 1 23 ? 0.873   -21.604 19.126  1.00 95.23  ? 46  C   B "O2'" 1 
ATOM   910 C "C1'" . C   B 1 23 ? 0.263   -21.497 16.807  1.00 93.50  ? 46  C   B "C1'" 1 
ATOM   911 N N1    . C   B 1 23 ? -1.011  -21.416 16.078  1.00 92.56  ? 46  C   B N1    1 
ATOM   912 C C2    . C   B 1 23 ? -1.921  -20.439 16.466  1.00 92.24  ? 46  C   B C2    1 
ATOM   913 O O2    . C   B 1 23 ? -1.599  -19.656 17.371  1.00 93.00  ? 46  C   B O2    1 
ATOM   914 N N3    . C   B 1 23 ? -3.120  -20.366 15.849  1.00 91.19  ? 46  C   B N3    1 
ATOM   915 C C4    . C   B 1 23 ? -3.415  -21.221 14.870  1.00 90.40  ? 46  C   B C4    1 
ATOM   916 N N4    . C   B 1 23 ? -4.610  -21.119 14.292  1.00 90.16  ? 46  C   B N4    1 
ATOM   917 C C5    . C   B 1 23 ? -2.495  -22.220 14.439  1.00 90.17  ? 46  C   B C5    1 
ATOM   918 C C6    . C   B 1 23 ? -1.314  -22.280 15.064  1.00 91.38  ? 46  C   B C6    1 
HETATM 919 C C11   . PAR C 2 .  ? 7.164   -5.633  -0.200  1.00 99.68  ? 101 PAR B C11   1 
HETATM 920 O O11   . PAR C 2 .  ? 6.976   -4.599  -1.181  1.00 96.72  ? 101 PAR B O11   1 
HETATM 921 C C21   . PAR C 2 .  ? 7.976   -5.005  0.973   1.00 101.50 ? 101 PAR B C21   1 
HETATM 922 N N21   . PAR C 2 .  ? 7.402   -3.730  1.437   1.00 100.14 ? 101 PAR B N21   1 
HETATM 923 C C31   . PAR C 2 .  ? 9.439   -4.719  0.584   1.00 103.06 ? 101 PAR B C31   1 
HETATM 924 O O31   . PAR C 2 .  ? 10.154  -4.183  1.698   1.00 103.88 ? 101 PAR B O31   1 
HETATM 925 C C41   . PAR C 2 .  ? 10.097  -6.017  0.062   1.00 104.02 ? 101 PAR B C41   1 
HETATM 926 O O41   . PAR C 2 .  ? 11.441  -5.775  -0.283  1.00 104.92 ? 101 PAR B O41   1 
HETATM 927 C C51   . PAR C 2 .  ? 9.292   -6.535  -1.177  1.00 103.79 ? 101 PAR B C51   1 
HETATM 928 O O51   . PAR C 2 .  ? 7.899   -6.769  -0.796  1.00 101.62 ? 101 PAR B O51   1 
HETATM 929 C C61   . PAR C 2 .  ? 9.865   -7.810  -1.750  1.00 104.97 ? 101 PAR B C61   1 
HETATM 930 O O61   . PAR C 2 .  ? 10.592  -7.532  -2.922  1.00 106.93 ? 101 PAR B O61   1 
HETATM 931 C C12   . PAR C 2 .  ? 4.162   -3.560  -4.311  1.00 88.38  ? 101 PAR B C12   1 
HETATM 932 N N12   . PAR C 2 .  ? 3.103   -3.637  -5.361  1.00 87.98  ? 101 PAR B N12   1 
HETATM 933 C C22   . PAR C 2 .  ? 5.436   -4.404  -4.718  1.00 89.36  ? 101 PAR B C22   1 
HETATM 934 C C32   . PAR C 2 .  ? 6.523   -4.265  -3.586  1.00 90.31  ? 101 PAR B C32   1 
HETATM 935 N N32   . PAR C 2 .  ? 7.744   -5.037  -3.944  1.00 89.94  ? 101 PAR B N32   1 
HETATM 936 C C42   . PAR C 2 .  ? 5.956   -4.781  -2.204  1.00 91.80  ? 101 PAR B C42   1 
HETATM 937 C C52   . PAR C 2 .  ? 4.674   -4.038  -1.768  1.00 89.18  ? 101 PAR B C52   1 
HETATM 938 O O52   . PAR C 2 .  ? 4.198   -4.755  -0.596  1.00 87.09  ? 101 PAR B O52   1 
HETATM 939 C C62   . PAR C 2 .  ? 3.594   -4.079  -2.929  1.00 87.70  ? 101 PAR B C62   1 
HETATM 940 O O62   . PAR C 2 .  ? 2.470   -3.265  -2.586  1.00 84.85  ? 101 PAR B O62   1 
HETATM 941 C C13   . PAR C 2 .  ? 3.442   -4.086  0.422   1.00 84.75  ? 101 PAR B C13   1 
HETATM 942 C C23   . PAR C 2 .  ? 2.419   -5.048  1.100   1.00 84.81  ? 101 PAR B C23   1 
HETATM 943 O O23   . PAR C 2 .  ? 1.105   -5.034  0.491   1.00 88.97  ? 101 PAR B O23   1 
HETATM 944 C C33   . PAR C 2 .  ? 2.481   -4.572  2.552   1.00 82.71  ? 101 PAR B C33   1 
HETATM 945 O O33   . PAR C 2 .  ? 1.499   -3.520  2.816   1.00 77.55  ? 101 PAR B O33   1 
HETATM 946 C C43   . PAR C 2 .  ? 3.916   -4.062  2.771   1.00 82.83  ? 101 PAR B C43   1 
HETATM 947 O O43   . PAR C 2 .  ? 4.285   -3.578  1.482   1.00 83.63  ? 101 PAR B O43   1 
HETATM 948 C C53   . PAR C 2 .  ? 4.926   -5.138  3.277   1.00 84.27  ? 101 PAR B C53   1 
HETATM 949 O O53   . PAR C 2 .  ? 5.833   -4.537  4.196   1.00 83.98  ? 101 PAR B O53   1 
HETATM 950 C C14   . PAR C 2 .  ? 0.952   -3.483  4.140   1.00 75.15  ? 101 PAR B C14   1 
HETATM 951 C C24   . PAR C 2 .  ? -0.433  -2.751  4.256   1.00 74.26  ? 101 PAR B C24   1 
HETATM 952 N N24   . PAR C 2 .  ? -0.349  -1.362  3.713   1.00 75.00  ? 101 PAR B N24   1 
HETATM 953 C C34   . PAR C 2 .  ? -0.900  -2.742  5.789   1.00 72.71  ? 101 PAR B C34   1 
HETATM 954 O O34   . PAR C 2 .  ? -1.330  -4.073  6.153   1.00 73.82  ? 101 PAR B O34   1 
HETATM 955 C C44   . PAR C 2 .  ? 0.256   -2.260  6.788   1.00 72.48  ? 101 PAR B C44   1 
HETATM 956 O O44   . PAR C 2 .  ? 0.472   -0.868  6.558   1.00 73.11  ? 101 PAR B O44   1 
HETATM 957 C C54   . PAR C 2 .  ? 1.585   -3.067  6.533   1.00 72.46  ? 101 PAR B C54   1 
HETATM 958 O O54   . PAR C 2 .  ? 1.926   -2.855  5.115   1.00 74.62  ? 101 PAR B O54   1 
HETATM 959 C C64   . PAR C 2 .  ? 2.798   -2.628  7.462   1.00 72.75  ? 101 PAR B C64   1 
HETATM 960 N N64   . PAR C 2 .  ? 3.255   -1.220  7.299   1.00 69.59  ? 101 PAR B N64   1 
HETATM 961 O O     . HOH D 3 .  ? -3.133  8.492   -3.442  1.00 65.79  ? 24  HOH A O     1 
HETATM 962 O O     . HOH D 3 .  ? -10.470 -8.352  -0.460  1.00 85.16  ? 25  HOH A O     1 
HETATM 963 O O     . HOH D 3 .  ? -4.302  -7.534  13.375  1.00 79.22  ? 26  HOH A O     1 
HETATM 964 O O     . HOH D 3 .  ? 4.193   -3.908  13.013  1.00 82.57  ? 27  HOH A O     1 
HETATM 965 O O     . HOH D 3 .  ? 5.734   14.200  -11.252 1.00 92.92  ? 28  HOH A O     1 
HETATM 966 O O     . HOH D 3 .  ? 8.580   15.163  -10.781 1.00 87.04  ? 29  HOH A O     1 
HETATM 967 O O     . HOH D 3 .  ? 2.604   17.802  -2.791  1.00 62.73  ? 30  HOH A O     1 
HETATM 968 O O     . HOH D 3 .  ? -10.622 -12.046 12.451  1.00 51.06  ? 31  HOH A O     1 
HETATM 969 O O     . HOH D 3 .  ? -9.830  -4.043  20.442  1.00 52.72  ? 32  HOH A O     1 
HETATM 970 O O     . HOH D 3 .  ? 2.069   21.301  -0.299  1.00 60.83  ? 33  HOH A O     1 
HETATM 971 O O     . HOH D 3 .  ? -1.551  19.199  2.304   1.00 77.35  ? 34  HOH A O     1 
HETATM 972 O O     . HOH D 3 .  ? 11.019  18.116  -7.170  1.00 54.45  ? 35  HOH A O     1 
HETATM 973 O O     . HOH D 3 .  ? 14.088  15.993  -12.795 1.00 66.57  ? 36  HOH A O     1 
HETATM 974 O O     . HOH D 3 .  ? 11.171  6.821   -6.688  1.00 38.10  ? 37  HOH A O     1 
HETATM 975 O O     . HOH E 3 .  ? -3.607  7.454   -6.563  1.00 100.51 ? 102 HOH B O     1 
HETATM 976 O O     . HOH E 3 .  ? -0.586  3.225   -14.640 1.00 35.57  ? 103 HOH B O     1 
HETATM 977 O O     . HOH E 3 .  ? -2.177  -0.398  -12.803 1.00 65.45  ? 104 HOH B O     1 
HETATM 978 O O     . HOH E 3 .  ? -8.436  -14.817 8.692   1.00 54.70  ? 105 HOH B O     1 
HETATM 979 O O     . HOH E 3 .  ? -5.298  -3.209  17.510  1.00 41.92  ? 106 HOH B O     1 
HETATM 980 O O     . HOH E 3 .  ? 3.492   2.195   14.575  1.00 81.84  ? 107 HOH B O     1 
HETATM 981 O O     . HOH E 3 .  ? -9.404  -25.033 1.974   1.00 61.61  ? 108 HOH B O     1 
HETATM 982 O O     . HOH E 3 .  ? -5.132  -27.397 6.313   1.00 96.20  ? 109 HOH B O     1 
HETATM 983 O O     . HOH E 3 .  ? -3.345  4.165   -6.463  1.00 55.41  ? 110 HOH B O     1 
HETATM 984 O O     . HOH E 3 .  ? -12.501 -6.504  13.752  1.00 67.34  ? 111 HOH B O     1 
HETATM 985 O O     . HOH E 3 .  ? -4.763  -14.514 8.244   1.00 64.54  ? 112 HOH B O     1 
HETATM 986 O O     . HOH E 3 .  ? -6.945  -12.229 8.695   1.00 71.73  ? 113 HOH B O     1 
HETATM 987 O O     . HOH E 3 .  ? -16.670 -3.748  18.578  1.00 43.06  ? 114 HOH B O     1 
HETATM 988 O O     . HOH E 3 .  ? 3.303   17.059  -8.540  1.00 63.30  ? 115 HOH B O     1 
HETATM 989 O O     . HOH E 3 .  ? 1.364   2.364   -2.815  1.00 59.97  ? 116 HOH B O     1 
HETATM 990 O O     . HOH E 3 .  ? 0.182   2.810   -9.311  1.00 71.43  ? 117 HOH B O     1 
HETATM 991 O O     . HOH E 3 .  ? -13.674 -1.416  16.927  1.00 57.39  ? 118 HOH B O     1 
HETATM 992 O O     . HOH E 3 .  ? -11.590 6.083   11.647  1.00 50.41  ? 119 HOH B O     1 
# 
loop_
_pdbx_poly_seq_scheme.asym_id 
_pdbx_poly_seq_scheme.entity_id 
_pdbx_poly_seq_scheme.seq_id 
_pdbx_poly_seq_scheme.mon_id 
_pdbx_poly_seq_scheme.ndb_seq_num 
_pdbx_poly_seq_scheme.pdb_seq_num 
_pdbx_poly_seq_scheme.auth_seq_num 
_pdbx_poly_seq_scheme.pdb_mon_id 
_pdbx_poly_seq_scheme.auth_mon_id 
_pdbx_poly_seq_scheme.pdb_strand_id 
_pdbx_poly_seq_scheme.pdb_ins_code 
_pdbx_poly_seq_scheme.hetero 
A 1 1  U 1  1  ?  ? ? A . n 
A 1 2  U 2  2  2  U U A . n 
A 1 3  G 3  3  3  G G A . n 
A 1 4  C 4  4  4  C C A . n 
A 1 5  G 5  5  5  G G A . n 
A 1 6  U 6  6  6  U U A . n 
A 1 7  C 7  7  7  C C A . n 
A 1 8  G 8  8  8  G G A . n 
A 1 9  C 9  9  9  C C A . n 
A 1 10 U 10 10 10 U U A . n 
A 1 11 C 11 11 11 C C A . n 
A 1 12 C 12 12 12 C C A . n 
A 1 13 G 13 13 13 G G A . n 
A 1 14 G 14 14 14 G G A . n 
A 1 15 A 15 15 15 A A A . n 
A 1 16 A 16 16 16 A A A . n 
A 1 17 A 17 17 17 A A A . n 
A 1 18 A 18 18 18 A A A . n 
A 1 19 G 19 19 19 G G A . n 
A 1 20 U 20 20 20 U U A . n 
A 1 21 C 21 21 21 C C A . n 
A 1 22 G 22 22 22 G G A . n 
A 1 23 C 23 23 23 C C A . n 
B 1 1  U 1  24 ?  ? ? B . n 
B 1 2  U 2  25 ?  ? ? B . n 
B 1 3  G 3  26 26 G G B . n 
B 1 4  C 4  27 27 C C B . n 
B 1 5  G 5  28 28 G G B . n 
B 1 6  U 6  29 29 U U B . n 
B 1 7  C 7  30 30 C C B . n 
B 1 8  G 8  31 31 G G B . n 
B 1 9  C 9  32 32 C C B . n 
B 1 10 U 10 33 33 U U B . n 
B 1 11 C 11 34 34 C C B . n 
B 1 12 C 12 35 35 C C B . n 
B 1 13 G 13 36 36 G G B . n 
B 1 14 G 14 37 37 G G B . n 
B 1 15 A 15 38 38 A A B . n 
B 1 16 A 16 39 39 A A B . n 
B 1 17 A 17 40 40 A A B . n 
B 1 18 A 18 41 41 A A B . n 
B 1 19 G 19 42 42 G G B . n 
B 1 20 U 20 43 43 U U B . n 
B 1 21 C 21 44 44 C C B . n 
B 1 22 G 22 45 45 G G B . n 
B 1 23 C 23 46 46 C C B . n 
# 
loop_
_pdbx_nonpoly_scheme.asym_id 
_pdbx_nonpoly_scheme.entity_id 
_pdbx_nonpoly_scheme.mon_id 
_pdbx_nonpoly_scheme.ndb_seq_num 
_pdbx_nonpoly_scheme.pdb_seq_num 
_pdbx_nonpoly_scheme.auth_seq_num 
_pdbx_nonpoly_scheme.pdb_mon_id 
_pdbx_nonpoly_scheme.auth_mon_id 
_pdbx_nonpoly_scheme.pdb_strand_id 
_pdbx_nonpoly_scheme.pdb_ins_code 
C 2 PAR 1  101 101 PAR PAR B . 
D 3 HOH 1  24  202 HOH HOH A . 
D 3 HOH 2  25  205 HOH HOH A . 
D 3 HOH 3  26  207 HOH HOH A . 
D 3 HOH 4  27  209 HOH HOH A . 
D 3 HOH 5  28  213 HOH HOH A . 
D 3 HOH 6  29  215 HOH HOH A . 
D 3 HOH 7  30  216 HOH HOH A . 
D 3 HOH 8  31  220 HOH HOH A . 
D 3 HOH 9  32  222 HOH HOH A . 
D 3 HOH 10 33  223 HOH HOH A . 
D 3 HOH 11 34  224 HOH HOH A . 
D 3 HOH 12 35  226 HOH HOH A . 
D 3 HOH 13 36  227 HOH HOH A . 
D 3 HOH 14 37  229 HOH HOH A . 
E 3 HOH 1  102 201 HOH HOH B . 
E 3 HOH 2  103 203 HOH HOH B . 
E 3 HOH 3  104 204 HOH HOH B . 
E 3 HOH 4  105 206 HOH HOH B . 
E 3 HOH 5  106 208 HOH HOH B . 
E 3 HOH 6  107 210 HOH HOH B . 
E 3 HOH 7  108 211 HOH HOH B . 
E 3 HOH 8  109 212 HOH HOH B . 
E 3 HOH 9  110 214 HOH HOH B . 
E 3 HOH 10 111 217 HOH HOH B . 
E 3 HOH 11 112 218 HOH HOH B . 
E 3 HOH 12 113 219 HOH HOH B . 
E 3 HOH 13 114 221 HOH HOH B . 
E 3 HOH 14 115 225 HOH HOH B . 
E 3 HOH 15 116 228 HOH HOH B . 
E 3 HOH 16 117 230 HOH HOH B . 
E 3 HOH 17 118 231 HOH HOH B . 
E 3 HOH 18 119 232 HOH HOH B . 
# 
_struct_site_keywords.site_id   1 
_struct_site_keywords.text      'MAJOR GROOVE BINDER' 
# 
_pdbx_struct_assembly.id                   1 
_pdbx_struct_assembly.details              author_defined_assembly 
_pdbx_struct_assembly.method_details       ? 
_pdbx_struct_assembly.oligomeric_details   dimeric 
_pdbx_struct_assembly.oligomeric_count     2 
# 
_pdbx_struct_assembly_gen.assembly_id       1 
_pdbx_struct_assembly_gen.oper_expression   1 
_pdbx_struct_assembly_gen.asym_id_list      A,B,C,D,E 
# 
_pdbx_struct_oper_list.id                   1 
_pdbx_struct_oper_list.type                 'identity operation' 
_pdbx_struct_oper_list.name                 1_555 
_pdbx_struct_oper_list.symmetry_operation   x,y,z 
_pdbx_struct_oper_list.matrix[1][1]         1.0000000000 
_pdbx_struct_oper_list.matrix[1][2]         0.0000000000 
_pdbx_struct_oper_list.matrix[1][3]         0.0000000000 
_pdbx_struct_oper_list.vector[1]            0.0000000000 
_pdbx_struct_oper_list.matrix[2][1]         0.0000000000 
_pdbx_struct_oper_list.matrix[2][2]         1.0000000000 
_pdbx_struct_oper_list.matrix[2][3]         0.0000000000 
_pdbx_struct_oper_list.vector[2]            0.0000000000 
_pdbx_struct_oper_list.matrix[3][1]         0.0000000000 
_pdbx_struct_oper_list.matrix[3][2]         0.0000000000 
_pdbx_struct_oper_list.matrix[3][3]         1.0000000000 
_pdbx_struct_oper_list.vector[3]            0.0000000000 
# 
loop_
_pdbx_audit_revision_history.ordinal 
_pdbx_audit_revision_history.data_content_type 
_pdbx_audit_revision_history.major_revision 
_pdbx_audit_revision_history.minor_revision 
_pdbx_audit_revision_history.revision_date 
1 'Structure model' 1 0 2007-11-06 
2 'Structure model' 1 1 2011-07-13 
3 'Structure model' 1 2 2023-08-30 
# 
_pdbx_audit_revision_details.ordinal             1 
_pdbx_audit_revision_details.revision_ordinal    1 
_pdbx_audit_revision_details.data_content_type   'Structure model' 
_pdbx_audit_revision_details.provider            repository 
_pdbx_audit_revision_details.type                'Initial release' 
_pdbx_audit_revision_details.description         ? 
_pdbx_audit_revision_details.details             ? 
# 
loop_
_pdbx_audit_revision_group.ordinal 
_pdbx_audit_revision_group.revision_ordinal 
_pdbx_audit_revision_group.data_content_type 
_pdbx_audit_revision_group.group 
1 2 'Structure model' 'Version format compliance' 
2 3 'Structure model' 'Data collection'           
3 3 'Structure model' 'Database references'       
4 3 'Structure model' 'Derived calculations'      
5 3 'Structure model' 'Refinement description'    
6 3 'Structure model' 'Structure summary'         
# 
loop_
_pdbx_audit_revision_category.ordinal 
_pdbx_audit_revision_category.revision_ordinal 
_pdbx_audit_revision_category.data_content_type 
_pdbx_audit_revision_category.category 
1 3 'Structure model' chem_comp                     
2 3 'Structure model' chem_comp_atom                
3 3 'Structure model' chem_comp_bond                
4 3 'Structure model' database_2                    
5 3 'Structure model' pdbx_initial_refinement_model 
6 3 'Structure model' struct_ref_seq                
7 3 'Structure model' struct_site                   
# 
loop_
_pdbx_audit_revision_item.ordinal 
_pdbx_audit_revision_item.revision_ordinal 
_pdbx_audit_revision_item.data_content_type 
_pdbx_audit_revision_item.item 
1 3 'Structure model' '_chem_comp.pdbx_synonyms'            
2 3 'Structure model' '_database_2.pdbx_DOI'                
3 3 'Structure model' '_database_2.pdbx_database_accession' 
4 3 'Structure model' '_struct_ref_seq.db_align_beg'        
5 3 'Structure model' '_struct_ref_seq.db_align_end'        
6 3 'Structure model' '_struct_site.pdbx_auth_asym_id'      
7 3 'Structure model' '_struct_site.pdbx_auth_comp_id'      
8 3 'Structure model' '_struct_site.pdbx_auth_seq_id'       
# 
loop_
_software.name 
_software.version 
_software.date 
_software.type 
_software.contact_author 
_software.contact_author_email 
_software.classification 
_software.location 
_software.language 
_software.citation_id 
_software.pdbx_ordinal 
SCALA       .       ?                other   'Phil Evans'      pre@mrc-lmb.cam.ac.uk    'data processing' 
http://www.ccp4.ac.uk/dist/html/INDEX.html Fortran_77 ? 1 
CNS         .       ?                package 'Axel T. Brunger' axel.brunger@yale.edu    refinement        
http://cns.csb.yale.edu/v1.1/              Fortran_77 ? 2 
PDB_EXTRACT 2.000   'April. 3, 2006' package PDB               sw-help@rcsb.rutgers.edu 'data extraction' 
http://pdb.rutgers.edu/software/           C++        ? 3 
ADSC        Quantum ?                ?       ?                 ?                        'data collection' ? ?          ? 4 
MOSFLM      .       ?                ?       ?                 ?                        'data reduction'  ? ?          ? 5 
SCALA       .       ?                ?       ?                 ?                        'data scaling'    ? ?          ? 6 
AMoRE       .       ?                ?       ?                 ?                        phasing           ? ?          ? 7 
# 
loop_
_pdbx_unobs_or_zero_occ_residues.id 
_pdbx_unobs_or_zero_occ_residues.PDB_model_num 
_pdbx_unobs_or_zero_occ_residues.polymer_flag 
_pdbx_unobs_or_zero_occ_residues.occupancy_flag 
_pdbx_unobs_or_zero_occ_residues.auth_asym_id 
_pdbx_unobs_or_zero_occ_residues.auth_comp_id 
_pdbx_unobs_or_zero_occ_residues.auth_seq_id 
_pdbx_unobs_or_zero_occ_residues.PDB_ins_code 
_pdbx_unobs_or_zero_occ_residues.label_asym_id 
_pdbx_unobs_or_zero_occ_residues.label_comp_id 
_pdbx_unobs_or_zero_occ_residues.label_seq_id 
1 1 Y 1 A U 1  ? A U 1 
2 1 Y 1 B U 24 ? B U 1 
3 1 Y 1 B U 25 ? B U 2 
# 
loop_
_chem_comp_atom.comp_id 
_chem_comp_atom.atom_id 
_chem_comp_atom.type_symbol 
_chem_comp_atom.pdbx_aromatic_flag 
_chem_comp_atom.pdbx_stereo_config 
_chem_comp_atom.pdbx_ordinal 
A   OP3    O N N 1   
A   P      P N N 2   
A   OP1    O N N 3   
A   OP2    O N N 4   
A   "O5'"  O N N 5   
A   "C5'"  C N N 6   
A   "C4'"  C N R 7   
A   "O4'"  O N N 8   
A   "C3'"  C N S 9   
A   "O3'"  O N N 10  
A   "C2'"  C N R 11  
A   "O2'"  O N N 12  
A   "C1'"  C N R 13  
A   N9     N Y N 14  
A   C8     C Y N 15  
A   N7     N Y N 16  
A   C5     C Y N 17  
A   C6     C Y N 18  
A   N6     N N N 19  
A   N1     N Y N 20  
A   C2     C Y N 21  
A   N3     N Y N 22  
A   C4     C Y N 23  
A   HOP3   H N N 24  
A   HOP2   H N N 25  
A   "H5'"  H N N 26  
A   "H5''" H N N 27  
A   "H4'"  H N N 28  
A   "H3'"  H N N 29  
A   "HO3'" H N N 30  
A   "H2'"  H N N 31  
A   "HO2'" H N N 32  
A   "H1'"  H N N 33  
A   H8     H N N 34  
A   H61    H N N 35  
A   H62    H N N 36  
A   H2     H N N 37  
C   OP3    O N N 38  
C   P      P N N 39  
C   OP1    O N N 40  
C   OP2    O N N 41  
C   "O5'"  O N N 42  
C   "C5'"  C N N 43  
C   "C4'"  C N R 44  
C   "O4'"  O N N 45  
C   "C3'"  C N S 46  
C   "O3'"  O N N 47  
C   "C2'"  C N R 48  
C   "O2'"  O N N 49  
C   "C1'"  C N R 50  
C   N1     N N N 51  
C   C2     C N N 52  
C   O2     O N N 53  
C   N3     N N N 54  
C   C4     C N N 55  
C   N4     N N N 56  
C   C5     C N N 57  
C   C6     C N N 58  
C   HOP3   H N N 59  
C   HOP2   H N N 60  
C   "H5'"  H N N 61  
C   "H5''" H N N 62  
C   "H4'"  H N N 63  
C   "H3'"  H N N 64  
C   "HO3'" H N N 65  
C   "H2'"  H N N 66  
C   "HO2'" H N N 67  
C   "H1'"  H N N 68  
C   H41    H N N 69  
C   H42    H N N 70  
C   H5     H N N 71  
C   H6     H N N 72  
G   OP3    O N N 73  
G   P      P N N 74  
G   OP1    O N N 75  
G   OP2    O N N 76  
G   "O5'"  O N N 77  
G   "C5'"  C N N 78  
G   "C4'"  C N R 79  
G   "O4'"  O N N 80  
G   "C3'"  C N S 81  
G   "O3'"  O N N 82  
G   "C2'"  C N R 83  
G   "O2'"  O N N 84  
G   "C1'"  C N R 85  
G   N9     N Y N 86  
G   C8     C Y N 87  
G   N7     N Y N 88  
G   C5     C Y N 89  
G   C6     C N N 90  
G   O6     O N N 91  
G   N1     N N N 92  
G   C2     C N N 93  
G   N2     N N N 94  
G   N3     N N N 95  
G   C4     C Y N 96  
G   HOP3   H N N 97  
G   HOP2   H N N 98  
G   "H5'"  H N N 99  
G   "H5''" H N N 100 
G   "H4'"  H N N 101 
G   "H3'"  H N N 102 
G   "HO3'" H N N 103 
G   "H2'"  H N N 104 
G   "HO2'" H N N 105 
G   "H1'"  H N N 106 
G   H8     H N N 107 
G   H1     H N N 108 
G   H21    H N N 109 
G   H22    H N N 110 
HOH O      O N N 111 
HOH H1     H N N 112 
HOH H2     H N N 113 
PAR C11    C N S 114 
PAR O11    O N N 115 
PAR C21    C N R 116 
PAR N21    N N N 117 
PAR C31    C N R 118 
PAR O31    O N N 119 
PAR C41    C N S 120 
PAR O41    O N N 121 
PAR C51    C N R 122 
PAR O51    O N N 123 
PAR C61    C N N 124 
PAR O61    O N N 125 
PAR C12    C N R 126 
PAR N12    N N N 127 
PAR C22    C N N 128 
PAR C32    C N S 129 
PAR N32    N N N 130 
PAR C42    C N R 131 
PAR C52    C N R 132 
PAR O52    O N N 133 
PAR C62    C N S 134 
PAR O62    O N N 135 
PAR C13    C N S 136 
PAR C23    C N R 137 
PAR O23    O N N 138 
PAR C33    C N S 139 
PAR O33    O N N 140 
PAR C43    C N R 141 
PAR O43    O N N 142 
PAR C53    C N N 143 
PAR O53    O N N 144 
PAR C14    C N R 145 
PAR C24    C N R 146 
PAR N24    N N N 147 
PAR C34    C N R 148 
PAR O34    O N N 149 
PAR C44    C N S 150 
PAR O44    O N N 151 
PAR C54    C N S 152 
PAR O54    O N N 153 
PAR C64    C N N 154 
PAR N64    N N N 155 
PAR H11    H N N 156 
PAR H21    H N N 157 
PAR HN21   H N N 158 
PAR HN22   H N N 159 
PAR H31    H N N 160 
PAR HO31   H N N 161 
PAR H41    H N N 162 
PAR HO41   H N N 163 
PAR H51    H N N 164 
PAR H611   H N N 165 
PAR H612   H N N 166 
PAR HO61   H N N 167 
PAR H12    H N N 168 
PAR H121   H N N 169 
PAR H122   H N N 170 
PAR H221   H N N 171 
PAR H222   H N N 172 
PAR H32    H N N 173 
PAR H321   H N N 174 
PAR H322   H N N 175 
PAR H42    H N N 176 
PAR H52    H N N 177 
PAR H62    H N N 178 
PAR HO62   H N N 179 
PAR H13    H N N 180 
PAR H23    H N N 181 
PAR HO23   H N N 182 
PAR H33    H N N 183 
PAR H43    H N N 184 
PAR H531   H N N 185 
PAR H532   H N N 186 
PAR HO53   H N N 187 
PAR H14    H N N 188 
PAR H24    H N N 189 
PAR H241   H N N 190 
PAR H242   H N N 191 
PAR H34    H N N 192 
PAR HO34   H N N 193 
PAR H44    H N N 194 
PAR HO44   H N N 195 
PAR H54    H N N 196 
PAR H641   H N N 197 
PAR H642   H N N 198 
PAR HN61   H N N 199 
PAR HN62   H N N 200 
U   OP3    O N N 201 
U   P      P N N 202 
U   OP1    O N N 203 
U   OP2    O N N 204 
U   "O5'"  O N N 205 
U   "C5'"  C N N 206 
U   "C4'"  C N R 207 
U   "O4'"  O N N 208 
U   "C3'"  C N S 209 
U   "O3'"  O N N 210 
U   "C2'"  C N R 211 
U   "O2'"  O N N 212 
U   "C1'"  C N R 213 
U   N1     N N N 214 
U   C2     C N N 215 
U   O2     O N N 216 
U   N3     N N N 217 
U   C4     C N N 218 
U   O4     O N N 219 
U   C5     C N N 220 
U   C6     C N N 221 
U   HOP3   H N N 222 
U   HOP2   H N N 223 
U   "H5'"  H N N 224 
U   "H5''" H N N 225 
U   "H4'"  H N N 226 
U   "H3'"  H N N 227 
U   "HO3'" H N N 228 
U   "H2'"  H N N 229 
U   "HO2'" H N N 230 
U   "H1'"  H N N 231 
U   H3     H N N 232 
U   H5     H N N 233 
U   H6     H N N 234 
# 
loop_
_chem_comp_bond.comp_id 
_chem_comp_bond.atom_id_1 
_chem_comp_bond.atom_id_2 
_chem_comp_bond.value_order 
_chem_comp_bond.pdbx_aromatic_flag 
_chem_comp_bond.pdbx_stereo_config 
_chem_comp_bond.pdbx_ordinal 
A   OP3   P      sing N N 1   
A   OP3   HOP3   sing N N 2   
A   P     OP1    doub N N 3   
A   P     OP2    sing N N 4   
A   P     "O5'"  sing N N 5   
A   OP2   HOP2   sing N N 6   
A   "O5'" "C5'"  sing N N 7   
A   "C5'" "C4'"  sing N N 8   
A   "C5'" "H5'"  sing N N 9   
A   "C5'" "H5''" sing N N 10  
A   "C4'" "O4'"  sing N N 11  
A   "C4'" "C3'"  sing N N 12  
A   "C4'" "H4'"  sing N N 13  
A   "O4'" "C1'"  sing N N 14  
A   "C3'" "O3'"  sing N N 15  
A   "C3'" "C2'"  sing N N 16  
A   "C3'" "H3'"  sing N N 17  
A   "O3'" "HO3'" sing N N 18  
A   "C2'" "O2'"  sing N N 19  
A   "C2'" "C1'"  sing N N 20  
A   "C2'" "H2'"  sing N N 21  
A   "O2'" "HO2'" sing N N 22  
A   "C1'" N9     sing N N 23  
A   "C1'" "H1'"  sing N N 24  
A   N9    C8     sing Y N 25  
A   N9    C4     sing Y N 26  
A   C8    N7     doub Y N 27  
A   C8    H8     sing N N 28  
A   N7    C5     sing Y N 29  
A   C5    C6     sing Y N 30  
A   C5    C4     doub Y N 31  
A   C6    N6     sing N N 32  
A   C6    N1     doub Y N 33  
A   N6    H61    sing N N 34  
A   N6    H62    sing N N 35  
A   N1    C2     sing Y N 36  
A   C2    N3     doub Y N 37  
A   C2    H2     sing N N 38  
A   N3    C4     sing Y N 39  
C   OP3   P      sing N N 40  
C   OP3   HOP3   sing N N 41  
C   P     OP1    doub N N 42  
C   P     OP2    sing N N 43  
C   P     "O5'"  sing N N 44  
C   OP2   HOP2   sing N N 45  
C   "O5'" "C5'"  sing N N 46  
C   "C5'" "C4'"  sing N N 47  
C   "C5'" "H5'"  sing N N 48  
C   "C5'" "H5''" sing N N 49  
C   "C4'" "O4'"  sing N N 50  
C   "C4'" "C3'"  sing N N 51  
C   "C4'" "H4'"  sing N N 52  
C   "O4'" "C1'"  sing N N 53  
C   "C3'" "O3'"  sing N N 54  
C   "C3'" "C2'"  sing N N 55  
C   "C3'" "H3'"  sing N N 56  
C   "O3'" "HO3'" sing N N 57  
C   "C2'" "O2'"  sing N N 58  
C   "C2'" "C1'"  sing N N 59  
C   "C2'" "H2'"  sing N N 60  
C   "O2'" "HO2'" sing N N 61  
C   "C1'" N1     sing N N 62  
C   "C1'" "H1'"  sing N N 63  
C   N1    C2     sing N N 64  
C   N1    C6     sing N N 65  
C   C2    O2     doub N N 66  
C   C2    N3     sing N N 67  
C   N3    C4     doub N N 68  
C   C4    N4     sing N N 69  
C   C4    C5     sing N N 70  
C   N4    H41    sing N N 71  
C   N4    H42    sing N N 72  
C   C5    C6     doub N N 73  
C   C5    H5     sing N N 74  
C   C6    H6     sing N N 75  
G   OP3   P      sing N N 76  
G   OP3   HOP3   sing N N 77  
G   P     OP1    doub N N 78  
G   P     OP2    sing N N 79  
G   P     "O5'"  sing N N 80  
G   OP2   HOP2   sing N N 81  
G   "O5'" "C5'"  sing N N 82  
G   "C5'" "C4'"  sing N N 83  
G   "C5'" "H5'"  sing N N 84  
G   "C5'" "H5''" sing N N 85  
G   "C4'" "O4'"  sing N N 86  
G   "C4'" "C3'"  sing N N 87  
G   "C4'" "H4'"  sing N N 88  
G   "O4'" "C1'"  sing N N 89  
G   "C3'" "O3'"  sing N N 90  
G   "C3'" "C2'"  sing N N 91  
G   "C3'" "H3'"  sing N N 92  
G   "O3'" "HO3'" sing N N 93  
G   "C2'" "O2'"  sing N N 94  
G   "C2'" "C1'"  sing N N 95  
G   "C2'" "H2'"  sing N N 96  
G   "O2'" "HO2'" sing N N 97  
G   "C1'" N9     sing N N 98  
G   "C1'" "H1'"  sing N N 99  
G   N9    C8     sing Y N 100 
G   N9    C4     sing Y N 101 
G   C8    N7     doub Y N 102 
G   C8    H8     sing N N 103 
G   N7    C5     sing Y N 104 
G   C5    C6     sing N N 105 
G   C5    C4     doub Y N 106 
G   C6    O6     doub N N 107 
G   C6    N1     sing N N 108 
G   N1    C2     sing N N 109 
G   N1    H1     sing N N 110 
G   C2    N2     sing N N 111 
G   C2    N3     doub N N 112 
G   N2    H21    sing N N 113 
G   N2    H22    sing N N 114 
G   N3    C4     sing N N 115 
HOH O     H1     sing N N 116 
HOH O     H2     sing N N 117 
PAR C11   O11    sing N N 118 
PAR C11   C21    sing N N 119 
PAR C11   O51    sing N N 120 
PAR C11   H11    sing N N 121 
PAR O11   C42    sing N N 122 
PAR C21   N21    sing N N 123 
PAR C21   C31    sing N N 124 
PAR C21   H21    sing N N 125 
PAR N21   HN21   sing N N 126 
PAR N21   HN22   sing N N 127 
PAR C31   O31    sing N N 128 
PAR C31   C41    sing N N 129 
PAR C31   H31    sing N N 130 
PAR O31   HO31   sing N N 131 
PAR C41   O41    sing N N 132 
PAR C41   C51    sing N N 133 
PAR C41   H41    sing N N 134 
PAR O41   HO41   sing N N 135 
PAR C51   O51    sing N N 136 
PAR C51   C61    sing N N 137 
PAR C51   H51    sing N N 138 
PAR C61   O61    sing N N 139 
PAR C61   H611   sing N N 140 
PAR C61   H612   sing N N 141 
PAR O61   HO61   sing N N 142 
PAR C12   N12    sing N N 143 
PAR C12   C22    sing N N 144 
PAR C12   C62    sing N N 145 
PAR C12   H12    sing N N 146 
PAR N12   H121   sing N N 147 
PAR N12   H122   sing N N 148 
PAR C22   C32    sing N N 149 
PAR C22   H221   sing N N 150 
PAR C22   H222   sing N N 151 
PAR C32   N32    sing N N 152 
PAR C32   C42    sing N N 153 
PAR C32   H32    sing N N 154 
PAR N32   H321   sing N N 155 
PAR N32   H322   sing N N 156 
PAR C42   C52    sing N N 157 
PAR C42   H42    sing N N 158 
PAR C52   O52    sing N N 159 
PAR C52   C62    sing N N 160 
PAR C52   H52    sing N N 161 
PAR O52   C13    sing N N 162 
PAR C62   O62    sing N N 163 
PAR C62   H62    sing N N 164 
PAR O62   HO62   sing N N 165 
PAR C13   C23    sing N N 166 
PAR C13   O43    sing N N 167 
PAR C13   H13    sing N N 168 
PAR C23   O23    sing N N 169 
PAR C23   C33    sing N N 170 
PAR C23   H23    sing N N 171 
PAR O23   HO23   sing N N 172 
PAR C33   O33    sing N N 173 
PAR C33   C43    sing N N 174 
PAR C33   H33    sing N N 175 
PAR O33   C14    sing N N 176 
PAR C43   O43    sing N N 177 
PAR C43   C53    sing N N 178 
PAR C43   H43    sing N N 179 
PAR C53   O53    sing N N 180 
PAR C53   H531   sing N N 181 
PAR C53   H532   sing N N 182 
PAR O53   HO53   sing N N 183 
PAR C14   C24    sing N N 184 
PAR C14   O54    sing N N 185 
PAR C14   H14    sing N N 186 
PAR C24   N24    sing N N 187 
PAR C24   C34    sing N N 188 
PAR C24   H24    sing N N 189 
PAR N24   H241   sing N N 190 
PAR N24   H242   sing N N 191 
PAR C34   O34    sing N N 192 
PAR C34   C44    sing N N 193 
PAR C34   H34    sing N N 194 
PAR O34   HO34   sing N N 195 
PAR C44   O44    sing N N 196 
PAR C44   C54    sing N N 197 
PAR C44   H44    sing N N 198 
PAR O44   HO44   sing N N 199 
PAR C54   O54    sing N N 200 
PAR C54   C64    sing N N 201 
PAR C54   H54    sing N N 202 
PAR C64   N64    sing N N 203 
PAR C64   H641   sing N N 204 
PAR C64   H642   sing N N 205 
PAR N64   HN61   sing N N 206 
PAR N64   HN62   sing N N 207 
U   OP3   P      sing N N 208 
U   OP3   HOP3   sing N N 209 
U   P     OP1    doub N N 210 
U   P     OP2    sing N N 211 
U   P     "O5'"  sing N N 212 
U   OP2   HOP2   sing N N 213 
U   "O5'" "C5'"  sing N N 214 
U   "C5'" "C4'"  sing N N 215 
U   "C5'" "H5'"  sing N N 216 
U   "C5'" "H5''" sing N N 217 
U   "C4'" "O4'"  sing N N 218 
U   "C4'" "C3'"  sing N N 219 
U   "C4'" "H4'"  sing N N 220 
U   "O4'" "C1'"  sing N N 221 
U   "C3'" "O3'"  sing N N 222 
U   "C3'" "C2'"  sing N N 223 
U   "C3'" "H3'"  sing N N 224 
U   "O3'" "HO3'" sing N N 225 
U   "C2'" "O2'"  sing N N 226 
U   "C2'" "C1'"  sing N N 227 
U   "C2'" "H2'"  sing N N 228 
U   "O2'" "HO2'" sing N N 229 
U   "C1'" N1     sing N N 230 
U   "C1'" "H1'"  sing N N 231 
U   N1    C2     sing N N 232 
U   N1    C6     sing N N 233 
U   C2    O2     doub N N 234 
U   C2    N3     sing N N 235 
U   N3    C4     sing N N 236 
U   N3    H3     sing N N 237 
U   C4    O4     doub N N 238 
U   C4    C5     sing N N 239 
U   C5    C6     doub N N 240 
U   C5    H5     sing N N 241 
U   C6    H6     sing N N 242 
# 
loop_
_ndb_struct_conf_na.entry_id 
_ndb_struct_conf_na.feature 
2O3W 'bulge loop'           
2O3W 'mismatched base pair' 
2O3W 'internal loop'        
# 
loop_
_pdbx_entity_nonpoly.entity_id 
_pdbx_entity_nonpoly.name 
_pdbx_entity_nonpoly.comp_id 
2 PAROMOMYCIN PAR 
3 water       HOH 
# 
_pdbx_initial_refinement_model.id               1 
_pdbx_initial_refinement_model.entity_id_list   ? 
_pdbx_initial_refinement_model.type             'experimental model' 
_pdbx_initial_refinement_model.source_name      PDB 
_pdbx_initial_refinement_model.accession_code   2FQN 
_pdbx_initial_refinement_model.details          ? 
# 
